data_2CUI
#
_entry.id   2CUI
#
_cell.length_a   1.000
_cell.length_b   1.000
_cell.length_c   1.000
_cell.angle_alpha   90.00
_cell.angle_beta   90.00
_cell.angle_gamma   90.00
#
_symmetry.space_group_name_H-M   'P 1'
#
_entity_poly.entity_id   1
_entity_poly.type   'polypeptide(L)'
_entity_poly.pdbx_seq_one_letter_code
;GSSGSSGSRPRLSQLSVTDVTTSSLRLNWEAPPGAFDSFLLRFGVPSPSTLEPHPRPLLQRELMVPGTRHSAVLRDLRSG
TLYSLTLYGLRGPHKADSIQGTARTLSGPSSG
;
_entity_poly.pdbx_strand_id   A
#
# COMPACT_ATOMS: atom_id res chain seq x y z
N GLY A 1 5.57 12.45 36.12
CA GLY A 1 6.47 12.53 34.98
C GLY A 1 5.77 12.29 33.66
N SER A 2 4.89 13.21 33.27
CA SER A 2 4.14 13.10 32.04
C SER A 2 3.54 14.43 31.62
N SER A 3 3.49 14.69 30.32
CA SER A 3 2.93 15.93 29.80
C SER A 3 1.41 15.85 29.71
N GLY A 4 0.91 14.80 29.07
CA GLY A 4 -0.51 14.63 28.92
C GLY A 4 -1.00 14.92 27.52
N SER A 5 -1.61 13.93 26.88
CA SER A 5 -2.11 14.08 25.52
C SER A 5 -3.40 13.27 25.33
N SER A 6 -4.48 13.98 25.02
CA SER A 6 -5.78 13.34 24.80
C SER A 6 -6.51 13.96 23.62
N GLY A 7 -6.63 13.21 22.53
CA GLY A 7 -7.31 13.71 21.36
C GLY A 7 -7.80 12.60 20.46
N SER A 8 -9.12 12.53 20.26
CA SER A 8 -9.72 11.50 19.42
C SER A 8 -9.51 11.81 17.94
N ARG A 9 -8.93 10.87 17.22
CA ARG A 9 -8.66 11.04 15.79
C ARG A 9 -8.73 9.70 15.07
N PRO A 10 -9.28 9.72 13.85
CA PRO A 10 -9.41 8.52 13.02
C PRO A 10 -8.06 8.02 12.51
N ARG A 11 -7.79 6.74 12.74
CA ARG A 11 -6.54 6.13 12.30
C ARG A 11 -6.79 4.86 11.49
N LEU A 12 -5.78 4.41 10.77
CA LEU A 12 -5.90 3.20 9.96
C LEU A 12 -5.65 1.95 10.80
N SER A 13 -6.08 0.81 10.29
CA SER A 13 -5.92 -0.47 10.99
C SER A 13 -4.81 -1.30 10.35
N GLN A 14 -4.59 -2.49 10.90
CA GLN A 14 -3.56 -3.39 10.38
C GLN A 14 -3.82 -3.72 8.92
N LEU A 15 -2.97 -3.21 8.05
CA LEU A 15 -3.09 -3.45 6.61
C LEU A 15 -2.47 -4.78 6.22
N SER A 16 -3.31 -5.78 5.98
CA SER A 16 -2.83 -7.11 5.60
C SER A 16 -3.07 -7.37 4.11
N VAL A 17 -2.40 -8.38 3.59
CA VAL A 17 -2.52 -8.73 2.18
C VAL A 17 -3.08 -10.14 2.02
N THR A 18 -4.22 -10.26 1.35
CA THR A 18 -4.85 -11.55 1.12
C THR A 18 -4.95 -11.87 -0.36
N ASP A 19 -5.13 -13.15 -0.68
CA ASP A 19 -5.24 -13.58 -2.07
C ASP A 19 -3.95 -13.28 -2.84
N VAL A 20 -2.83 -13.27 -2.12
CA VAL A 20 -1.54 -12.99 -2.74
C VAL A 20 -1.36 -13.77 -4.04
N THR A 21 -1.51 -13.08 -5.16
CA THR A 21 -1.36 -13.70 -6.47
C THR A 21 0.09 -13.69 -6.94
N THR A 22 0.41 -14.59 -7.86
CA THR A 22 1.77 -14.69 -8.38
C THR A 22 2.33 -13.31 -8.72
N SER A 23 1.54 -12.50 -9.41
CA SER A 23 1.96 -11.16 -9.79
C SER A 23 0.94 -10.12 -9.34
N SER A 24 0.11 -10.49 -8.37
CA SER A 24 -0.91 -9.59 -7.85
C SER A 24 -1.24 -9.92 -6.40
N LEU A 25 -2.17 -9.18 -5.82
CA LEU A 25 -2.58 -9.39 -4.43
C LEU A 25 -3.75 -8.49 -4.07
N ARG A 26 -4.21 -8.60 -2.82
CA ARG A 26 -5.32 -7.79 -2.34
C ARG A 26 -5.03 -7.23 -0.95
N LEU A 27 -5.52 -6.03 -0.69
CA LEU A 27 -5.31 -5.38 0.61
C LEU A 27 -6.64 -5.20 1.34
N ASN A 28 -6.55 -5.04 2.66
CA ASN A 28 -7.75 -4.85 3.48
C ASN A 28 -7.41 -4.11 4.76
N TRP A 29 -7.96 -2.91 4.92
CA TRP A 29 -7.72 -2.10 6.09
C TRP A 29 -9.03 -1.59 6.69
N GLU A 30 -9.10 -1.53 8.02
CA GLU A 30 -10.30 -1.07 8.70
C GLU A 30 -10.16 0.40 9.10
N ALA A 31 -11.21 1.18 8.85
CA ALA A 31 -11.21 2.59 9.18
C ALA A 31 -12.61 3.07 9.58
N PRO A 32 -12.67 3.98 10.56
CA PRO A 32 -13.94 4.53 11.05
C PRO A 32 -14.61 5.44 10.02
N PRO A 33 -15.89 5.76 10.26
CA PRO A 33 -16.68 6.62 9.37
C PRO A 33 -16.20 8.07 9.40
N GLY A 34 -16.40 8.77 8.29
CA GLY A 34 -15.98 10.16 8.20
C GLY A 34 -14.52 10.35 8.52
N ALA A 35 -13.75 9.26 8.44
CA ALA A 35 -12.32 9.30 8.73
C ALA A 35 -11.58 10.10 7.66
N PHE A 36 -11.59 9.60 6.43
CA PHE A 36 -10.91 10.27 5.32
C PHE A 36 -11.79 10.28 4.08
N ASP A 37 -11.51 11.20 3.17
CA ASP A 37 -12.28 11.32 1.93
C ASP A 37 -11.94 10.18 0.97
N SER A 38 -10.65 9.91 0.81
CA SER A 38 -10.19 8.86 -0.08
C SER A 38 -8.93 8.19 0.46
N PHE A 39 -8.42 7.20 -0.27
CA PHE A 39 -7.23 6.49 0.14
C PHE A 39 -6.25 6.34 -1.03
N LEU A 40 -5.05 6.90 -0.86
CA LEU A 40 -4.03 6.83 -1.90
C LEU A 40 -2.97 5.79 -1.55
N LEU A 41 -3.00 4.67 -2.27
CA LEU A 41 -2.05 3.59 -2.05
C LEU A 41 -0.87 3.69 -3.01
N ARG A 42 0.34 3.73 -2.46
CA ARG A 42 1.54 3.84 -3.28
C ARG A 42 2.40 2.58 -3.14
N PHE A 43 2.56 1.86 -4.24
CA PHE A 43 3.36 0.64 -4.25
C PHE A 43 4.62 0.81 -5.08
N GLY A 44 5.77 0.74 -4.42
CA GLY A 44 7.04 0.88 -5.11
C GLY A 44 7.99 -0.26 -4.85
N VAL A 45 8.92 -0.48 -5.76
CA VAL A 45 9.89 -1.56 -5.62
C VAL A 45 10.99 -1.19 -4.62
N PRO A 46 11.00 -1.89 -3.49
CA PRO A 46 11.98 -1.66 -2.42
C PRO A 46 13.38 -2.11 -2.82
N SER A 47 14.25 -1.14 -3.08
CA SER A 47 15.63 -1.42 -3.47
C SER A 47 16.60 -1.14 -2.33
N PRO A 48 17.60 -2.02 -2.18
CA PRO A 48 18.62 -1.88 -1.13
C PRO A 48 19.55 -0.70 -1.37
N SER A 49 19.85 0.04 -0.31
CA SER A 49 20.74 1.20 -0.42
C SER A 49 22.19 0.76 -0.50
N THR A 50 22.46 -0.48 -0.10
CA THR A 50 23.81 -1.02 -0.13
C THR A 50 24.26 -1.31 -1.55
N LEU A 51 23.31 -1.65 -2.42
CA LEU A 51 23.61 -1.94 -3.81
C LEU A 51 23.30 -0.75 -4.70
N GLU A 52 23.85 -0.75 -5.91
CA GLU A 52 23.62 0.34 -6.86
C GLU A 52 22.28 0.16 -7.58
N PRO A 53 21.61 1.29 -7.87
CA PRO A 53 20.32 1.30 -8.55
C PRO A 53 20.43 0.87 -10.01
N HIS A 54 19.39 0.22 -10.51
CA HIS A 54 19.37 -0.24 -11.89
C HIS A 54 19.11 0.92 -12.85
N PRO A 55 19.79 0.88 -14.02
CA PRO A 55 19.67 1.93 -15.03
C PRO A 55 18.30 1.91 -15.71
N ARG A 56 17.46 0.97 -15.31
CA ARG A 56 16.12 0.84 -15.88
C ARG A 56 15.11 1.67 -15.09
N PRO A 57 14.43 2.60 -15.78
CA PRO A 57 13.43 3.47 -15.16
C PRO A 57 12.17 2.71 -14.77
N LEU A 58 11.81 2.81 -13.49
CA LEU A 58 10.63 2.12 -12.98
C LEU A 58 9.52 3.13 -12.67
N LEU A 59 8.48 3.13 -13.50
CA LEU A 59 7.35 4.05 -13.31
C LEU A 59 6.57 3.68 -12.05
N GLN A 60 6.12 4.71 -11.33
CA GLN A 60 5.35 4.50 -10.12
C GLN A 60 3.87 4.77 -10.34
N ARG A 61 3.02 4.11 -9.56
CA ARG A 61 1.58 4.28 -9.68
C ARG A 61 0.90 4.20 -8.32
N GLU A 62 -0.40 4.45 -8.28
CA GLU A 62 -1.16 4.39 -7.04
C GLU A 62 -2.64 4.12 -7.32
N LEU A 63 -3.36 3.70 -6.29
CA LEU A 63 -4.79 3.41 -6.42
C LEU A 63 -5.62 4.47 -5.73
N MET A 64 -6.84 4.67 -6.23
CA MET A 64 -7.75 5.66 -5.66
C MET A 64 -9.03 5.00 -5.15
N VAL A 65 -9.19 4.96 -3.84
CA VAL A 65 -10.37 4.35 -3.22
C VAL A 65 -10.93 5.24 -2.12
N PRO A 66 -12.26 5.40 -2.13
CA PRO A 66 -12.96 6.23 -1.15
C PRO A 66 -12.93 5.62 0.25
N GLY A 67 -13.02 6.47 1.27
CA GLY A 67 -13.01 5.99 2.64
C GLY A 67 -13.95 4.82 2.86
N THR A 68 -15.18 4.96 2.36
CA THR A 68 -16.18 3.90 2.50
C THR A 68 -15.65 2.57 2.01
N ARG A 69 -14.66 2.61 1.12
CA ARG A 69 -14.07 1.40 0.57
C ARG A 69 -12.62 1.26 1.02
N HIS A 70 -12.30 0.12 1.62
CA HIS A 70 -10.95 -0.15 2.10
C HIS A 70 -10.36 -1.37 1.41
N SER A 71 -10.10 -1.24 0.11
CA SER A 71 -9.54 -2.34 -0.68
C SER A 71 -8.54 -1.82 -1.70
N ALA A 72 -7.60 -2.68 -2.09
CA ALA A 72 -6.59 -2.31 -3.07
C ALA A 72 -5.99 -3.54 -3.74
N VAL A 73 -6.09 -3.60 -5.06
CA VAL A 73 -5.57 -4.72 -5.82
C VAL A 73 -4.50 -4.26 -6.82
N LEU A 74 -3.27 -4.71 -6.62
CA LEU A 74 -2.17 -4.36 -7.49
C LEU A 74 -1.89 -5.46 -8.51
N ARG A 75 -1.72 -5.06 -9.77
CA ARG A 75 -1.43 -6.02 -10.83
C ARG A 75 -0.13 -5.71 -11.53
N ASP A 76 0.30 -6.59 -12.43
CA ASP A 76 1.54 -6.40 -13.16
C ASP A 76 2.73 -6.32 -12.21
N LEU A 77 2.73 -7.19 -11.21
CA LEU A 77 3.81 -7.22 -10.23
C LEU A 77 4.81 -8.33 -10.55
N ARG A 78 5.98 -8.26 -9.94
CA ARG A 78 7.02 -9.26 -10.15
C ARG A 78 6.65 -10.58 -9.48
N SER A 79 7.39 -11.64 -9.81
CA SER A 79 7.13 -12.96 -9.24
C SER A 79 7.99 -13.18 -8.00
N GLY A 80 7.39 -13.78 -6.97
CA GLY A 80 8.11 -14.05 -5.74
C GLY A 80 8.96 -12.88 -5.31
N THR A 81 8.37 -11.68 -5.30
CA THR A 81 9.09 -10.48 -4.90
C THR A 81 8.32 -9.71 -3.82
N LEU A 82 9.06 -9.09 -2.91
CA LEU A 82 8.45 -8.32 -1.83
C LEU A 82 8.25 -6.87 -2.25
N TYR A 83 7.00 -6.41 -2.20
CA TYR A 83 6.67 -5.04 -2.55
C TYR A 83 6.34 -4.21 -1.32
N SER A 84 6.75 -2.95 -1.34
CA SER A 84 6.51 -2.05 -0.21
C SER A 84 5.29 -1.17 -0.48
N LEU A 85 4.18 -1.47 0.19
CA LEU A 85 2.96 -0.72 0.03
C LEU A 85 2.80 0.32 1.15
N THR A 86 2.09 1.41 0.83
CA THR A 86 1.87 2.47 1.81
C THR A 86 0.59 3.23 1.50
N LEU A 87 -0.43 3.01 2.31
CA LEU A 87 -1.72 3.67 2.12
C LEU A 87 -1.74 5.03 2.83
N TYR A 88 -2.50 5.97 2.29
CA TYR A 88 -2.60 7.31 2.86
C TYR A 88 -4.06 7.71 3.04
N GLY A 89 -4.42 8.09 4.27
CA GLY A 89 -5.78 8.50 4.55
C GLY A 89 -6.02 9.96 4.23
N LEU A 90 -6.28 10.26 2.96
CA LEU A 90 -6.53 11.63 2.53
C LEU A 90 -7.73 12.22 3.26
N ARG A 91 -7.46 13.14 4.18
CA ARG A 91 -8.51 13.78 4.95
C ARG A 91 -9.07 14.99 4.20
N GLY A 92 -8.68 15.13 2.93
CA GLY A 92 -9.16 16.24 2.13
C GLY A 92 -8.08 16.81 1.23
N PRO A 93 -7.50 17.95 1.64
CA PRO A 93 -6.45 18.62 0.88
C PRO A 93 -5.14 17.85 0.91
N HIS A 94 -4.70 17.49 2.11
CA HIS A 94 -3.45 16.74 2.27
C HIS A 94 -3.69 15.45 3.07
N LYS A 95 -2.79 14.49 2.91
CA LYS A 95 -2.89 13.22 3.62
C LYS A 95 -2.85 13.43 5.13
N ALA A 96 -3.63 12.65 5.85
CA ALA A 96 -3.67 12.74 7.31
C ALA A 96 -2.86 11.63 7.96
N ASP A 97 -3.17 10.39 7.58
CA ASP A 97 -2.46 9.24 8.13
C ASP A 97 -1.77 8.45 7.03
N SER A 98 -0.91 7.51 7.42
CA SER A 98 -0.18 6.69 6.46
C SER A 98 0.29 5.39 7.11
N ILE A 99 -0.17 4.26 6.56
CA ILE A 99 0.20 2.95 7.08
C ILE A 99 1.13 2.22 6.11
N GLN A 100 1.86 1.24 6.63
CA GLN A 100 2.78 0.46 5.81
C GLN A 100 2.37 -1.01 5.79
N GLY A 101 2.18 -1.56 4.59
CA GLY A 101 1.80 -2.95 4.46
C GLY A 101 2.69 -3.70 3.49
N THR A 102 3.45 -4.67 4.02
CA THR A 102 4.34 -5.47 3.19
C THR A 102 3.70 -6.79 2.79
N ALA A 103 4.07 -7.29 1.62
CA ALA A 103 3.52 -8.54 1.12
C ALA A 103 4.43 -9.14 0.04
N ARG A 104 4.57 -10.46 0.06
CA ARG A 104 5.41 -11.16 -0.92
C ARG A 104 4.54 -11.94 -1.91
N THR A 105 4.60 -11.54 -3.17
CA THR A 105 3.83 -12.19 -4.22
C THR A 105 4.21 -13.66 -4.34
N LEU A 106 3.37 -14.44 -5.01
CA LEU A 106 3.62 -15.86 -5.20
C LEU A 106 4.47 -16.11 -6.45
N SER A 107 5.09 -17.28 -6.51
CA SER A 107 5.94 -17.64 -7.64
C SER A 107 5.27 -18.71 -8.50
N GLY A 108 4.71 -18.29 -9.64
CA GLY A 108 4.05 -19.22 -10.52
C GLY A 108 4.66 -19.22 -11.91
N PRO A 109 3.87 -19.70 -12.90
CA PRO A 109 4.32 -19.77 -14.30
C PRO A 109 4.43 -18.38 -14.93
N SER A 110 5.66 -17.87 -15.01
CA SER A 110 5.90 -16.56 -15.59
C SER A 110 7.15 -16.58 -16.48
N SER A 111 7.42 -15.45 -17.14
CA SER A 111 8.58 -15.34 -18.01
C SER A 111 9.36 -14.07 -17.72
N GLY A 112 10.55 -13.96 -18.33
CA GLY A 112 11.37 -12.79 -18.12
C GLY A 112 11.02 -11.64 -19.05
N GLY A 1 2.68 26.88 19.96
CA GLY A 1 1.98 27.97 19.30
C GLY A 1 0.79 27.50 18.49
N SER A 2 0.94 27.44 17.18
CA SER A 2 -0.13 27.01 16.29
C SER A 2 -0.51 25.57 16.57
N SER A 3 -1.81 25.32 16.73
CA SER A 3 -2.31 23.97 17.00
C SER A 3 -3.58 23.70 16.21
N GLY A 4 -3.90 22.42 16.05
CA GLY A 4 -5.10 22.04 15.32
C GLY A 4 -5.21 20.54 15.14
N SER A 5 -5.81 20.12 14.03
CA SER A 5 -5.99 18.70 13.75
C SER A 5 -6.90 18.05 14.79
N SER A 6 -7.97 18.74 15.14
CA SER A 6 -8.92 18.24 16.11
C SER A 6 -10.15 17.64 15.43
N GLY A 7 -10.21 16.32 15.39
CA GLY A 7 -11.33 15.64 14.77
C GLY A 7 -11.82 14.45 15.57
N SER A 8 -11.64 13.25 15.03
CA SER A 8 -12.07 12.04 15.70
C SER A 8 -10.95 11.00 15.71
N ARG A 9 -9.73 11.47 15.91
CA ARG A 9 -8.56 10.59 15.95
C ARG A 9 -8.67 9.50 14.89
N PRO A 10 -8.89 9.91 13.64
CA PRO A 10 -9.03 8.99 12.50
C PRO A 10 -7.70 8.32 12.15
N ARG A 11 -7.61 7.01 12.42
CA ARG A 11 -6.40 6.25 12.14
C ARG A 11 -6.74 4.99 11.33
N LEU A 12 -5.71 4.40 10.73
CA LEU A 12 -5.89 3.20 9.93
C LEU A 12 -5.61 1.94 10.75
N SER A 13 -6.13 0.81 10.30
CA SER A 13 -5.95 -0.45 11.00
C SER A 13 -4.84 -1.27 10.35
N GLN A 14 -4.61 -2.47 10.88
CA GLN A 14 -3.58 -3.36 10.34
C GLN A 14 -3.85 -3.69 8.88
N LEU A 15 -3.01 -3.16 8.00
CA LEU A 15 -3.16 -3.39 6.56
C LEU A 15 -2.47 -4.70 6.15
N SER A 16 -3.27 -5.74 5.93
CA SER A 16 -2.73 -7.03 5.54
C SER A 16 -3.01 -7.31 4.06
N VAL A 17 -2.31 -8.29 3.51
CA VAL A 17 -2.48 -8.66 2.10
C VAL A 17 -3.09 -10.05 1.97
N THR A 18 -4.20 -10.13 1.25
CA THR A 18 -4.88 -11.41 1.05
C THR A 18 -4.99 -11.74 -0.44
N ASP A 19 -5.19 -13.01 -0.74
CA ASP A 19 -5.32 -13.47 -2.12
C ASP A 19 -4.02 -13.22 -2.89
N VAL A 20 -2.90 -13.26 -2.18
CA VAL A 20 -1.60 -13.04 -2.80
C VAL A 20 -1.47 -13.82 -4.10
N THR A 21 -1.59 -13.13 -5.23
CA THR A 21 -1.49 -13.76 -6.53
C THR A 21 -0.05 -13.78 -7.02
N THR A 22 0.23 -14.63 -8.01
CA THR A 22 1.58 -14.75 -8.55
C THR A 22 2.18 -13.38 -8.81
N SER A 23 1.45 -12.54 -9.54
CA SER A 23 1.94 -11.19 -9.86
C SER A 23 0.93 -10.15 -9.40
N SER A 24 0.12 -10.50 -8.41
CA SER A 24 -0.88 -9.60 -7.88
C SER A 24 -1.24 -9.96 -6.44
N LEU A 25 -2.17 -9.21 -5.85
CA LEU A 25 -2.59 -9.45 -4.48
C LEU A 25 -3.75 -8.53 -4.10
N ARG A 26 -4.23 -8.67 -2.87
CA ARG A 26 -5.34 -7.85 -2.38
C ARG A 26 -5.03 -7.28 -1.01
N LEU A 27 -5.56 -6.09 -0.73
CA LEU A 27 -5.34 -5.43 0.55
C LEU A 27 -6.64 -5.28 1.32
N ASN A 28 -6.53 -5.10 2.63
CA ASN A 28 -7.71 -4.93 3.48
C ASN A 28 -7.36 -4.16 4.75
N TRP A 29 -8.02 -3.02 4.95
CA TRP A 29 -7.78 -2.20 6.13
C TRP A 29 -9.09 -1.70 6.71
N GLU A 30 -9.12 -1.51 8.03
CA GLU A 30 -10.31 -1.02 8.71
C GLU A 30 -10.15 0.44 9.11
N ALA A 31 -11.20 1.22 8.85
CA ALA A 31 -11.17 2.65 9.18
C ALA A 31 -12.54 3.11 9.69
N PRO A 32 -12.53 4.12 10.57
CA PRO A 32 -13.76 4.67 11.14
C PRO A 32 -14.58 5.46 10.13
N PRO A 33 -15.83 5.80 10.49
CA PRO A 33 -16.72 6.55 9.63
C PRO A 33 -16.29 7.99 9.42
N GLY A 34 -16.46 8.50 8.21
CA GLY A 34 -16.08 9.86 7.91
C GLY A 34 -14.67 10.18 8.37
N ALA A 35 -13.77 9.21 8.25
CA ALA A 35 -12.38 9.39 8.66
C ALA A 35 -11.59 10.11 7.58
N PHE A 36 -11.45 9.47 6.42
CA PHE A 36 -10.70 10.04 5.31
C PHE A 36 -11.56 10.08 4.05
N ASP A 37 -11.45 11.18 3.30
CA ASP A 37 -12.21 11.35 2.07
C ASP A 37 -11.91 10.21 1.09
N SER A 38 -10.63 9.94 0.89
CA SER A 38 -10.21 8.87 -0.02
C SER A 38 -8.94 8.20 0.48
N PHE A 39 -8.48 7.20 -0.27
CA PHE A 39 -7.27 6.47 0.11
C PHE A 39 -6.34 6.32 -1.10
N LEU A 40 -5.16 6.90 -1.00
CA LEU A 40 -4.18 6.83 -2.09
C LEU A 40 -3.04 5.88 -1.73
N LEU A 41 -3.08 4.69 -2.30
CA LEU A 41 -2.05 3.68 -2.04
C LEU A 41 -0.86 3.86 -2.97
N ARG A 42 0.34 3.65 -2.45
CA ARG A 42 1.55 3.79 -3.24
C ARG A 42 2.47 2.59 -3.05
N PHE A 43 2.66 1.81 -4.11
CA PHE A 43 3.50 0.63 -4.06
C PHE A 43 4.74 0.80 -4.96
N GLY A 44 5.91 0.71 -4.35
CA GLY A 44 7.14 0.86 -5.11
C GLY A 44 8.11 -0.28 -4.86
N VAL A 45 9.09 -0.42 -5.76
CA VAL A 45 10.10 -1.47 -5.63
C VAL A 45 11.25 -1.04 -4.75
N PRO A 46 11.34 -1.63 -3.55
CA PRO A 46 12.39 -1.33 -2.58
C PRO A 46 13.76 -1.83 -3.03
N SER A 47 14.65 -0.89 -3.35
CA SER A 47 16.00 -1.24 -3.80
C SER A 47 16.93 -1.44 -2.62
N PRO A 48 17.75 -2.51 -2.68
CA PRO A 48 18.70 -2.83 -1.61
C PRO A 48 19.86 -1.84 -1.55
N SER A 49 20.60 -1.87 -0.45
CA SER A 49 21.73 -0.97 -0.26
C SER A 49 23.05 -1.67 -0.57
N THR A 50 23.05 -3.00 -0.43
CA THR A 50 24.25 -3.79 -0.69
C THR A 50 24.37 -4.12 -2.18
N LEU A 51 23.23 -4.24 -2.85
CA LEU A 51 23.21 -4.55 -4.27
C LEU A 51 22.95 -3.30 -5.11
N GLU A 52 23.49 -3.28 -6.33
CA GLU A 52 23.31 -2.14 -7.22
C GLU A 52 21.98 -2.22 -7.95
N PRO A 53 21.34 -1.06 -8.16
CA PRO A 53 20.05 -0.97 -8.85
C PRO A 53 20.16 -1.28 -10.34
N HIS A 54 19.08 -1.76 -10.92
CA HIS A 54 19.06 -2.10 -12.34
C HIS A 54 18.90 -0.84 -13.20
N PRO A 55 19.56 -0.82 -14.36
CA PRO A 55 19.52 0.31 -15.29
C PRO A 55 18.16 0.45 -15.96
N ARG A 56 17.24 -0.47 -15.63
CA ARG A 56 15.90 -0.44 -16.21
C ARG A 56 14.94 0.32 -15.31
N PRO A 57 14.01 1.07 -15.93
CA PRO A 57 13.02 1.87 -15.20
C PRO A 57 11.99 1.00 -14.50
N LEU A 58 11.29 1.58 -13.53
CA LEU A 58 10.27 0.86 -12.78
C LEU A 58 8.90 1.51 -12.97
N LEU A 59 7.93 0.70 -13.42
CA LEU A 59 6.59 1.20 -13.65
C LEU A 59 5.79 1.23 -12.35
N GLN A 60 5.54 2.44 -11.85
CA GLN A 60 4.79 2.60 -10.61
C GLN A 60 3.39 3.14 -10.88
N ARG A 61 2.46 2.86 -9.97
CA ARG A 61 1.09 3.32 -10.11
C ARG A 61 0.43 3.53 -8.75
N GLU A 62 -0.63 4.33 -8.72
CA GLU A 62 -1.34 4.60 -7.48
C GLU A 62 -2.83 4.29 -7.62
N LEU A 63 -3.44 3.82 -6.54
CA LEU A 63 -4.85 3.47 -6.53
C LEU A 63 -5.67 4.51 -5.79
N MET A 64 -6.93 4.68 -6.19
CA MET A 64 -7.81 5.64 -5.56
C MET A 64 -9.09 4.97 -5.07
N VAL A 65 -9.28 4.96 -3.76
CA VAL A 65 -10.46 4.35 -3.15
C VAL A 65 -11.05 5.24 -2.06
N PRO A 66 -12.38 5.37 -2.07
CA PRO A 66 -13.10 6.19 -1.08
C PRO A 66 -13.06 5.59 0.31
N GLY A 67 -13.07 6.44 1.33
CA GLY A 67 -13.04 5.96 2.70
C GLY A 67 -13.97 4.78 2.92
N THR A 68 -15.19 4.90 2.46
CA THR A 68 -16.18 3.83 2.61
C THR A 68 -15.61 2.49 2.14
N ARG A 69 -14.75 2.54 1.13
CA ARG A 69 -14.14 1.33 0.59
C ARG A 69 -12.69 1.20 1.06
N HIS A 70 -12.37 0.06 1.67
CA HIS A 70 -11.02 -0.18 2.15
C HIS A 70 -10.40 -1.40 1.46
N SER A 71 -10.14 -1.26 0.16
CA SER A 71 -9.56 -2.34 -0.62
C SER A 71 -8.55 -1.80 -1.63
N ALA A 72 -7.63 -2.66 -2.06
CA ALA A 72 -6.62 -2.27 -3.03
C ALA A 72 -6.00 -3.49 -3.69
N VAL A 73 -5.99 -3.50 -5.02
CA VAL A 73 -5.42 -4.61 -5.77
C VAL A 73 -4.37 -4.12 -6.76
N LEU A 74 -3.16 -4.66 -6.66
CA LEU A 74 -2.07 -4.29 -7.55
C LEU A 74 -1.78 -5.39 -8.56
N ARG A 75 -1.75 -5.02 -9.83
CA ARG A 75 -1.48 -5.98 -10.90
C ARG A 75 -0.16 -5.68 -11.59
N ASP A 76 0.33 -6.63 -12.39
CA ASP A 76 1.58 -6.45 -13.10
C ASP A 76 2.75 -6.41 -12.13
N LEU A 77 2.71 -7.27 -11.12
CA LEU A 77 3.77 -7.34 -10.12
C LEU A 77 4.82 -8.37 -10.49
N ARG A 78 5.95 -8.36 -9.79
CA ARG A 78 7.03 -9.30 -10.06
C ARG A 78 6.75 -10.64 -9.40
N SER A 79 7.44 -11.68 -9.85
CA SER A 79 7.27 -13.02 -9.31
C SER A 79 8.04 -13.18 -8.00
N GLY A 80 7.42 -13.82 -7.02
CA GLY A 80 8.06 -14.03 -5.73
C GLY A 80 8.96 -12.88 -5.35
N THR A 81 8.39 -11.68 -5.25
CA THR A 81 9.16 -10.50 -4.88
C THR A 81 8.45 -9.69 -3.80
N LEU A 82 9.22 -9.13 -2.88
CA LEU A 82 8.66 -8.33 -1.80
C LEU A 82 8.37 -6.91 -2.26
N TYR A 83 7.14 -6.46 -2.02
CA TYR A 83 6.73 -5.11 -2.40
C TYR A 83 6.38 -4.28 -1.19
N SER A 84 6.68 -2.98 -1.26
CA SER A 84 6.40 -2.06 -0.16
C SER A 84 5.14 -1.25 -0.43
N LEU A 85 4.09 -1.53 0.34
CA LEU A 85 2.83 -0.83 0.18
C LEU A 85 2.65 0.24 1.26
N THR A 86 2.19 1.42 0.84
CA THR A 86 1.98 2.52 1.78
C THR A 86 0.68 3.26 1.48
N LEU A 87 -0.32 3.06 2.33
CA LEU A 87 -1.62 3.69 2.15
C LEU A 87 -1.63 5.08 2.79
N TYR A 88 -2.45 5.97 2.24
CA TYR A 88 -2.55 7.34 2.76
C TYR A 88 -4.01 7.73 2.95
N GLY A 89 -4.34 8.19 4.16
CA GLY A 89 -5.70 8.60 4.45
C GLY A 89 -5.94 10.05 4.14
N LEU A 90 -6.44 10.33 2.93
CA LEU A 90 -6.72 11.69 2.51
C LEU A 90 -7.95 12.25 3.23
N ARG A 91 -7.70 13.19 4.13
CA ARG A 91 -8.79 13.80 4.89
C ARG A 91 -9.20 15.14 4.29
N GLY A 92 -8.81 15.35 3.03
CA GLY A 92 -9.14 16.59 2.35
C GLY A 92 -8.03 17.06 1.42
N PRO A 93 -7.37 18.16 1.79
CA PRO A 93 -6.28 18.73 1.00
C PRO A 93 -5.03 17.86 1.01
N HIS A 94 -4.59 17.49 2.21
CA HIS A 94 -3.41 16.64 2.36
C HIS A 94 -3.73 15.40 3.19
N LYS A 95 -2.90 14.36 3.02
CA LYS A 95 -3.09 13.11 3.75
C LYS A 95 -2.96 13.33 5.25
N ALA A 96 -3.74 12.57 6.03
CA ALA A 96 -3.71 12.67 7.48
C ALA A 96 -2.85 11.58 8.09
N ASP A 97 -3.15 10.34 7.74
CA ASP A 97 -2.40 9.19 8.25
C ASP A 97 -1.84 8.34 7.11
N SER A 98 -0.96 7.42 7.45
CA SER A 98 -0.35 6.55 6.46
C SER A 98 0.20 5.28 7.10
N ILE A 99 -0.22 4.13 6.59
CA ILE A 99 0.23 2.85 7.12
C ILE A 99 1.18 2.16 6.15
N GLN A 100 1.94 1.18 6.66
CA GLN A 100 2.89 0.45 5.84
C GLN A 100 2.58 -1.04 5.85
N GLY A 101 2.21 -1.58 4.69
CA GLY A 101 1.89 -3.00 4.59
C GLY A 101 2.80 -3.72 3.64
N THR A 102 3.54 -4.71 4.15
CA THR A 102 4.45 -5.49 3.33
C THR A 102 3.83 -6.81 2.91
N ALA A 103 4.17 -7.28 1.71
CA ALA A 103 3.64 -8.54 1.20
C ALA A 103 4.54 -9.11 0.10
N ARG A 104 4.65 -10.43 0.06
CA ARG A 104 5.48 -11.09 -0.94
C ARG A 104 4.62 -11.94 -1.87
N THR A 105 4.67 -11.62 -3.16
CA THR A 105 3.91 -12.35 -4.17
C THR A 105 4.34 -13.81 -4.23
N LEU A 106 3.66 -14.59 -5.08
CA LEU A 106 3.97 -16.00 -5.23
C LEU A 106 4.84 -16.23 -6.47
N SER A 107 5.57 -17.34 -6.48
CA SER A 107 6.44 -17.68 -7.59
C SER A 107 5.65 -18.35 -8.72
N GLY A 108 4.66 -19.15 -8.32
CA GLY A 108 3.84 -19.85 -9.30
C GLY A 108 3.81 -21.35 -9.07
N PRO A 109 2.65 -21.97 -9.34
CA PRO A 109 2.47 -23.41 -9.17
C PRO A 109 3.27 -24.22 -10.19
N SER A 110 4.07 -25.15 -9.69
CA SER A 110 4.89 -26.00 -10.56
C SER A 110 5.17 -27.34 -9.90
N SER A 111 5.77 -28.26 -10.65
CA SER A 111 6.08 -29.58 -10.14
C SER A 111 7.05 -29.50 -8.97
N GLY A 112 8.21 -28.88 -9.21
CA GLY A 112 9.20 -28.74 -8.16
C GLY A 112 8.70 -27.93 -6.97
N GLY A 1 9.85 12.22 15.02
CA GLY A 1 8.74 13.10 14.66
C GLY A 1 9.15 14.18 13.68
N SER A 2 8.19 14.60 12.84
CA SER A 2 8.46 15.63 11.85
C SER A 2 8.06 17.01 12.36
N SER A 3 8.34 18.03 11.57
CA SER A 3 8.01 19.40 11.95
C SER A 3 6.52 19.68 11.75
N GLY A 4 5.72 19.30 12.73
CA GLY A 4 4.29 19.51 12.64
C GLY A 4 3.58 19.30 13.97
N SER A 5 2.51 18.52 13.95
CA SER A 5 1.74 18.24 15.15
C SER A 5 1.06 16.88 15.06
N SER A 6 0.94 16.21 16.20
CA SER A 6 0.31 14.90 16.26
C SER A 6 -1.03 14.96 16.99
N GLY A 7 -2.02 14.25 16.46
CA GLY A 7 -3.33 14.24 17.07
C GLY A 7 -4.44 13.97 16.07
N SER A 8 -4.59 12.70 15.69
CA SER A 8 -5.60 12.31 14.72
C SER A 8 -6.45 11.16 15.27
N ARG A 9 -7.62 11.48 15.79
CA ARG A 9 -8.53 10.48 16.34
C ARG A 9 -8.65 9.28 15.40
N PRO A 10 -9.13 9.54 14.17
CA PRO A 10 -9.31 8.50 13.16
C PRO A 10 -7.97 7.97 12.63
N ARG A 11 -7.72 6.69 12.86
CA ARG A 11 -6.49 6.05 12.42
C ARG A 11 -6.79 4.78 11.64
N LEU A 12 -5.84 4.37 10.81
CA LEU A 12 -6.00 3.16 10.00
C LEU A 12 -5.71 1.91 10.83
N SER A 13 -6.20 0.77 10.36
CA SER A 13 -6.01 -0.50 11.07
C SER A 13 -4.89 -1.30 10.42
N GLN A 14 -4.65 -2.50 10.95
CA GLN A 14 -3.61 -3.38 10.43
C GLN A 14 -3.87 -3.71 8.96
N LEU A 15 -3.02 -3.18 8.08
CA LEU A 15 -3.16 -3.41 6.65
C LEU A 15 -2.51 -4.73 6.25
N SER A 16 -3.32 -5.75 6.02
CA SER A 16 -2.81 -7.06 5.63
C SER A 16 -3.06 -7.32 4.14
N VAL A 17 -2.37 -8.33 3.61
CA VAL A 17 -2.52 -8.69 2.20
C VAL A 17 -3.11 -10.09 2.05
N THR A 18 -4.28 -10.16 1.42
CA THR A 18 -4.96 -11.44 1.21
C THR A 18 -5.10 -11.74 -0.28
N ASP A 19 -5.15 -13.03 -0.61
CA ASP A 19 -5.28 -13.46 -2.00
C ASP A 19 -3.99 -13.21 -2.77
N VAL A 20 -2.86 -13.31 -2.09
CA VAL A 20 -1.56 -13.10 -2.71
C VAL A 20 -1.47 -13.81 -4.05
N THR A 21 -1.59 -13.05 -5.14
CA THR A 21 -1.53 -13.62 -6.48
C THR A 21 -0.09 -13.69 -6.97
N THR A 22 0.14 -14.50 -8.00
CA THR A 22 1.48 -14.66 -8.56
C THR A 22 2.10 -13.31 -8.88
N SER A 23 1.36 -12.46 -9.58
CA SER A 23 1.85 -11.14 -9.96
C SER A 23 0.91 -10.05 -9.44
N SER A 24 0.08 -10.41 -8.47
CA SER A 24 -0.87 -9.46 -7.90
C SER A 24 -1.26 -9.87 -6.48
N LEU A 25 -2.12 -9.08 -5.86
CA LEU A 25 -2.57 -9.36 -4.49
C LEU A 25 -3.74 -8.46 -4.11
N ARG A 26 -4.22 -8.61 -2.89
CA ARG A 26 -5.33 -7.81 -2.40
C ARG A 26 -5.02 -7.23 -1.01
N LEU A 27 -5.53 -6.03 -0.75
CA LEU A 27 -5.31 -5.38 0.54
C LEU A 27 -6.62 -5.21 1.30
N ASN A 28 -6.51 -5.02 2.61
CA ASN A 28 -7.69 -4.85 3.46
C ASN A 28 -7.34 -4.07 4.72
N TRP A 29 -7.92 -2.89 4.87
CA TRP A 29 -7.67 -2.05 6.03
C TRP A 29 -8.99 -1.56 6.63
N GLU A 30 -9.05 -1.53 7.96
CA GLU A 30 -10.24 -1.08 8.66
C GLU A 30 -10.11 0.37 9.09
N ALA A 31 -11.16 1.16 8.90
CA ALA A 31 -11.16 2.56 9.26
C ALA A 31 -12.54 3.01 9.75
N PRO A 32 -12.56 3.99 10.67
CA PRO A 32 -13.81 4.52 11.23
C PRO A 32 -14.60 5.32 10.21
N PRO A 33 -15.88 5.57 10.53
CA PRO A 33 -16.78 6.35 9.65
C PRO A 33 -16.40 7.82 9.58
N GLY A 34 -16.22 8.33 8.37
CA GLY A 34 -15.86 9.73 8.19
C GLY A 34 -14.43 10.01 8.60
N ALA A 35 -13.55 9.03 8.41
CA ALA A 35 -12.14 9.17 8.75
C ALA A 35 -11.39 9.92 7.66
N PHE A 36 -11.62 9.53 6.41
CA PHE A 36 -10.97 10.16 5.28
C PHE A 36 -11.87 10.14 4.04
N ASP A 37 -11.65 11.10 3.15
CA ASP A 37 -12.44 11.19 1.92
C ASP A 37 -12.05 10.10 0.93
N SER A 38 -10.75 9.83 0.83
CA SER A 38 -10.25 8.81 -0.07
C SER A 38 -9.00 8.16 0.48
N PHE A 39 -8.46 7.19 -0.26
CA PHE A 39 -7.26 6.47 0.17
C PHE A 39 -6.26 6.36 -0.97
N LEU A 40 -5.08 6.93 -0.76
CA LEU A 40 -4.02 6.89 -1.78
C LEU A 40 -2.96 5.86 -1.43
N LEU A 41 -2.95 4.75 -2.15
CA LEU A 41 -1.98 3.68 -1.92
C LEU A 41 -0.84 3.75 -2.93
N ARG A 42 0.38 3.83 -2.43
CA ARG A 42 1.56 3.90 -3.29
C ARG A 42 2.43 2.66 -3.12
N PHE A 43 2.65 1.94 -4.22
CA PHE A 43 3.47 0.74 -4.19
C PHE A 43 4.74 0.92 -5.01
N GLY A 44 5.88 0.85 -4.33
CA GLY A 44 7.16 1.01 -5.00
C GLY A 44 8.10 -0.15 -4.74
N VAL A 45 9.02 -0.37 -5.67
CA VAL A 45 9.99 -1.46 -5.55
C VAL A 45 11.17 -1.05 -4.69
N PRO A 46 11.26 -1.64 -3.49
CA PRO A 46 12.35 -1.36 -2.54
C PRO A 46 13.69 -1.90 -3.02
N SER A 47 14.58 -0.98 -3.39
CA SER A 47 15.91 -1.36 -3.88
C SER A 47 16.90 -1.47 -2.72
N PRO A 48 17.76 -2.49 -2.78
CA PRO A 48 18.77 -2.74 -1.74
C PRO A 48 19.88 -1.68 -1.75
N SER A 49 20.57 -1.55 -0.63
CA SER A 49 21.65 -0.57 -0.49
C SER A 49 23.00 -1.21 -0.78
N THR A 50 23.04 -2.54 -0.68
CA THR A 50 24.28 -3.29 -0.92
C THR A 50 24.46 -3.58 -2.41
N LEU A 51 23.34 -3.75 -3.11
CA LEU A 51 23.38 -4.04 -4.55
C LEU A 51 23.07 -2.79 -5.36
N GLU A 52 23.56 -2.78 -6.60
CA GLU A 52 23.32 -1.63 -7.49
C GLU A 52 21.92 -1.67 -8.08
N PRO A 53 21.31 -0.49 -8.22
CA PRO A 53 19.95 -0.36 -8.78
C PRO A 53 19.91 -0.68 -10.27
N HIS A 54 18.73 -1.08 -10.74
CA HIS A 54 18.54 -1.41 -12.15
C HIS A 54 18.58 -0.14 -13.02
N PRO A 55 19.30 -0.22 -14.14
CA PRO A 55 19.43 0.90 -15.08
C PRO A 55 18.13 1.20 -15.81
N ARG A 56 17.15 0.31 -15.66
CA ARG A 56 15.86 0.47 -16.31
C ARG A 56 14.92 1.32 -15.45
N PRO A 57 14.14 2.19 -16.11
CA PRO A 57 13.19 3.08 -15.43
C PRO A 57 12.01 2.32 -14.85
N LEU A 58 11.63 2.67 -13.62
CA LEU A 58 10.51 2.02 -12.95
C LEU A 58 9.33 2.98 -12.80
N LEU A 59 8.25 2.70 -13.52
CA LEU A 59 7.06 3.53 -13.47
C LEU A 59 6.25 3.24 -12.21
N GLN A 60 6.04 4.27 -11.39
CA GLN A 60 5.28 4.11 -10.15
C GLN A 60 3.81 4.50 -10.37
N ARG A 61 2.93 3.90 -9.59
CA ARG A 61 1.50 4.19 -9.70
C ARG A 61 0.82 4.01 -8.34
N GLU A 62 -0.35 4.64 -8.19
CA GLU A 62 -1.11 4.56 -6.95
C GLU A 62 -2.58 4.28 -7.22
N LEU A 63 -3.29 3.80 -6.20
CA LEU A 63 -4.71 3.49 -6.33
C LEU A 63 -5.56 4.55 -5.65
N MET A 64 -6.79 4.73 -6.15
CA MET A 64 -7.70 5.71 -5.58
C MET A 64 -8.98 5.03 -5.12
N VAL A 65 -9.20 4.99 -3.81
CA VAL A 65 -10.39 4.38 -3.24
C VAL A 65 -11.00 5.27 -2.15
N PRO A 66 -12.33 5.39 -2.16
CA PRO A 66 -13.06 6.21 -1.18
C PRO A 66 -13.04 5.58 0.21
N GLY A 67 -13.05 6.44 1.23
CA GLY A 67 -13.03 5.96 2.60
C GLY A 67 -13.96 4.78 2.82
N THR A 68 -15.17 4.88 2.30
CA THR A 68 -16.15 3.81 2.43
C THR A 68 -15.57 2.47 1.99
N ARG A 69 -14.72 2.52 0.98
CA ARG A 69 -14.09 1.30 0.46
C ARG A 69 -12.65 1.18 0.92
N HIS A 70 -12.32 0.07 1.56
CA HIS A 70 -10.96 -0.16 2.05
C HIS A 70 -10.34 -1.37 1.37
N SER A 71 -10.07 -1.24 0.07
CA SER A 71 -9.47 -2.31 -0.71
C SER A 71 -8.47 -1.76 -1.72
N ALA A 72 -7.50 -2.59 -2.10
CA ALA A 72 -6.49 -2.20 -3.06
C ALA A 72 -5.84 -3.42 -3.70
N VAL A 73 -5.90 -3.48 -5.03
CA VAL A 73 -5.31 -4.60 -5.76
C VAL A 73 -4.27 -4.11 -6.77
N LEU A 74 -3.06 -4.63 -6.65
CA LEU A 74 -1.97 -4.24 -7.54
C LEU A 74 -1.71 -5.34 -8.58
N ARG A 75 -1.49 -4.91 -9.82
CA ARG A 75 -1.23 -5.85 -10.90
C ARG A 75 0.13 -5.58 -11.55
N ASP A 76 0.51 -6.44 -12.49
CA ASP A 76 1.80 -6.29 -13.17
C ASP A 76 2.95 -6.35 -12.18
N LEU A 77 2.76 -7.10 -11.09
CA LEU A 77 3.78 -7.24 -10.07
C LEU A 77 4.78 -8.33 -10.45
N ARG A 78 5.91 -8.35 -9.75
CA ARG A 78 6.96 -9.34 -10.01
C ARG A 78 6.65 -10.65 -9.30
N SER A 79 7.20 -11.75 -9.81
CA SER A 79 6.99 -13.06 -9.22
C SER A 79 7.90 -13.27 -8.01
N GLY A 80 7.36 -13.91 -6.98
CA GLY A 80 8.14 -14.16 -5.78
C GLY A 80 9.01 -12.98 -5.40
N THR A 81 8.40 -11.80 -5.30
CA THR A 81 9.13 -10.60 -4.95
C THR A 81 8.43 -9.84 -3.82
N LEU A 82 9.19 -9.04 -3.08
CA LEU A 82 8.64 -8.27 -1.98
C LEU A 82 8.31 -6.85 -2.42
N TYR A 83 7.12 -6.39 -2.07
CA TYR A 83 6.69 -5.04 -2.43
C TYR A 83 6.34 -4.22 -1.19
N SER A 84 6.63 -2.93 -1.25
CA SER A 84 6.36 -2.04 -0.13
C SER A 84 5.12 -1.19 -0.39
N LEU A 85 4.04 -1.49 0.33
CA LEU A 85 2.79 -0.76 0.17
C LEU A 85 2.67 0.34 1.22
N THR A 86 2.00 1.43 0.85
CA THR A 86 1.81 2.56 1.76
C THR A 86 0.50 3.28 1.47
N LEU A 87 -0.49 3.07 2.33
CA LEU A 87 -1.79 3.70 2.17
C LEU A 87 -1.82 5.08 2.83
N TYR A 88 -2.62 5.99 2.29
CA TYR A 88 -2.73 7.34 2.83
C TYR A 88 -4.20 7.73 3.02
N GLY A 89 -4.52 8.23 4.20
CA GLY A 89 -5.89 8.63 4.49
C GLY A 89 -6.14 10.09 4.14
N LEU A 90 -6.43 10.35 2.87
CA LEU A 90 -6.70 11.70 2.41
C LEU A 90 -7.85 12.33 3.19
N ARG A 91 -7.52 13.30 4.05
CA ARG A 91 -8.52 13.97 4.86
C ARG A 91 -8.93 15.30 4.21
N GLY A 92 -8.72 15.40 2.90
CA GLY A 92 -9.08 16.62 2.19
C GLY A 92 -8.02 17.02 1.18
N PRO A 93 -7.32 18.13 1.46
CA PRO A 93 -6.27 18.65 0.57
C PRO A 93 -5.04 17.76 0.56
N HIS A 94 -4.53 17.43 1.74
CA HIS A 94 -3.36 16.57 1.86
C HIS A 94 -3.64 15.38 2.77
N LYS A 95 -2.84 14.33 2.61
CA LYS A 95 -3.01 13.12 3.42
C LYS A 95 -2.79 13.42 4.89
N ALA A 96 -3.58 12.77 5.75
CA ALA A 96 -3.48 12.97 7.19
C ALA A 96 -2.74 11.81 7.84
N ASP A 97 -3.20 10.59 7.58
CA ASP A 97 -2.58 9.41 8.15
C ASP A 97 -2.03 8.50 7.04
N SER A 98 -1.21 7.53 7.44
CA SER A 98 -0.62 6.60 6.48
C SER A 98 -0.17 5.32 7.19
N ILE A 99 -0.34 4.20 6.50
CA ILE A 99 0.05 2.90 7.06
C ILE A 99 1.00 2.17 6.12
N GLN A 100 1.73 1.20 6.67
CA GLN A 100 2.68 0.43 5.88
C GLN A 100 2.31 -1.05 5.88
N GLY A 101 2.18 -1.63 4.69
CA GLY A 101 1.82 -3.03 4.57
C GLY A 101 2.71 -3.77 3.58
N THR A 102 3.51 -4.71 4.09
CA THR A 102 4.39 -5.49 3.25
C THR A 102 3.77 -6.83 2.88
N ALA A 103 4.08 -7.31 1.67
CA ALA A 103 3.55 -8.57 1.19
C ALA A 103 4.45 -9.17 0.13
N ARG A 104 4.59 -10.50 0.15
CA ARG A 104 5.42 -11.20 -0.81
C ARG A 104 4.57 -11.99 -1.80
N THR A 105 4.69 -11.65 -3.08
CA THR A 105 3.93 -12.34 -4.12
C THR A 105 4.34 -13.80 -4.23
N LEU A 106 3.64 -14.54 -5.09
CA LEU A 106 3.93 -15.96 -5.29
C LEU A 106 4.77 -16.17 -6.55
N SER A 107 5.60 -17.21 -6.52
CA SER A 107 6.46 -17.53 -7.66
C SER A 107 5.66 -18.13 -8.80
N GLY A 108 4.66 -18.94 -8.44
CA GLY A 108 3.84 -19.58 -9.45
C GLY A 108 4.03 -21.09 -9.49
N PRO A 109 3.20 -21.77 -10.30
CA PRO A 109 3.26 -23.22 -10.44
C PRO A 109 4.52 -23.68 -11.18
N SER A 110 5.14 -22.76 -11.91
CA SER A 110 6.34 -23.07 -12.67
C SER A 110 7.33 -23.85 -11.81
N SER A 111 7.78 -23.23 -10.73
CA SER A 111 8.74 -23.86 -9.82
C SER A 111 8.26 -25.25 -9.40
N GLY A 112 9.10 -25.97 -8.68
CA GLY A 112 8.74 -27.31 -8.23
C GLY A 112 8.60 -28.29 -9.37
N GLY A 1 16.02 19.68 12.62
CA GLY A 1 14.98 20.67 12.45
C GLY A 1 14.13 20.42 11.23
N SER A 2 12.82 20.23 11.44
CA SER A 2 11.89 19.97 10.36
C SER A 2 10.45 20.12 10.82
N SER A 3 9.54 20.28 9.87
CA SER A 3 8.13 20.44 10.18
C SER A 3 7.46 19.09 10.40
N GLY A 4 6.25 19.10 10.96
CA GLY A 4 5.53 17.88 11.21
C GLY A 4 4.56 18.00 12.37
N SER A 5 4.82 17.26 13.44
CA SER A 5 3.96 17.29 14.62
C SER A 5 2.52 16.91 14.25
N SER A 6 2.39 15.90 13.39
CA SER A 6 1.08 15.44 12.95
C SER A 6 0.34 14.75 14.09
N GLY A 7 -0.89 14.31 13.81
CA GLY A 7 -1.68 13.63 14.82
C GLY A 7 -3.17 13.77 14.57
N SER A 8 -3.73 12.82 13.82
CA SER A 8 -5.16 12.83 13.52
C SER A 8 -5.92 11.82 14.36
N ARG A 9 -7.13 12.17 14.76
CA ARG A 9 -7.95 11.29 15.57
C ARG A 9 -8.14 9.93 14.88
N PRO A 10 -8.72 9.95 13.67
CA PRO A 10 -8.96 8.73 12.89
C PRO A 10 -7.67 8.12 12.36
N ARG A 11 -7.43 6.86 12.72
CA ARG A 11 -6.22 6.15 12.29
C ARG A 11 -6.59 4.90 11.50
N LEU A 12 -5.61 4.35 10.79
CA LEU A 12 -5.82 3.14 10.00
C LEU A 12 -5.62 1.89 10.84
N SER A 13 -6.09 0.75 10.33
CA SER A 13 -5.95 -0.51 11.05
C SER A 13 -4.89 -1.39 10.39
N GLN A 14 -4.66 -2.56 10.97
CA GLN A 14 -3.67 -3.49 10.45
C GLN A 14 -3.91 -3.77 8.96
N LEU A 15 -3.01 -3.28 8.11
CA LEU A 15 -3.14 -3.48 6.67
C LEU A 15 -2.48 -4.78 6.25
N SER A 16 -3.30 -5.79 5.97
CA SER A 16 -2.80 -7.09 5.56
C SER A 16 -3.08 -7.34 4.07
N VAL A 17 -2.35 -8.27 3.48
CA VAL A 17 -2.53 -8.60 2.07
C VAL A 17 -3.03 -10.03 1.90
N THR A 18 -4.15 -10.17 1.20
CA THR A 18 -4.74 -11.48 0.95
C THR A 18 -4.83 -11.78 -0.54
N ASP A 19 -5.27 -13.00 -0.87
CA ASP A 19 -5.39 -13.41 -2.26
C ASP A 19 -4.09 -13.17 -3.02
N VAL A 20 -2.97 -13.27 -2.31
CA VAL A 20 -1.66 -13.05 -2.92
C VAL A 20 -1.54 -13.79 -4.24
N THR A 21 -1.63 -13.05 -5.34
CA THR A 21 -1.53 -13.64 -6.67
C THR A 21 -0.08 -13.68 -7.15
N THR A 22 0.17 -14.52 -8.15
CA THR A 22 1.52 -14.64 -8.70
C THR A 22 2.15 -13.28 -8.94
N SER A 23 1.43 -12.42 -9.67
CA SER A 23 1.91 -11.09 -9.98
C SER A 23 0.93 -10.03 -9.50
N SER A 24 0.11 -10.39 -8.52
CA SER A 24 -0.88 -9.46 -7.97
C SER A 24 -1.24 -9.84 -6.54
N LEU A 25 -2.15 -9.08 -5.94
CA LEU A 25 -2.58 -9.33 -4.57
C LEU A 25 -3.70 -8.37 -4.17
N ARG A 26 -4.22 -8.55 -2.96
CA ARG A 26 -5.29 -7.70 -2.46
C ARG A 26 -4.97 -7.20 -1.05
N LEU A 27 -5.50 -6.03 -0.72
CA LEU A 27 -5.27 -5.43 0.59
C LEU A 27 -6.59 -5.26 1.35
N ASN A 28 -6.49 -5.07 2.66
CA ASN A 28 -7.66 -4.89 3.50
C ASN A 28 -7.32 -4.12 4.77
N TRP A 29 -7.97 -2.97 4.95
CA TRP A 29 -7.73 -2.13 6.12
C TRP A 29 -9.04 -1.63 6.71
N GLU A 30 -9.10 -1.55 8.02
CA GLU A 30 -10.30 -1.08 8.71
C GLU A 30 -10.18 0.40 9.08
N ALA A 31 -11.25 1.15 8.84
CA ALA A 31 -11.26 2.57 9.14
C ALA A 31 -12.65 3.02 9.58
N PRO A 32 -12.70 3.99 10.50
CA PRO A 32 -13.96 4.53 11.04
C PRO A 32 -14.71 5.35 10.00
N PRO A 33 -15.97 5.69 10.32
CA PRO A 33 -16.83 6.48 9.43
C PRO A 33 -16.36 7.92 9.30
N GLY A 34 -16.28 8.40 8.07
CA GLY A 34 -15.84 9.77 7.82
C GLY A 34 -14.41 10.01 8.28
N ALA A 35 -13.60 8.96 8.23
CA ALA A 35 -12.21 9.07 8.64
C ALA A 35 -11.38 9.79 7.58
N PHE A 36 -11.66 9.52 6.32
CA PHE A 36 -10.95 10.16 5.21
C PHE A 36 -11.80 10.17 3.94
N ASP A 37 -11.63 11.21 3.13
CA ASP A 37 -12.38 11.33 1.89
C ASP A 37 -12.05 10.20 0.93
N SER A 38 -10.76 9.88 0.83
CA SER A 38 -10.31 8.81 -0.05
C SER A 38 -9.06 8.15 0.50
N PHE A 39 -8.52 7.19 -0.25
CA PHE A 39 -7.32 6.47 0.16
C PHE A 39 -6.33 6.35 -0.99
N LEU A 40 -5.13 6.91 -0.80
CA LEU A 40 -4.10 6.87 -1.82
C LEU A 40 -3.04 5.83 -1.49
N LEU A 41 -3.07 4.71 -2.20
CA LEU A 41 -2.10 3.64 -1.97
C LEU A 41 -0.89 3.80 -2.89
N ARG A 42 0.31 3.74 -2.30
CA ARG A 42 1.54 3.88 -3.06
C ARG A 42 2.41 2.62 -2.92
N PHE A 43 2.65 1.94 -4.04
CA PHE A 43 3.46 0.74 -4.03
C PHE A 43 4.73 0.93 -4.86
N GLY A 44 5.87 0.76 -4.21
CA GLY A 44 7.15 0.92 -4.89
C GLY A 44 8.07 -0.26 -4.69
N VAL A 45 8.97 -0.48 -5.64
CA VAL A 45 9.92 -1.58 -5.57
C VAL A 45 11.07 -1.25 -4.63
N PRO A 46 11.13 -1.96 -3.49
CA PRO A 46 12.18 -1.76 -2.49
C PRO A 46 13.55 -2.25 -2.97
N SER A 47 14.44 -1.29 -3.24
CA SER A 47 15.78 -1.62 -3.72
C SER A 47 16.82 -1.30 -2.65
N PRO A 48 17.93 -2.07 -2.66
CA PRO A 48 19.03 -1.90 -1.70
C PRO A 48 19.81 -0.61 -1.94
N SER A 49 20.46 -0.11 -0.90
CA SER A 49 21.25 1.11 -1.01
C SER A 49 22.73 0.80 -1.18
N THR A 50 23.15 -0.37 -0.70
CA THR A 50 24.53 -0.79 -0.81
C THR A 50 24.85 -1.28 -2.21
N LEU A 51 23.84 -1.81 -2.89
CA LEU A 51 24.02 -2.31 -4.25
C LEU A 51 23.85 -1.20 -5.28
N GLU A 52 24.31 -1.44 -6.49
CA GLU A 52 24.20 -0.46 -7.57
C GLU A 52 22.82 -0.50 -8.20
N PRO A 53 22.26 0.69 -8.48
CA PRO A 53 20.94 0.83 -9.10
C PRO A 53 20.92 0.35 -10.55
N HIS A 54 19.72 0.07 -11.05
CA HIS A 54 19.57 -0.39 -12.43
C HIS A 54 19.42 0.79 -13.38
N PRO A 55 20.01 0.66 -14.58
CA PRO A 55 19.96 1.70 -15.61
C PRO A 55 18.56 1.88 -16.20
N ARG A 56 17.61 1.10 -15.70
CA ARG A 56 16.24 1.17 -16.17
C ARG A 56 15.35 1.89 -15.17
N PRO A 57 14.66 2.95 -15.63
CA PRO A 57 13.77 3.75 -14.78
C PRO A 57 12.51 2.99 -14.38
N LEU A 58 11.98 3.30 -13.20
CA LEU A 58 10.78 2.63 -12.71
C LEU A 58 9.66 3.65 -12.51
N LEU A 59 8.54 3.42 -13.19
CA LEU A 59 7.38 4.30 -13.10
C LEU A 59 6.61 4.04 -11.81
N GLN A 60 6.11 5.11 -11.19
CA GLN A 60 5.36 4.99 -9.96
C GLN A 60 3.86 5.12 -10.23
N ARG A 61 3.05 4.46 -9.39
CA ARG A 61 1.60 4.49 -9.54
C ARG A 61 0.92 4.42 -8.18
N GLU A 62 -0.39 4.64 -8.18
CA GLU A 62 -1.17 4.61 -6.94
C GLU A 62 -2.63 4.32 -7.23
N LEU A 63 -3.36 3.88 -6.21
CA LEU A 63 -4.78 3.56 -6.35
C LEU A 63 -5.64 4.64 -5.69
N MET A 64 -6.88 4.75 -6.15
CA MET A 64 -7.82 5.73 -5.61
C MET A 64 -9.09 5.06 -5.12
N VAL A 65 -9.23 4.95 -3.80
CA VAL A 65 -10.41 4.33 -3.20
C VAL A 65 -11.00 5.20 -2.11
N PRO A 66 -12.34 5.35 -2.12
CA PRO A 66 -13.06 6.15 -1.13
C PRO A 66 -13.03 5.53 0.26
N GLY A 67 -13.12 6.39 1.28
CA GLY A 67 -13.10 5.90 2.65
C GLY A 67 -14.03 4.72 2.86
N THR A 68 -15.25 4.83 2.36
CA THR A 68 -16.24 3.77 2.50
C THR A 68 -15.68 2.44 2.00
N ARG A 69 -14.71 2.50 1.09
CA ARG A 69 -14.10 1.31 0.55
C ARG A 69 -12.65 1.17 1.01
N HIS A 70 -12.33 0.05 1.64
CA HIS A 70 -10.99 -0.20 2.13
C HIS A 70 -10.36 -1.41 1.44
N SER A 71 -10.09 -1.27 0.14
CA SER A 71 -9.51 -2.35 -0.63
C SER A 71 -8.49 -1.81 -1.64
N ALA A 72 -7.56 -2.66 -2.04
CA ALA A 72 -6.53 -2.26 -3.00
C ALA A 72 -5.89 -3.49 -3.65
N VAL A 73 -5.97 -3.55 -4.98
CA VAL A 73 -5.39 -4.67 -5.72
C VAL A 73 -4.36 -4.18 -6.73
N LEU A 74 -3.13 -4.69 -6.61
CA LEU A 74 -2.06 -4.31 -7.51
C LEU A 74 -1.78 -5.40 -8.53
N ARG A 75 -1.52 -5.00 -9.77
CA ARG A 75 -1.25 -5.96 -10.84
C ARG A 75 0.07 -5.64 -11.52
N ASP A 76 0.47 -6.49 -12.47
CA ASP A 76 1.72 -6.30 -13.18
C ASP A 76 2.92 -6.40 -12.24
N LEU A 77 2.73 -7.13 -11.15
CA LEU A 77 3.80 -7.30 -10.15
C LEU A 77 4.74 -8.42 -10.57
N ARG A 78 5.82 -8.59 -9.81
CA ARG A 78 6.81 -9.62 -10.10
C ARG A 78 6.49 -10.91 -9.33
N SER A 79 7.25 -11.95 -9.60
CA SER A 79 7.04 -13.24 -8.94
C SER A 79 8.03 -13.43 -7.79
N GLY A 80 7.54 -13.95 -6.68
CA GLY A 80 8.39 -14.18 -5.52
C GLY A 80 9.21 -12.95 -5.16
N THR A 81 8.55 -11.80 -5.12
CA THR A 81 9.22 -10.54 -4.79
C THR A 81 8.44 -9.75 -3.75
N LEU A 82 9.15 -9.16 -2.80
CA LEU A 82 8.52 -8.37 -1.75
C LEU A 82 8.19 -6.95 -2.25
N TYR A 83 6.95 -6.54 -2.07
CA TYR A 83 6.51 -5.21 -2.48
C TYR A 83 6.23 -4.32 -1.28
N SER A 84 6.63 -3.06 -1.38
CA SER A 84 6.42 -2.10 -0.30
C SER A 84 5.17 -1.26 -0.56
N LEU A 85 4.11 -1.54 0.21
CA LEU A 85 2.86 -0.80 0.06
C LEU A 85 2.68 0.20 1.20
N THR A 86 2.04 1.32 0.91
CA THR A 86 1.79 2.36 1.89
C THR A 86 0.52 3.13 1.59
N LEU A 87 -0.48 2.98 2.45
CA LEU A 87 -1.76 3.67 2.26
C LEU A 87 -1.73 5.03 2.93
N TYR A 88 -2.52 5.96 2.40
CA TYR A 88 -2.59 7.31 2.94
C TYR A 88 -4.04 7.75 3.11
N GLY A 89 -4.41 8.09 4.36
CA GLY A 89 -5.76 8.52 4.62
C GLY A 89 -5.99 9.99 4.28
N LEU A 90 -6.34 10.24 3.03
CA LEU A 90 -6.59 11.61 2.58
C LEU A 90 -7.82 12.20 3.25
N ARG A 91 -7.60 13.14 4.16
CA ARG A 91 -8.70 13.78 4.88
C ARG A 91 -9.22 14.99 4.11
N GLY A 92 -8.82 15.10 2.84
CA GLY A 92 -9.25 16.20 2.02
C GLY A 92 -8.12 16.79 1.18
N PRO A 93 -7.59 17.94 1.60
CA PRO A 93 -6.49 18.61 0.90
C PRO A 93 -5.17 17.84 1.00
N HIS A 94 -4.80 17.49 2.22
CA HIS A 94 -3.56 16.75 2.45
C HIS A 94 -3.82 15.48 3.25
N LYS A 95 -2.91 14.52 3.15
CA LYS A 95 -3.04 13.26 3.86
C LYS A 95 -2.95 13.47 5.37
N ALA A 96 -3.68 12.66 6.12
CA ALA A 96 -3.67 12.75 7.58
C ALA A 96 -2.88 11.60 8.20
N ASP A 97 -3.23 10.38 7.83
CA ASP A 97 -2.54 9.20 8.35
C ASP A 97 -1.90 8.41 7.22
N SER A 98 -1.03 7.47 7.58
CA SER A 98 -0.34 6.64 6.61
C SER A 98 0.16 5.35 7.24
N ILE A 99 -0.30 4.22 6.72
CA ILE A 99 0.11 2.92 7.22
C ILE A 99 1.04 2.21 6.25
N GLN A 100 1.97 1.42 6.79
CA GLN A 100 2.92 0.69 5.97
C GLN A 100 2.58 -0.80 5.93
N GLY A 101 2.20 -1.29 4.77
CA GLY A 101 1.85 -2.70 4.62
C GLY A 101 2.69 -3.40 3.56
N THR A 102 3.44 -4.41 3.99
CA THR A 102 4.28 -5.17 3.08
C THR A 102 3.72 -6.55 2.81
N ALA A 103 4.01 -7.10 1.64
CA ALA A 103 3.53 -8.42 1.27
C ALA A 103 4.35 -9.01 0.14
N ARG A 104 4.53 -10.33 0.16
CA ARG A 104 5.30 -11.02 -0.87
C ARG A 104 4.38 -11.71 -1.88
N THR A 105 4.81 -11.74 -3.14
CA THR A 105 4.03 -12.35 -4.19
C THR A 105 4.36 -13.84 -4.33
N LEU A 106 3.54 -14.56 -5.07
CA LEU A 106 3.74 -15.99 -5.29
C LEU A 106 4.63 -16.23 -6.50
N SER A 107 5.53 -17.20 -6.39
CA SER A 107 6.44 -17.53 -7.48
C SER A 107 5.68 -18.14 -8.65
N GLY A 108 4.57 -18.81 -8.35
CA GLY A 108 3.77 -19.43 -9.38
C GLY A 108 4.21 -20.85 -9.70
N PRO A 109 3.31 -21.63 -10.30
CA PRO A 109 3.59 -23.03 -10.67
C PRO A 109 4.59 -23.13 -11.82
N SER A 110 5.60 -23.97 -11.64
CA SER A 110 6.63 -24.16 -12.67
C SER A 110 6.30 -25.36 -13.55
N SER A 111 5.77 -26.41 -12.93
CA SER A 111 5.42 -27.63 -13.65
C SER A 111 3.90 -27.85 -13.64
N GLY A 112 3.36 -28.22 -14.79
CA GLY A 112 1.92 -28.46 -14.90
C GLY A 112 1.41 -28.26 -16.30
N GLY A 1 9.04 18.94 6.76
CA GLY A 1 8.77 18.98 8.19
C GLY A 1 9.15 17.69 8.89
N SER A 2 8.81 17.59 10.17
CA SER A 2 9.14 16.41 10.96
C SER A 2 7.86 15.77 11.52
N SER A 3 7.04 16.59 12.18
CA SER A 3 5.81 16.11 12.78
C SER A 3 5.01 15.27 11.78
N GLY A 4 4.78 14.02 12.13
CA GLY A 4 4.03 13.13 11.25
C GLY A 4 2.54 13.38 11.30
N SER A 5 1.87 12.76 12.27
CA SER A 5 0.42 12.92 12.42
C SER A 5 0.10 14.00 13.46
N SER A 6 -0.19 15.20 12.96
CA SER A 6 -0.51 16.33 13.84
C SER A 6 -1.91 16.17 14.44
N GLY A 7 -2.03 15.26 15.42
CA GLY A 7 -3.31 15.03 16.06
C GLY A 7 -4.32 14.42 15.11
N SER A 8 -3.92 13.36 14.42
CA SER A 8 -4.81 12.68 13.49
C SER A 8 -5.79 11.78 14.22
N ARG A 9 -6.97 12.30 14.50
CA ARG A 9 -8.01 11.54 15.20
C ARG A 9 -8.25 10.20 14.51
N PRO A 10 -8.66 10.27 13.23
CA PRO A 10 -8.94 9.07 12.43
C PRO A 10 -7.67 8.29 12.09
N ARG A 11 -7.57 7.08 12.64
CA ARG A 11 -6.41 6.24 12.40
C ARG A 11 -6.79 5.03 11.54
N LEU A 12 -5.77 4.35 11.01
CA LEU A 12 -6.00 3.17 10.17
C LEU A 12 -5.76 1.89 10.96
N SER A 13 -6.22 0.78 10.41
CA SER A 13 -6.07 -0.53 11.06
C SER A 13 -4.97 -1.34 10.40
N GLN A 14 -4.71 -2.53 10.93
CA GLN A 14 -3.68 -3.41 10.39
C GLN A 14 -3.97 -3.73 8.93
N LEU A 15 -3.15 -3.21 8.03
CA LEU A 15 -3.32 -3.44 6.60
C LEU A 15 -2.58 -4.72 6.17
N SER A 16 -3.35 -5.78 5.94
CA SER A 16 -2.77 -7.06 5.53
C SER A 16 -3.09 -7.34 4.07
N VAL A 17 -2.38 -8.30 3.49
CA VAL A 17 -2.58 -8.68 2.10
C VAL A 17 -3.14 -10.09 1.99
N THR A 18 -4.23 -10.24 1.24
CA THR A 18 -4.87 -11.54 1.06
C THR A 18 -4.95 -11.90 -0.42
N ASP A 19 -5.08 -13.19 -0.71
CA ASP A 19 -5.17 -13.68 -2.08
C ASP A 19 -3.90 -13.35 -2.85
N VAL A 20 -2.76 -13.43 -2.18
CA VAL A 20 -1.48 -13.14 -2.80
C VAL A 20 -1.34 -13.89 -4.13
N THR A 21 -1.50 -13.16 -5.22
CA THR A 21 -1.39 -13.74 -6.55
C THR A 21 0.06 -13.75 -7.03
N THR A 22 0.34 -14.59 -8.02
CA THR A 22 1.68 -14.69 -8.56
C THR A 22 2.26 -13.31 -8.89
N SER A 23 1.46 -12.49 -9.57
CA SER A 23 1.88 -11.14 -9.93
C SER A 23 0.86 -10.11 -9.48
N SER A 24 0.05 -10.48 -8.49
CA SER A 24 -0.98 -9.58 -7.97
C SER A 24 -1.32 -9.94 -6.53
N LEU A 25 -2.24 -9.18 -5.94
CA LEU A 25 -2.67 -9.41 -4.56
C LEU A 25 -3.82 -8.49 -4.19
N ARG A 26 -4.28 -8.61 -2.95
CA ARG A 26 -5.38 -7.79 -2.46
C ARG A 26 -5.09 -7.26 -1.06
N LEU A 27 -5.51 -6.03 -0.80
CA LEU A 27 -5.29 -5.40 0.51
C LEU A 27 -6.60 -5.24 1.26
N ASN A 28 -6.51 -5.08 2.57
CA ASN A 28 -7.69 -4.91 3.41
C ASN A 28 -7.35 -4.14 4.69
N TRP A 29 -7.99 -3.01 4.88
CA TRP A 29 -7.77 -2.18 6.06
C TRP A 29 -9.08 -1.67 6.64
N GLU A 30 -9.15 -1.59 7.96
CA GLU A 30 -10.36 -1.12 8.64
C GLU A 30 -10.22 0.35 9.03
N ALA A 31 -11.24 1.14 8.73
CA ALA A 31 -11.23 2.56 9.07
C ALA A 31 -12.62 3.03 9.49
N PRO A 32 -12.66 3.96 10.46
CA PRO A 32 -13.91 4.52 10.97
C PRO A 32 -14.62 5.41 9.95
N PRO A 33 -15.86 5.78 10.27
CA PRO A 33 -16.66 6.64 9.39
C PRO A 33 -16.14 8.08 9.33
N GLY A 34 -16.36 8.73 8.20
CA GLY A 34 -15.90 10.10 8.04
C GLY A 34 -14.46 10.28 8.48
N ALA A 35 -13.65 9.25 8.29
CA ALA A 35 -12.24 9.30 8.67
C ALA A 35 -11.42 10.01 7.61
N PHE A 36 -11.48 9.51 6.38
CA PHE A 36 -10.74 10.11 5.28
C PHE A 36 -11.59 10.15 4.01
N ASP A 37 -11.42 11.23 3.24
CA ASP A 37 -12.18 11.39 2.00
C ASP A 37 -11.89 10.25 1.03
N SER A 38 -10.61 9.91 0.89
CA SER A 38 -10.20 8.83 -0.01
C SER A 38 -8.97 8.12 0.52
N PHE A 39 -8.46 7.16 -0.24
CA PHE A 39 -7.29 6.40 0.15
C PHE A 39 -6.33 6.24 -1.02
N LEU A 40 -5.13 6.80 -0.88
CA LEU A 40 -4.11 6.73 -1.93
C LEU A 40 -3.04 5.70 -1.58
N LEU A 41 -3.07 4.57 -2.27
CA LEU A 41 -2.09 3.51 -2.04
C LEU A 41 -0.91 3.63 -2.98
N ARG A 42 0.28 3.77 -2.41
CA ARG A 42 1.50 3.90 -3.20
C ARG A 42 2.38 2.65 -3.07
N PHE A 43 2.57 1.95 -4.18
CA PHE A 43 3.39 0.74 -4.18
C PHE A 43 4.66 0.95 -4.99
N GLY A 44 5.80 0.88 -4.31
CA GLY A 44 7.08 1.06 -4.98
C GLY A 44 8.03 -0.10 -4.75
N VAL A 45 8.98 -0.27 -5.66
CA VAL A 45 9.95 -1.35 -5.56
C VAL A 45 11.05 -1.00 -4.55
N PRO A 46 11.09 -1.75 -3.44
CA PRO A 46 12.08 -1.55 -2.37
C PRO A 46 13.48 -1.96 -2.81
N SER A 47 14.33 -0.97 -3.03
CA SER A 47 15.72 -1.23 -3.45
C SER A 47 16.68 -0.96 -2.31
N PRO A 48 17.78 -1.75 -2.27
CA PRO A 48 18.81 -1.62 -1.24
C PRO A 48 19.62 -0.34 -1.38
N SER A 49 19.87 0.32 -0.25
CA SER A 49 20.62 1.57 -0.24
C SER A 49 22.12 1.29 -0.27
N THR A 50 22.52 0.15 0.27
CA THR A 50 23.92 -0.24 0.30
C THR A 50 24.45 -0.55 -1.09
N LEU A 51 23.57 -1.05 -1.95
CA LEU A 51 23.95 -1.38 -3.32
C LEU A 51 23.55 -0.27 -4.29
N GLU A 52 24.31 -0.12 -5.37
CA GLU A 52 24.03 0.90 -6.37
C GLU A 52 22.80 0.52 -7.20
N PRO A 53 21.92 1.50 -7.43
CA PRO A 53 20.69 1.30 -8.21
C PRO A 53 20.98 1.10 -9.70
N HIS A 54 20.07 0.42 -10.39
CA HIS A 54 20.22 0.17 -11.81
C HIS A 54 20.09 1.46 -12.62
N PRO A 55 20.78 1.52 -13.76
CA PRO A 55 20.76 2.68 -14.65
C PRO A 55 19.41 2.85 -15.34
N ARG A 56 18.47 1.97 -15.02
CA ARG A 56 17.13 2.02 -15.62
C ARG A 56 16.13 2.62 -14.64
N PRO A 57 15.23 3.47 -15.15
CA PRO A 57 14.20 4.13 -14.34
C PRO A 57 13.14 3.14 -13.86
N LEU A 58 12.55 3.43 -12.70
CA LEU A 58 11.52 2.57 -12.13
C LEU A 58 10.20 3.33 -12.00
N LEU A 59 9.22 2.94 -12.81
CA LEU A 59 7.91 3.57 -12.79
C LEU A 59 7.08 3.10 -11.59
N GLN A 60 6.27 3.99 -11.05
CA GLN A 60 5.43 3.65 -9.90
C GLN A 60 3.98 4.04 -10.15
N ARG A 61 3.06 3.32 -9.52
CA ARG A 61 1.63 3.60 -9.67
C ARG A 61 0.94 3.68 -8.31
N GLU A 62 -0.26 4.25 -8.31
CA GLU A 62 -1.02 4.40 -7.07
C GLU A 62 -2.51 4.14 -7.31
N LEU A 63 -3.19 3.66 -6.28
CA LEU A 63 -4.62 3.37 -6.38
C LEU A 63 -5.45 4.44 -5.67
N MET A 64 -6.70 4.57 -6.09
CA MET A 64 -7.60 5.55 -5.49
C MET A 64 -8.90 4.90 -5.04
N VAL A 65 -9.14 4.91 -3.73
CA VAL A 65 -10.35 4.32 -3.17
C VAL A 65 -10.94 5.21 -2.08
N PRO A 66 -12.27 5.35 -2.09
CA PRO A 66 -12.99 6.17 -1.11
C PRO A 66 -12.97 5.54 0.29
N GLY A 67 -13.04 6.40 1.30
CA GLY A 67 -13.03 5.91 2.68
C GLY A 67 -13.97 4.74 2.88
N THR A 68 -15.18 4.85 2.34
CA THR A 68 -16.18 3.79 2.47
C THR A 68 -15.62 2.47 2.00
N ARG A 69 -14.71 2.51 1.04
CA ARG A 69 -14.10 1.30 0.49
C ARG A 69 -12.64 1.19 0.93
N HIS A 70 -12.31 0.07 1.58
CA HIS A 70 -10.94 -0.17 2.04
C HIS A 70 -10.35 -1.39 1.36
N SER A 71 -10.11 -1.29 0.06
CA SER A 71 -9.54 -2.40 -0.70
C SER A 71 -8.56 -1.88 -1.75
N ALA A 72 -7.53 -2.67 -2.02
CA ALA A 72 -6.51 -2.29 -3.00
C ALA A 72 -5.91 -3.53 -3.67
N VAL A 73 -5.99 -3.58 -4.99
CA VAL A 73 -5.45 -4.70 -5.74
C VAL A 73 -4.46 -4.22 -6.81
N LEU A 74 -3.21 -4.66 -6.68
CA LEU A 74 -2.17 -4.28 -7.64
C LEU A 74 -1.93 -5.39 -8.65
N ARG A 75 -1.67 -5.00 -9.89
CA ARG A 75 -1.42 -5.96 -10.96
C ARG A 75 -0.08 -5.70 -11.63
N ASP A 76 0.34 -6.63 -12.48
CA ASP A 76 1.61 -6.50 -13.19
C ASP A 76 2.78 -6.48 -12.20
N LEU A 77 2.64 -7.24 -11.12
CA LEU A 77 3.68 -7.32 -10.09
C LEU A 77 4.69 -8.41 -10.43
N ARG A 78 5.85 -8.34 -9.79
CA ARG A 78 6.90 -9.32 -10.01
C ARG A 78 6.60 -10.63 -9.28
N SER A 79 7.18 -11.72 -9.77
CA SER A 79 6.96 -13.03 -9.16
C SER A 79 7.96 -13.28 -8.05
N GLY A 80 7.47 -13.79 -6.92
CA GLY A 80 8.33 -14.07 -5.78
C GLY A 80 9.15 -12.86 -5.37
N THR A 81 8.50 -11.71 -5.28
CA THR A 81 9.18 -10.48 -4.89
C THR A 81 8.42 -9.77 -3.78
N LEU A 82 9.13 -8.92 -3.03
CA LEU A 82 8.52 -8.18 -1.93
C LEU A 82 8.24 -6.74 -2.33
N TYR A 83 6.99 -6.32 -2.21
CA TYR A 83 6.59 -4.97 -2.56
C TYR A 83 6.28 -4.14 -1.32
N SER A 84 6.70 -2.89 -1.32
CA SER A 84 6.47 -2.00 -0.19
C SER A 84 5.23 -1.14 -0.42
N LEU A 85 4.15 -1.47 0.28
CA LEU A 85 2.90 -0.74 0.15
C LEU A 85 2.78 0.33 1.24
N THR A 86 2.09 1.42 0.92
CA THR A 86 1.90 2.51 1.87
C THR A 86 0.62 3.27 1.59
N LEU A 87 -0.38 3.07 2.44
CA LEU A 87 -1.67 3.74 2.28
C LEU A 87 -1.65 5.12 2.93
N TYR A 88 -2.45 6.04 2.38
CA TYR A 88 -2.52 7.39 2.90
C TYR A 88 -3.97 7.83 3.08
N GLY A 89 -4.38 7.98 4.33
CA GLY A 89 -5.74 8.39 4.63
C GLY A 89 -5.97 9.86 4.36
N LEU A 90 -6.39 10.19 3.14
CA LEU A 90 -6.65 11.57 2.76
C LEU A 90 -7.90 12.11 3.44
N ARG A 91 -7.72 13.04 4.36
CA ARG A 91 -8.83 13.64 5.09
C ARG A 91 -9.32 14.91 4.40
N GLY A 92 -8.78 15.17 3.21
CA GLY A 92 -9.16 16.36 2.47
C GLY A 92 -8.08 16.83 1.51
N PRO A 93 -7.53 18.02 1.77
CA PRO A 93 -6.49 18.61 0.94
C PRO A 93 -5.15 17.87 1.08
N HIS A 94 -4.82 17.49 2.31
CA HIS A 94 -3.58 16.77 2.58
C HIS A 94 -3.86 15.47 3.32
N LYS A 95 -2.91 14.53 3.23
CA LYS A 95 -3.06 13.25 3.90
C LYS A 95 -3.03 13.41 5.42
N ALA A 96 -3.83 12.60 6.11
CA ALA A 96 -3.90 12.66 7.57
C ALA A 96 -3.10 11.53 8.19
N ASP A 97 -3.45 10.30 7.83
CA ASP A 97 -2.77 9.12 8.36
C ASP A 97 -2.11 8.32 7.24
N SER A 98 -1.24 7.39 7.61
CA SER A 98 -0.54 6.55 6.64
C SER A 98 -0.05 5.27 7.28
N ILE A 99 -0.34 4.15 6.63
CA ILE A 99 0.08 2.85 7.14
C ILE A 99 1.04 2.16 6.17
N GLN A 100 1.86 1.26 6.70
CA GLN A 100 2.83 0.53 5.88
C GLN A 100 2.50 -0.96 5.83
N GLY A 101 2.11 -1.44 4.66
CA GLY A 101 1.77 -2.85 4.52
C GLY A 101 2.72 -3.57 3.58
N THR A 102 3.41 -4.58 4.11
CA THR A 102 4.35 -5.36 3.31
C THR A 102 3.76 -6.72 2.93
N ALA A 103 4.12 -7.20 1.74
CA ALA A 103 3.63 -8.48 1.26
C ALA A 103 4.53 -9.04 0.17
N ARG A 104 4.63 -10.36 0.10
CA ARG A 104 5.46 -11.02 -0.89
C ARG A 104 4.62 -11.83 -1.86
N THR A 105 4.71 -11.51 -3.15
CA THR A 105 3.94 -12.20 -4.17
C THR A 105 4.38 -13.67 -4.27
N LEU A 106 3.67 -14.43 -5.10
CA LEU A 106 3.98 -15.84 -5.29
C LEU A 106 4.79 -16.05 -6.58
N SER A 107 5.67 -17.05 -6.55
CA SER A 107 6.51 -17.36 -7.71
C SER A 107 5.72 -18.12 -8.77
N GLY A 108 4.73 -18.89 -8.31
CA GLY A 108 3.91 -19.67 -9.22
C GLY A 108 4.12 -21.16 -9.07
N PRO A 109 3.04 -21.93 -9.27
CA PRO A 109 3.08 -23.39 -9.15
C PRO A 109 3.88 -24.04 -10.28
N SER A 110 3.80 -23.46 -11.47
CA SER A 110 4.51 -23.98 -12.63
C SER A 110 5.86 -23.30 -12.79
N SER A 111 6.75 -23.92 -13.57
CA SER A 111 8.08 -23.37 -13.80
C SER A 111 8.67 -23.91 -15.11
N GLY A 112 9.79 -23.33 -15.51
CA GLY A 112 10.43 -23.77 -16.74
C GLY A 112 11.10 -22.62 -17.47
N GLY A 1 1.55 10.18 15.60
CA GLY A 1 0.79 11.41 15.57
C GLY A 1 1.55 12.58 16.15
N SER A 2 0.83 13.67 16.44
CA SER A 2 1.46 14.87 16.99
C SER A 2 2.31 14.52 18.22
N SER A 3 3.14 15.47 18.63
CA SER A 3 4.01 15.27 19.79
C SER A 3 3.53 16.09 20.98
N GLY A 4 3.17 17.34 20.72
CA GLY A 4 2.69 18.22 21.78
C GLY A 4 1.24 17.98 22.12
N SER A 5 0.41 19.01 21.97
CA SER A 5 -1.00 18.90 22.28
C SER A 5 -1.85 18.94 21.01
N SER A 6 -2.79 18.01 20.90
CA SER A 6 -3.66 17.93 19.74
C SER A 6 -4.84 17.00 19.99
N GLY A 7 -6.02 17.41 19.55
CA GLY A 7 -7.21 16.62 19.74
C GLY A 7 -7.06 15.21 19.18
N SER A 8 -8.13 14.43 19.25
CA SER A 8 -8.11 13.06 18.74
C SER A 8 -8.33 13.04 17.24
N ARG A 9 -7.99 11.91 16.61
CA ARG A 9 -8.16 11.75 15.17
C ARG A 9 -8.20 10.27 14.78
N PRO A 10 -8.97 9.96 13.73
CA PRO A 10 -9.11 8.59 13.24
C PRO A 10 -7.83 8.07 12.59
N ARG A 11 -7.52 6.80 12.81
CA ARG A 11 -6.33 6.19 12.26
C ARG A 11 -6.70 4.97 11.41
N LEU A 12 -5.68 4.32 10.84
CA LEU A 12 -5.89 3.14 10.01
C LEU A 12 -5.69 1.87 10.82
N SER A 13 -6.16 0.75 10.28
CA SER A 13 -6.04 -0.54 10.96
C SER A 13 -4.96 -1.39 10.29
N GLN A 14 -4.68 -2.54 10.89
CA GLN A 14 -3.67 -3.45 10.36
C GLN A 14 -3.93 -3.75 8.89
N LEU A 15 -3.06 -3.25 8.02
CA LEU A 15 -3.20 -3.47 6.58
C LEU A 15 -2.55 -4.79 6.18
N SER A 16 -3.39 -5.79 5.92
CA SER A 16 -2.90 -7.11 5.52
C SER A 16 -3.09 -7.32 4.02
N VAL A 17 -2.40 -8.33 3.48
CA VAL A 17 -2.50 -8.65 2.06
C VAL A 17 -3.04 -10.05 1.84
N THR A 18 -4.22 -10.14 1.24
CA THR A 18 -4.85 -11.43 0.97
C THR A 18 -4.96 -11.68 -0.53
N ASP A 19 -5.28 -12.92 -0.90
CA ASP A 19 -5.41 -13.29 -2.29
C ASP A 19 -4.12 -13.06 -3.06
N VAL A 20 -2.99 -13.17 -2.34
CA VAL A 20 -1.68 -12.97 -2.94
C VAL A 20 -1.57 -13.72 -4.27
N THR A 21 -1.67 -12.99 -5.38
CA THR A 21 -1.58 -13.58 -6.70
C THR A 21 -0.13 -13.63 -7.18
N THR A 22 0.15 -14.58 -8.08
CA THR A 22 1.50 -14.73 -8.61
C THR A 22 2.16 -13.38 -8.85
N SER A 23 1.47 -12.52 -9.59
CA SER A 23 1.99 -11.18 -9.88
C SER A 23 1.02 -10.10 -9.43
N SER A 24 0.20 -10.43 -8.44
CA SER A 24 -0.79 -9.50 -7.92
C SER A 24 -1.16 -9.85 -6.48
N LEU A 25 -2.07 -9.07 -5.90
CA LEU A 25 -2.50 -9.29 -4.53
C LEU A 25 -3.65 -8.36 -4.16
N ARG A 26 -4.17 -8.50 -2.95
CA ARG A 26 -5.27 -7.67 -2.47
C ARG A 26 -4.99 -7.16 -1.06
N LEU A 27 -5.45 -5.94 -0.78
CA LEU A 27 -5.25 -5.35 0.54
C LEU A 27 -6.58 -5.16 1.26
N ASN A 28 -6.53 -5.03 2.57
CA ASN A 28 -7.73 -4.85 3.38
C ASN A 28 -7.42 -4.12 4.68
N TRP A 29 -7.98 -2.92 4.83
CA TRP A 29 -7.75 -2.12 6.02
C TRP A 29 -9.08 -1.65 6.62
N GLU A 30 -9.04 -1.24 7.89
CA GLU A 30 -10.24 -0.78 8.58
C GLU A 30 -10.07 0.66 9.06
N ALA A 31 -11.10 1.46 8.90
CA ALA A 31 -11.07 2.86 9.32
C ALA A 31 -12.43 3.31 9.85
N PRO A 32 -12.42 4.26 10.80
CA PRO A 32 -13.64 4.80 11.40
C PRO A 32 -14.45 5.65 10.42
N PRO A 33 -15.70 5.94 10.78
CA PRO A 33 -16.59 6.75 9.95
C PRO A 33 -16.18 8.20 9.88
N GLY A 34 -16.39 8.83 8.74
CA GLY A 34 -16.02 10.22 8.57
C GLY A 34 -14.56 10.48 8.88
N ALA A 35 -13.71 9.52 8.55
CA ALA A 35 -12.28 9.65 8.80
C ALA A 35 -11.57 10.29 7.61
N PHE A 36 -11.54 9.58 6.48
CA PHE A 36 -10.90 10.08 5.29
C PHE A 36 -11.85 10.04 4.09
N ASP A 37 -11.69 11.00 3.18
CA ASP A 37 -12.54 11.07 1.99
C ASP A 37 -12.16 9.99 0.99
N SER A 38 -10.85 9.81 0.80
CA SER A 38 -10.36 8.80 -0.14
C SER A 38 -9.07 8.17 0.37
N PHE A 39 -8.54 7.22 -0.40
CA PHE A 39 -7.32 6.53 -0.02
C PHE A 39 -6.36 6.44 -1.21
N LEU A 40 -5.13 6.86 -1.01
CA LEU A 40 -4.11 6.82 -2.06
C LEU A 40 -3.00 5.83 -1.72
N LEU A 41 -3.00 4.70 -2.41
CA LEU A 41 -2.00 3.67 -2.19
C LEU A 41 -0.82 3.85 -3.13
N ARG A 42 0.38 3.50 -2.65
CA ARG A 42 1.59 3.62 -3.45
C ARG A 42 2.49 2.40 -3.27
N PHE A 43 2.65 1.62 -4.34
CA PHE A 43 3.49 0.43 -4.28
C PHE A 43 4.72 0.60 -5.16
N GLY A 44 5.89 0.51 -4.55
CA GLY A 44 7.13 0.65 -5.29
C GLY A 44 8.09 -0.50 -5.04
N VAL A 45 9.09 -0.64 -5.92
CA VAL A 45 10.07 -1.70 -5.79
C VAL A 45 11.21 -1.29 -4.87
N PRO A 46 11.28 -1.90 -3.69
CA PRO A 46 12.32 -1.61 -2.69
C PRO A 46 13.69 -2.12 -3.13
N SER A 47 14.59 -1.18 -3.41
CA SER A 47 15.94 -1.53 -3.83
C SER A 47 16.96 -1.19 -2.75
N PRO A 48 17.88 -2.14 -2.49
CA PRO A 48 18.92 -1.96 -1.48
C PRO A 48 19.96 -0.93 -1.90
N SER A 49 20.75 -0.46 -0.93
CA SER A 49 21.78 0.53 -1.20
C SER A 49 23.13 -0.15 -1.47
N THR A 50 23.08 -1.44 -1.76
CA THR A 50 24.29 -2.21 -2.03
C THR A 50 24.37 -2.61 -3.50
N LEU A 51 23.20 -2.82 -4.11
CA LEU A 51 23.14 -3.21 -5.51
C LEU A 51 23.01 -1.98 -6.41
N GLU A 52 23.45 -2.12 -7.66
CA GLU A 52 23.38 -1.02 -8.62
C GLU A 52 21.99 -0.93 -9.24
N PRO A 53 21.58 0.30 -9.58
CA PRO A 53 20.26 0.56 -10.18
C PRO A 53 20.17 0.02 -11.61
N HIS A 54 18.94 -0.21 -12.07
CA HIS A 54 18.72 -0.71 -13.42
C HIS A 54 18.53 0.43 -14.41
N PRO A 55 19.06 0.26 -15.63
CA PRO A 55 18.97 1.27 -16.68
C PRO A 55 17.54 1.42 -17.22
N ARG A 56 16.64 0.58 -16.72
CA ARG A 56 15.25 0.63 -17.14
C ARG A 56 14.37 1.25 -16.06
N PRO A 57 13.39 2.07 -16.49
CA PRO A 57 12.46 2.75 -15.58
C PRO A 57 11.50 1.77 -14.90
N LEU A 58 10.89 2.22 -13.81
CA LEU A 58 9.95 1.39 -13.07
C LEU A 58 8.54 1.97 -13.14
N LEU A 59 7.68 1.36 -13.96
CA LEU A 59 6.31 1.82 -14.10
C LEU A 59 5.55 1.74 -12.78
N GLN A 60 5.46 2.87 -12.09
CA GLN A 60 4.77 2.93 -10.81
C GLN A 60 3.45 3.68 -10.94
N ARG A 61 2.49 3.34 -10.08
CA ARG A 61 1.18 3.99 -10.10
C ARG A 61 0.54 3.97 -8.72
N GLU A 62 -0.64 4.57 -8.61
CA GLU A 62 -1.35 4.62 -7.34
C GLU A 62 -2.83 4.31 -7.53
N LEU A 63 -3.46 3.77 -6.50
CA LEU A 63 -4.87 3.42 -6.55
C LEU A 63 -5.72 4.46 -5.81
N MET A 64 -6.93 4.68 -6.32
CA MET A 64 -7.84 5.65 -5.70
C MET A 64 -9.11 4.97 -5.21
N VAL A 65 -9.28 4.93 -3.88
CA VAL A 65 -10.45 4.31 -3.29
C VAL A 65 -11.04 5.19 -2.19
N PRO A 66 -12.37 5.30 -2.17
CA PRO A 66 -13.09 6.10 -1.18
C PRO A 66 -13.03 5.50 0.22
N GLY A 67 -13.11 6.36 1.23
CA GLY A 67 -13.06 5.88 2.60
C GLY A 67 -13.98 4.70 2.85
N THR A 68 -15.19 4.79 2.30
CA THR A 68 -16.17 3.73 2.46
C THR A 68 -15.62 2.39 1.98
N ARG A 69 -14.68 2.43 1.05
CA ARG A 69 -14.07 1.23 0.52
C ARG A 69 -12.61 1.11 0.96
N HIS A 70 -12.28 -0.03 1.58
CA HIS A 70 -10.93 -0.27 2.05
C HIS A 70 -10.30 -1.46 1.33
N SER A 71 -10.05 -1.31 0.05
CA SER A 71 -9.46 -2.37 -0.76
C SER A 71 -8.46 -1.80 -1.76
N ALA A 72 -7.50 -2.64 -2.16
CA ALA A 72 -6.48 -2.23 -3.11
C ALA A 72 -5.82 -3.44 -3.77
N VAL A 73 -5.89 -3.50 -5.09
CA VAL A 73 -5.30 -4.60 -5.84
C VAL A 73 -4.27 -4.09 -6.85
N LEU A 74 -3.03 -4.54 -6.69
CA LEU A 74 -1.95 -4.14 -7.57
C LEU A 74 -1.60 -5.26 -8.56
N ARG A 75 -1.55 -4.92 -9.84
CA ARG A 75 -1.24 -5.89 -10.88
C ARG A 75 0.12 -5.59 -11.51
N ASP A 76 0.57 -6.47 -12.40
CA ASP A 76 1.84 -6.30 -13.07
C ASP A 76 3.00 -6.32 -12.08
N LEU A 77 2.96 -7.28 -11.15
CA LEU A 77 4.00 -7.42 -10.14
C LEU A 77 4.97 -8.53 -10.51
N ARG A 78 6.07 -8.62 -9.75
CA ARG A 78 7.08 -9.65 -9.99
C ARG A 78 6.69 -10.97 -9.32
N SER A 79 7.46 -12.01 -9.59
CA SER A 79 7.20 -13.33 -9.02
C SER A 79 7.98 -13.52 -7.73
N GLY A 80 7.29 -14.00 -6.70
CA GLY A 80 7.93 -14.23 -5.42
C GLY A 80 8.85 -13.09 -5.02
N THR A 81 8.30 -11.88 -4.98
CA THR A 81 9.07 -10.70 -4.62
C THR A 81 8.38 -9.89 -3.53
N LEU A 82 9.18 -9.24 -2.69
CA LEU A 82 8.63 -8.43 -1.60
C LEU A 82 8.41 -6.99 -2.05
N TYR A 83 7.16 -6.54 -2.02
CA TYR A 83 6.82 -5.19 -2.42
C TYR A 83 6.50 -4.32 -1.21
N SER A 84 6.80 -3.03 -1.31
CA SER A 84 6.55 -2.09 -0.22
C SER A 84 5.35 -1.21 -0.54
N LEU A 85 4.24 -1.46 0.15
CA LEU A 85 3.02 -0.68 -0.06
C LEU A 85 2.86 0.38 1.02
N THR A 86 2.24 1.49 0.67
CA THR A 86 2.02 2.58 1.61
C THR A 86 0.70 3.30 1.34
N LEU A 87 -0.28 3.05 2.21
CA LEU A 87 -1.60 3.67 2.06
C LEU A 87 -1.63 5.04 2.70
N TYR A 88 -2.46 5.93 2.15
CA TYR A 88 -2.57 7.29 2.66
C TYR A 88 -4.04 7.67 2.86
N GLY A 89 -4.38 8.05 4.09
CA GLY A 89 -5.75 8.44 4.40
C GLY A 89 -6.01 9.90 4.15
N LEU A 90 -6.47 10.22 2.94
CA LEU A 90 -6.77 11.60 2.58
C LEU A 90 -8.00 12.11 3.32
N ARG A 91 -7.78 13.03 4.25
CA ARG A 91 -8.87 13.60 5.03
C ARG A 91 -9.40 14.87 4.37
N GLY A 92 -8.94 15.15 3.15
CA GLY A 92 -9.38 16.32 2.44
C GLY A 92 -8.30 16.88 1.54
N PRO A 93 -7.70 18.01 1.96
CA PRO A 93 -6.63 18.67 1.19
C PRO A 93 -5.34 17.87 1.17
N HIS A 94 -4.88 17.47 2.36
CA HIS A 94 -3.65 16.68 2.48
C HIS A 94 -3.90 15.40 3.26
N LYS A 95 -3.03 14.42 3.07
CA LYS A 95 -3.16 13.14 3.76
C LYS A 95 -3.10 13.34 5.28
N ALA A 96 -3.83 12.48 5.99
CA ALA A 96 -3.87 12.56 7.44
C ALA A 96 -3.11 11.39 8.08
N ASP A 97 -3.44 10.18 7.65
CA ASP A 97 -2.79 8.98 8.18
C ASP A 97 -2.07 8.23 7.06
N SER A 98 -1.20 7.30 7.45
CA SER A 98 -0.46 6.50 6.48
C SER A 98 0.05 5.21 7.12
N ILE A 99 -0.28 4.08 6.50
CA ILE A 99 0.15 2.78 7.00
C ILE A 99 1.07 2.08 6.01
N GLN A 100 1.98 1.27 6.54
CA GLN A 100 2.92 0.54 5.70
C GLN A 100 2.64 -0.96 5.74
N GLY A 101 2.21 -1.51 4.61
CA GLY A 101 1.90 -2.93 4.53
C GLY A 101 2.83 -3.67 3.60
N THR A 102 3.50 -4.70 4.13
CA THR A 102 4.43 -5.49 3.32
C THR A 102 3.80 -6.82 2.91
N ALA A 103 4.06 -7.23 1.67
CA ALA A 103 3.51 -8.48 1.15
C ALA A 103 4.48 -9.12 0.15
N ARG A 104 4.45 -10.44 0.08
CA ARG A 104 5.32 -11.17 -0.85
C ARG A 104 4.50 -12.00 -1.83
N THR A 105 4.57 -11.63 -3.10
CA THR A 105 3.83 -12.33 -4.15
C THR A 105 4.22 -13.80 -4.20
N LEU A 106 3.48 -14.59 -4.98
CA LEU A 106 3.76 -16.01 -5.11
C LEU A 106 4.71 -16.27 -6.27
N SER A 107 5.41 -17.42 -6.21
CA SER A 107 6.35 -17.78 -7.25
C SER A 107 5.63 -18.37 -8.46
N GLY A 108 4.56 -19.11 -8.21
CA GLY A 108 3.80 -19.71 -9.29
C GLY A 108 3.47 -21.17 -9.02
N PRO A 109 3.28 -21.94 -10.10
CA PRO A 109 2.95 -23.37 -10.01
C PRO A 109 4.14 -24.20 -9.52
N SER A 110 5.24 -23.53 -9.21
CA SER A 110 6.44 -24.19 -8.75
C SER A 110 6.11 -25.22 -7.67
N SER A 111 6.48 -26.47 -7.92
CA SER A 111 6.20 -27.55 -6.97
C SER A 111 7.50 -28.08 -6.37
N GLY A 112 8.49 -28.33 -7.22
CA GLY A 112 9.76 -28.83 -6.75
C GLY A 112 10.91 -27.87 -7.03
N GLY A 1 4.24 -2.53 26.92
CA GLY A 1 2.88 -2.31 27.38
C GLY A 1 2.22 -1.13 26.71
N SER A 2 0.89 -1.17 26.62
CA SER A 2 0.14 -0.09 25.98
C SER A 2 -1.18 0.14 26.71
N SER A 3 -1.30 1.29 27.37
CA SER A 3 -2.50 1.64 28.11
C SER A 3 -3.46 2.44 27.24
N GLY A 4 -4.68 2.63 27.72
CA GLY A 4 -5.67 3.37 26.98
C GLY A 4 -5.20 4.77 26.60
N SER A 5 -4.79 4.93 25.34
CA SER A 5 -4.30 6.21 24.87
C SER A 5 -5.46 7.12 24.46
N SER A 6 -5.15 8.40 24.24
CA SER A 6 -6.17 9.36 23.84
C SER A 6 -6.11 9.65 22.35
N GLY A 7 -7.08 9.13 21.61
CA GLY A 7 -7.12 9.35 20.17
C GLY A 7 -8.03 10.48 19.78
N SER A 8 -7.50 11.40 18.97
CA SER A 8 -8.27 12.56 18.52
C SER A 8 -8.58 12.45 17.02
N ARG A 9 -7.54 12.20 16.23
CA ARG A 9 -7.71 12.09 14.79
C ARG A 9 -7.88 10.63 14.38
N PRO A 10 -8.47 10.41 13.19
CA PRO A 10 -8.71 9.07 12.66
C PRO A 10 -7.41 8.37 12.26
N ARG A 11 -7.35 7.06 12.50
CA ARG A 11 -6.16 6.27 12.17
C ARG A 11 -6.54 5.04 11.36
N LEU A 12 -5.55 4.42 10.73
CA LEU A 12 -5.79 3.22 9.93
C LEU A 12 -5.55 1.96 10.75
N SER A 13 -6.13 0.85 10.29
CA SER A 13 -5.98 -0.42 10.99
C SER A 13 -4.90 -1.28 10.33
N GLN A 14 -4.67 -2.47 10.89
CA GLN A 14 -3.67 -3.38 10.36
C GLN A 14 -3.97 -3.72 8.89
N LEU A 15 -3.13 -3.22 7.99
CA LEU A 15 -3.30 -3.47 6.57
C LEU A 15 -2.63 -4.78 6.16
N SER A 16 -3.44 -5.82 5.94
CA SER A 16 -2.92 -7.12 5.56
C SER A 16 -3.20 -7.39 4.08
N VAL A 17 -2.45 -8.34 3.51
CA VAL A 17 -2.61 -8.69 2.11
C VAL A 17 -3.14 -10.11 1.96
N THR A 18 -4.25 -10.26 1.23
CA THR A 18 -4.86 -11.56 1.03
C THR A 18 -4.88 -11.91 -0.46
N ASP A 19 -5.29 -13.14 -0.76
CA ASP A 19 -5.35 -13.61 -2.14
C ASP A 19 -4.06 -13.32 -2.88
N VAL A 20 -2.94 -13.47 -2.18
CA VAL A 20 -1.63 -13.22 -2.77
C VAL A 20 -1.51 -13.88 -4.14
N THR A 21 -1.59 -13.06 -5.18
CA THR A 21 -1.50 -13.56 -6.56
C THR A 21 -0.05 -13.66 -7.00
N THR A 22 0.19 -14.42 -8.06
CA THR A 22 1.54 -14.60 -8.59
C THR A 22 2.20 -13.25 -8.86
N SER A 23 1.46 -12.34 -9.49
CA SER A 23 1.98 -11.02 -9.81
C SER A 23 1.03 -9.94 -9.30
N SER A 24 0.16 -10.30 -8.37
CA SER A 24 -0.80 -9.36 -7.81
C SER A 24 -1.24 -9.80 -6.41
N LEU A 25 -2.13 -9.02 -5.80
CA LEU A 25 -2.63 -9.34 -4.47
C LEU A 25 -3.77 -8.40 -4.09
N ARG A 26 -4.34 -8.61 -2.90
CA ARG A 26 -5.43 -7.78 -2.42
C ARG A 26 -5.12 -7.21 -1.04
N LEU A 27 -5.67 -6.04 -0.75
CA LEU A 27 -5.45 -5.39 0.54
C LEU A 27 -6.75 -5.23 1.29
N ASN A 28 -6.66 -5.08 2.62
CA ASN A 28 -7.84 -4.92 3.46
C ASN A 28 -7.49 -4.16 4.74
N TRP A 29 -8.11 -3.00 4.93
CA TRP A 29 -7.88 -2.18 6.11
C TRP A 29 -9.19 -1.67 6.68
N GLU A 30 -9.23 -1.53 8.01
CA GLU A 30 -10.42 -1.04 8.69
C GLU A 30 -10.27 0.42 9.07
N ALA A 31 -11.31 1.21 8.80
CA ALA A 31 -11.30 2.64 9.12
C ALA A 31 -12.67 3.11 9.58
N PRO A 32 -12.68 4.05 10.54
CA PRO A 32 -13.92 4.60 11.09
C PRO A 32 -14.65 5.49 10.08
N PRO A 33 -15.91 5.83 10.39
CA PRO A 33 -16.74 6.68 9.52
C PRO A 33 -16.25 8.12 9.49
N GLY A 34 -16.53 8.81 8.39
CA GLY A 34 -16.12 10.19 8.25
C GLY A 34 -14.66 10.40 8.65
N ALA A 35 -13.84 9.39 8.44
CA ALA A 35 -12.42 9.47 8.77
C ALA A 35 -11.63 10.20 7.69
N PHE A 36 -11.56 9.59 6.52
CA PHE A 36 -10.83 10.19 5.40
C PHE A 36 -11.71 10.25 4.15
N ASP A 37 -11.43 11.21 3.27
CA ASP A 37 -12.19 11.36 2.04
C ASP A 37 -11.91 10.23 1.08
N SER A 38 -10.63 9.87 0.93
CA SER A 38 -10.22 8.80 0.04
C SER A 38 -8.97 8.12 0.55
N PHE A 39 -8.50 7.12 -0.19
CA PHE A 39 -7.30 6.38 0.18
C PHE A 39 -6.34 6.26 -1.00
N LEU A 40 -5.12 6.77 -0.81
CA LEU A 40 -4.10 6.72 -1.85
C LEU A 40 -3.03 5.68 -1.54
N LEU A 41 -3.09 4.56 -2.24
CA LEU A 41 -2.12 3.48 -2.03
C LEU A 41 -0.92 3.65 -2.96
N ARG A 42 0.27 3.60 -2.38
CA ARG A 42 1.50 3.75 -3.16
C ARG A 42 2.39 2.52 -2.99
N PHE A 43 2.60 1.78 -4.08
CA PHE A 43 3.43 0.59 -4.05
C PHE A 43 4.68 0.78 -4.90
N GLY A 44 5.84 0.67 -4.27
CA GLY A 44 7.10 0.84 -4.99
C GLY A 44 8.05 -0.31 -4.74
N VAL A 45 8.96 -0.54 -5.69
CA VAL A 45 9.94 -1.62 -5.58
C VAL A 45 11.11 -1.20 -4.70
N PRO A 46 11.21 -1.82 -3.51
CA PRO A 46 12.29 -1.53 -2.56
C PRO A 46 13.64 -2.04 -3.04
N SER A 47 14.55 -1.09 -3.29
CA SER A 47 15.89 -1.44 -3.76
C SER A 47 16.91 -1.38 -2.62
N PRO A 48 17.67 -2.47 -2.45
CA PRO A 48 18.69 -2.55 -1.40
C PRO A 48 19.87 -1.63 -1.66
N SER A 49 20.69 -1.42 -0.63
CA SER A 49 21.85 -0.55 -0.75
C SER A 49 23.12 -1.38 -0.93
N THR A 50 22.95 -2.66 -1.24
CA THR A 50 24.07 -3.56 -1.45
C THR A 50 24.28 -3.84 -2.93
N LEU A 51 23.19 -3.85 -3.69
CA LEU A 51 23.26 -4.10 -5.12
C LEU A 51 23.42 -2.81 -5.90
N GLU A 52 24.06 -2.89 -7.06
CA GLU A 52 24.28 -1.72 -7.91
C GLU A 52 22.99 -1.31 -8.62
N PRO A 53 22.78 0.00 -8.75
CA PRO A 53 21.59 0.56 -9.40
C PRO A 53 21.59 0.30 -10.91
N HIS A 54 20.39 0.29 -11.50
CA HIS A 54 20.25 0.06 -12.93
C HIS A 54 19.59 1.25 -13.61
N PRO A 55 20.02 1.55 -14.85
CA PRO A 55 19.48 2.66 -15.63
C PRO A 55 18.04 2.41 -16.09
N ARG A 56 17.48 1.27 -15.67
CA ARG A 56 16.12 0.91 -16.03
C ARG A 56 15.12 1.79 -15.30
N PRO A 57 14.27 2.48 -16.08
CA PRO A 57 13.24 3.38 -15.52
C PRO A 57 12.13 2.62 -14.82
N LEU A 58 11.78 3.07 -13.61
CA LEU A 58 10.73 2.42 -12.84
C LEU A 58 9.55 3.37 -12.63
N LEU A 59 8.46 3.11 -13.37
CA LEU A 59 7.27 3.94 -13.27
C LEU A 59 6.46 3.60 -12.01
N GLN A 60 6.05 4.62 -11.29
CA GLN A 60 5.27 4.43 -10.06
C GLN A 60 3.78 4.58 -10.34
N ARG A 61 2.96 3.96 -9.50
CA ARG A 61 1.52 4.02 -9.65
C ARG A 61 0.82 3.94 -8.30
N GLU A 62 -0.41 4.44 -8.23
CA GLU A 62 -1.18 4.41 -7.00
C GLU A 62 -2.66 4.15 -7.28
N LEU A 63 -3.36 3.62 -6.28
CA LEU A 63 -4.77 3.31 -6.42
C LEU A 63 -5.63 4.35 -5.69
N MET A 64 -6.85 4.56 -6.18
CA MET A 64 -7.76 5.52 -5.57
C MET A 64 -9.03 4.83 -5.09
N VAL A 65 -9.28 4.90 -3.78
CA VAL A 65 -10.45 4.28 -3.20
C VAL A 65 -11.06 5.17 -2.11
N PRO A 66 -12.40 5.29 -2.11
CA PRO A 66 -13.12 6.10 -1.13
C PRO A 66 -13.08 5.50 0.27
N GLY A 67 -13.15 6.36 1.28
CA GLY A 67 -13.13 5.89 2.65
C GLY A 67 -14.05 4.72 2.89
N THR A 68 -15.24 4.78 2.30
CA THR A 68 -16.24 3.72 2.45
C THR A 68 -15.67 2.38 1.99
N ARG A 69 -14.73 2.43 1.05
CA ARG A 69 -14.12 1.22 0.51
C ARG A 69 -12.66 1.11 0.97
N HIS A 70 -12.33 -0.01 1.60
CA HIS A 70 -10.97 -0.24 2.09
C HIS A 70 -10.36 -1.46 1.40
N SER A 71 -10.11 -1.33 0.10
CA SER A 71 -9.52 -2.41 -0.67
C SER A 71 -8.54 -1.88 -1.71
N ALA A 72 -7.55 -2.71 -2.06
CA ALA A 72 -6.54 -2.31 -3.04
C ALA A 72 -5.92 -3.53 -3.70
N VAL A 73 -6.02 -3.60 -5.03
CA VAL A 73 -5.46 -4.70 -5.79
C VAL A 73 -4.41 -4.23 -6.78
N LEU A 74 -3.17 -4.65 -6.57
CA LEU A 74 -2.07 -4.27 -7.44
C LEU A 74 -1.84 -5.31 -8.53
N ARG A 75 -1.27 -4.88 -9.65
CA ARG A 75 -1.00 -5.78 -10.76
C ARG A 75 0.36 -5.50 -11.37
N ASP A 76 0.77 -6.34 -12.31
CA ASP A 76 2.07 -6.18 -12.97
C ASP A 76 3.20 -6.25 -11.97
N LEU A 77 3.02 -7.04 -10.93
CA LEU A 77 4.03 -7.20 -9.88
C LEU A 77 5.00 -8.34 -10.22
N ARG A 78 6.23 -8.22 -9.76
CA ARG A 78 7.23 -9.25 -10.01
C ARG A 78 6.88 -10.54 -9.29
N SER A 79 7.29 -11.67 -9.88
CA SER A 79 7.02 -12.97 -9.29
C SER A 79 7.90 -13.22 -8.07
N GLY A 80 7.30 -13.80 -7.04
CA GLY A 80 8.05 -14.08 -5.81
C GLY A 80 8.93 -12.92 -5.40
N THR A 81 8.35 -11.72 -5.34
CA THR A 81 9.09 -10.53 -4.96
C THR A 81 8.39 -9.79 -3.83
N LEU A 82 9.17 -9.17 -2.95
CA LEU A 82 8.63 -8.41 -1.83
C LEU A 82 8.38 -6.97 -2.21
N TYR A 83 7.12 -6.54 -2.14
CA TYR A 83 6.75 -5.18 -2.48
C TYR A 83 6.42 -4.37 -1.24
N SER A 84 6.66 -3.06 -1.29
CA SER A 84 6.38 -2.18 -0.17
C SER A 84 5.14 -1.33 -0.42
N LEU A 85 4.07 -1.62 0.30
CA LEU A 85 2.81 -0.88 0.15
C LEU A 85 2.69 0.19 1.22
N THR A 86 2.13 1.33 0.85
CA THR A 86 1.93 2.44 1.78
C THR A 86 0.64 3.19 1.48
N LEU A 87 -0.33 3.03 2.37
CA LEU A 87 -1.62 3.70 2.21
C LEU A 87 -1.61 5.08 2.85
N TYR A 88 -2.39 5.99 2.29
CA TYR A 88 -2.47 7.36 2.81
C TYR A 88 -3.92 7.78 3.02
N GLY A 89 -4.27 8.04 4.28
CA GLY A 89 -5.63 8.45 4.59
C GLY A 89 -5.89 9.91 4.25
N LEU A 90 -6.26 10.15 2.99
CA LEU A 90 -6.55 11.51 2.53
C LEU A 90 -7.77 12.08 3.24
N ARG A 91 -7.55 13.02 4.14
CA ARG A 91 -8.63 13.65 4.88
C ARG A 91 -9.15 14.89 4.14
N GLY A 92 -8.92 14.92 2.83
CA GLY A 92 -9.37 16.05 2.04
C GLY A 92 -8.25 16.69 1.24
N PRO A 93 -7.76 17.84 1.73
CA PRO A 93 -6.68 18.58 1.06
C PRO A 93 -5.34 17.85 1.18
N HIS A 94 -4.97 17.46 2.39
CA HIS A 94 -3.71 16.76 2.63
C HIS A 94 -3.95 15.46 3.38
N LYS A 95 -3.00 14.54 3.28
CA LYS A 95 -3.12 13.25 3.95
C LYS A 95 -3.18 13.43 5.46
N ALA A 96 -3.89 12.52 6.12
CA ALA A 96 -4.04 12.57 7.57
C ALA A 96 -3.27 11.44 8.25
N ASP A 97 -3.41 10.24 7.71
CA ASP A 97 -2.73 9.07 8.24
C ASP A 97 -1.98 8.31 7.15
N SER A 98 -1.08 7.42 7.56
CA SER A 98 -0.29 6.64 6.62
C SER A 98 0.17 5.33 7.25
N ILE A 99 -0.15 4.22 6.61
CA ILE A 99 0.23 2.91 7.10
C ILE A 99 1.14 2.19 6.11
N GLN A 100 1.90 1.21 6.60
CA GLN A 100 2.81 0.44 5.76
C GLN A 100 2.43 -1.03 5.76
N GLY A 101 2.24 -1.58 4.56
CA GLY A 101 1.87 -2.98 4.45
C GLY A 101 2.73 -3.72 3.44
N THR A 102 3.46 -4.72 3.91
CA THR A 102 4.33 -5.50 3.03
C THR A 102 3.64 -6.78 2.58
N ALA A 103 4.10 -7.34 1.46
CA ALA A 103 3.52 -8.56 0.92
C ALA A 103 4.43 -9.16 -0.15
N ARG A 104 4.62 -10.48 -0.10
CA ARG A 104 5.46 -11.17 -1.06
C ARG A 104 4.61 -12.00 -2.02
N THR A 105 4.64 -11.64 -3.30
CA THR A 105 3.88 -12.35 -4.32
C THR A 105 4.38 -13.79 -4.47
N LEU A 106 3.67 -14.56 -5.30
CA LEU A 106 4.05 -15.96 -5.53
C LEU A 106 4.81 -16.10 -6.85
N SER A 107 5.62 -17.13 -6.95
CA SER A 107 6.41 -17.39 -8.14
C SER A 107 5.53 -17.94 -9.27
N GLY A 108 4.50 -18.67 -8.90
CA GLY A 108 3.59 -19.24 -9.88
C GLY A 108 4.00 -20.63 -10.31
N PRO A 109 3.11 -21.31 -11.05
CA PRO A 109 3.36 -22.67 -11.54
C PRO A 109 4.42 -22.70 -12.63
N SER A 110 4.67 -21.56 -13.25
CA SER A 110 5.65 -21.45 -14.32
C SER A 110 7.05 -21.27 -13.74
N SER A 111 8.05 -21.72 -14.49
CA SER A 111 9.44 -21.62 -14.05
C SER A 111 10.35 -21.24 -15.22
N GLY A 112 11.34 -20.39 -14.94
CA GLY A 112 12.26 -19.96 -15.97
C GLY A 112 12.24 -18.46 -16.18
N GLY A 1 -3.46 8.28 26.60
CA GLY A 1 -3.54 7.36 27.71
C GLY A 1 -4.30 6.10 27.37
N SER A 2 -4.72 5.36 28.39
CA SER A 2 -5.46 4.12 28.19
C SER A 2 -6.96 4.38 28.10
N SER A 3 -7.50 4.33 26.90
CA SER A 3 -8.93 4.57 26.70
C SER A 3 -9.57 3.42 25.92
N GLY A 4 -10.88 3.26 26.10
CA GLY A 4 -11.59 2.19 25.40
C GLY A 4 -12.56 2.72 24.37
N SER A 5 -12.59 2.08 23.21
CA SER A 5 -13.48 2.48 22.13
C SER A 5 -13.49 4.00 21.99
N SER A 6 -12.31 4.61 22.07
CA SER A 6 -12.19 6.06 21.96
C SER A 6 -11.17 6.43 20.88
N GLY A 7 -11.10 7.72 20.57
CA GLY A 7 -10.17 8.18 19.55
C GLY A 7 -10.78 9.24 18.65
N SER A 8 -10.26 10.46 18.74
CA SER A 8 -10.76 11.56 17.93
C SER A 8 -10.09 11.58 16.56
N ARG A 9 -8.78 11.35 16.55
CA ARG A 9 -8.01 11.34 15.32
C ARG A 9 -8.21 10.03 14.56
N PRO A 10 -8.59 10.15 13.27
CA PRO A 10 -8.82 8.99 12.41
C PRO A 10 -7.54 8.24 12.08
N ARG A 11 -7.49 6.95 12.42
CA ARG A 11 -6.32 6.13 12.15
C ARG A 11 -6.71 4.86 11.41
N LEU A 12 -5.75 4.28 10.70
CA LEU A 12 -5.99 3.07 9.93
C LEU A 12 -5.70 1.83 10.78
N SER A 13 -6.15 0.67 10.30
CA SER A 13 -5.95 -0.58 11.02
C SER A 13 -4.84 -1.40 10.37
N GLN A 14 -4.60 -2.59 10.92
CA GLN A 14 -3.56 -3.47 10.39
C GLN A 14 -3.81 -3.79 8.92
N LEU A 15 -2.96 -3.26 8.05
CA LEU A 15 -3.09 -3.49 6.62
C LEU A 15 -2.45 -4.81 6.21
N SER A 16 -3.30 -5.81 5.96
CA SER A 16 -2.82 -7.13 5.56
C SER A 16 -3.12 -7.41 4.10
N VAL A 17 -2.44 -8.38 3.52
CA VAL A 17 -2.63 -8.74 2.13
C VAL A 17 -3.24 -10.14 2.01
N THR A 18 -4.29 -10.25 1.19
CA THR A 18 -4.96 -11.53 0.99
C THR A 18 -5.05 -11.86 -0.50
N ASP A 19 -5.15 -13.15 -0.80
CA ASP A 19 -5.25 -13.61 -2.17
C ASP A 19 -3.97 -13.27 -2.96
N VAL A 20 -2.84 -13.37 -2.27
CA VAL A 20 -1.55 -13.07 -2.90
C VAL A 20 -1.40 -13.81 -4.22
N THR A 21 -1.57 -13.09 -5.33
CA THR A 21 -1.44 -13.68 -6.65
C THR A 21 0.00 -13.63 -7.15
N THR A 22 0.33 -14.51 -8.09
CA THR A 22 1.67 -14.56 -8.65
C THR A 22 2.21 -13.15 -8.91
N SER A 23 1.46 -12.35 -9.65
CA SER A 23 1.87 -10.99 -9.97
C SER A 23 0.81 -9.99 -9.52
N SER A 24 0.02 -10.38 -8.53
CA SER A 24 -1.03 -9.52 -8.01
C SER A 24 -1.36 -9.89 -6.56
N LEU A 25 -2.27 -9.13 -5.96
CA LEU A 25 -2.68 -9.37 -4.58
C LEU A 25 -3.82 -8.44 -4.18
N ARG A 26 -4.26 -8.56 -2.92
CA ARG A 26 -5.35 -7.73 -2.42
C ARG A 26 -5.03 -7.22 -1.01
N LEU A 27 -5.57 -6.06 -0.68
CA LEU A 27 -5.35 -5.46 0.64
C LEU A 27 -6.66 -5.27 1.38
N ASN A 28 -6.57 -5.10 2.69
CA ASN A 28 -7.76 -4.90 3.52
C ASN A 28 -7.41 -4.15 4.79
N TRP A 29 -7.98 -2.94 4.94
CA TRP A 29 -7.72 -2.13 6.12
C TRP A 29 -9.03 -1.63 6.73
N GLU A 30 -9.06 -1.56 8.06
CA GLU A 30 -10.27 -1.12 8.76
C GLU A 30 -10.13 0.35 9.17
N ALA A 31 -11.15 1.14 8.85
CA ALA A 31 -11.15 2.56 9.20
C ALA A 31 -12.57 3.05 9.50
N PRO A 32 -12.67 3.97 10.48
CA PRO A 32 -13.95 4.53 10.90
C PRO A 32 -14.55 5.46 9.84
N PRO A 33 -15.83 5.81 10.02
CA PRO A 33 -16.54 6.69 9.09
C PRO A 33 -16.04 8.12 9.14
N GLY A 34 -16.25 8.87 8.07
CA GLY A 34 -15.80 10.25 8.02
C GLY A 34 -14.35 10.41 8.41
N ALA A 35 -13.59 9.31 8.35
CA ALA A 35 -12.19 9.34 8.72
C ALA A 35 -11.35 9.96 7.60
N PHE A 36 -11.63 9.56 6.37
CA PHE A 36 -10.90 10.08 5.21
C PHE A 36 -11.79 10.09 3.96
N ASP A 37 -11.59 11.09 3.12
CA ASP A 37 -12.36 11.21 1.89
C ASP A 37 -12.00 10.11 0.90
N SER A 38 -10.71 9.79 0.82
CA SER A 38 -10.24 8.76 -0.08
C SER A 38 -8.98 8.08 0.46
N PHE A 39 -8.46 7.12 -0.28
CA PHE A 39 -7.26 6.40 0.13
C PHE A 39 -6.27 6.27 -1.03
N LEU A 40 -5.05 6.75 -0.82
CA LEU A 40 -4.02 6.68 -1.85
C LEU A 40 -2.99 5.62 -1.51
N LEU A 41 -3.02 4.51 -2.24
CA LEU A 41 -2.08 3.43 -2.02
C LEU A 41 -0.85 3.58 -2.92
N ARG A 42 0.32 3.67 -2.30
CA ARG A 42 1.57 3.82 -3.04
C ARG A 42 2.43 2.57 -2.90
N PHE A 43 2.64 1.87 -4.02
CA PHE A 43 3.44 0.66 -4.02
C PHE A 43 4.72 0.86 -4.83
N GLY A 44 5.87 0.77 -4.14
CA GLY A 44 7.14 0.95 -4.81
C GLY A 44 8.09 -0.21 -4.57
N VAL A 45 9.12 -0.31 -5.39
CA VAL A 45 10.10 -1.39 -5.27
C VAL A 45 11.24 -0.98 -4.35
N PRO A 46 11.27 -1.57 -3.14
CA PRO A 46 12.31 -1.30 -2.15
C PRO A 46 13.68 -1.83 -2.56
N SER A 47 14.58 -0.93 -2.93
CA SER A 47 15.91 -1.32 -3.35
C SER A 47 16.84 -1.45 -2.15
N PRO A 48 17.64 -2.53 -2.14
CA PRO A 48 18.59 -2.79 -1.05
C PRO A 48 19.76 -1.81 -1.05
N SER A 49 20.07 -1.29 0.14
CA SER A 49 21.16 -0.33 0.28
C SER A 49 22.51 -1.00 0.02
N THR A 50 22.56 -2.32 0.21
CA THR A 50 23.78 -3.08 -0.02
C THR A 50 24.12 -3.17 -1.49
N LEU A 51 23.08 -3.17 -2.33
CA LEU A 51 23.26 -3.26 -3.78
C LEU A 51 23.14 -1.88 -4.43
N GLU A 52 23.73 -1.74 -5.61
CA GLU A 52 23.69 -0.47 -6.34
C GLU A 52 22.42 -0.37 -7.18
N PRO A 53 21.87 0.85 -7.27
CA PRO A 53 20.65 1.11 -8.04
C PRO A 53 20.88 1.00 -9.54
N HIS A 54 19.80 0.82 -10.29
CA HIS A 54 19.88 0.70 -11.75
C HIS A 54 19.74 2.06 -12.42
N PRO A 55 20.45 2.26 -13.54
CA PRO A 55 20.41 3.50 -14.30
C PRO A 55 19.07 3.73 -14.99
N ARG A 56 18.17 2.76 -14.85
CA ARG A 56 16.85 2.85 -15.46
C ARG A 56 15.79 3.23 -14.42
N PRO A 57 14.83 4.07 -14.84
CA PRO A 57 13.75 4.53 -13.96
C PRO A 57 12.76 3.41 -13.62
N LEU A 58 11.98 3.63 -12.57
CA LEU A 58 10.99 2.64 -12.16
C LEU A 58 9.58 3.20 -12.25
N LEU A 59 8.74 2.57 -13.07
CA LEU A 59 7.36 3.01 -13.24
C LEU A 59 6.56 2.83 -11.96
N GLN A 60 6.18 3.94 -11.34
CA GLN A 60 5.41 3.90 -10.11
C GLN A 60 3.94 4.22 -10.38
N ARG A 61 3.06 3.74 -9.50
CA ARG A 61 1.64 3.96 -9.64
C ARG A 61 0.96 4.04 -8.28
N GLU A 62 -0.35 4.32 -8.28
CA GLU A 62 -1.11 4.41 -7.05
C GLU A 62 -2.58 4.10 -7.28
N LEU A 63 -3.27 3.65 -6.23
CA LEU A 63 -4.68 3.32 -6.33
C LEU A 63 -5.54 4.40 -5.70
N MET A 64 -6.80 4.49 -6.13
CA MET A 64 -7.72 5.48 -5.61
C MET A 64 -9.01 4.82 -5.11
N VAL A 65 -9.25 4.89 -3.81
CA VAL A 65 -10.43 4.30 -3.21
C VAL A 65 -11.00 5.20 -2.12
N PRO A 66 -12.34 5.34 -2.11
CA PRO A 66 -13.04 6.17 -1.12
C PRO A 66 -12.99 5.56 0.28
N GLY A 67 -13.02 6.42 1.30
CA GLY A 67 -12.98 5.95 2.66
C GLY A 67 -13.92 4.78 2.91
N THR A 68 -15.14 4.90 2.38
CA THR A 68 -16.14 3.85 2.55
C THR A 68 -15.60 2.50 2.08
N ARG A 69 -14.71 2.54 1.10
CA ARG A 69 -14.12 1.32 0.56
C ARG A 69 -12.66 1.19 0.99
N HIS A 70 -12.34 0.09 1.66
CA HIS A 70 -10.98 -0.16 2.12
C HIS A 70 -10.39 -1.39 1.44
N SER A 71 -10.16 -1.29 0.13
CA SER A 71 -9.60 -2.40 -0.63
C SER A 71 -8.61 -1.89 -1.68
N ALA A 72 -7.60 -2.70 -1.96
CA ALA A 72 -6.59 -2.33 -2.94
C ALA A 72 -5.96 -3.57 -3.58
N VAL A 73 -6.05 -3.66 -4.90
CA VAL A 73 -5.49 -4.79 -5.63
C VAL A 73 -4.47 -4.35 -6.67
N LEU A 74 -3.23 -4.82 -6.52
CA LEU A 74 -2.17 -4.46 -7.45
C LEU A 74 -2.00 -5.52 -8.53
N ARG A 75 -1.71 -5.07 -9.74
CA ARG A 75 -1.54 -5.98 -10.87
C ARG A 75 -0.18 -5.74 -11.55
N ASP A 76 0.10 -6.54 -12.56
CA ASP A 76 1.36 -6.41 -13.30
C ASP A 76 2.54 -6.38 -12.35
N LEU A 77 2.45 -7.11 -11.25
CA LEU A 77 3.51 -7.16 -10.26
C LEU A 77 4.58 -8.17 -10.66
N ARG A 78 5.60 -8.30 -9.82
CA ARG A 78 6.69 -9.23 -10.07
C ARG A 78 6.41 -10.59 -9.45
N SER A 79 7.39 -11.50 -9.52
CA SER A 79 7.24 -12.83 -8.97
C SER A 79 8.10 -13.00 -7.72
N GLY A 80 7.57 -13.73 -6.74
CA GLY A 80 8.30 -13.95 -5.50
C GLY A 80 9.15 -12.75 -5.11
N THR A 81 8.53 -11.58 -5.09
CA THR A 81 9.23 -10.35 -4.73
C THR A 81 8.46 -9.56 -3.68
N LEU A 82 9.18 -9.05 -2.69
CA LEU A 82 8.56 -8.27 -1.62
C LEU A 82 8.36 -6.82 -2.04
N TYR A 83 7.10 -6.39 -2.06
CA TYR A 83 6.76 -5.02 -2.45
C TYR A 83 6.45 -4.16 -1.23
N SER A 84 6.78 -2.88 -1.30
CA SER A 84 6.54 -1.96 -0.20
C SER A 84 5.28 -1.13 -0.47
N LEU A 85 4.22 -1.43 0.26
CA LEU A 85 2.96 -0.71 0.11
C LEU A 85 2.79 0.32 1.22
N THR A 86 2.13 1.43 0.89
CA THR A 86 1.89 2.49 1.86
C THR A 86 0.59 3.24 1.55
N LEU A 87 -0.40 3.06 2.41
CA LEU A 87 -1.69 3.72 2.23
C LEU A 87 -1.69 5.09 2.87
N TYR A 88 -2.49 6.00 2.32
CA TYR A 88 -2.58 7.36 2.84
C TYR A 88 -4.04 7.77 3.04
N GLY A 89 -4.39 8.08 4.28
CA GLY A 89 -5.75 8.48 4.59
C GLY A 89 -6.01 9.94 4.26
N LEU A 90 -6.30 10.22 3.00
CA LEU A 90 -6.57 11.59 2.56
C LEU A 90 -7.79 12.15 3.26
N ARG A 91 -7.56 13.09 4.17
CA ARG A 91 -8.64 13.71 4.92
C ARG A 91 -9.03 15.06 4.30
N GLY A 92 -8.77 15.20 3.01
CA GLY A 92 -9.09 16.43 2.31
C GLY A 92 -8.00 16.87 1.36
N PRO A 93 -7.42 18.05 1.63
CA PRO A 93 -6.33 18.60 0.80
C PRO A 93 -5.03 17.81 0.93
N HIS A 94 -4.68 17.46 2.17
CA HIS A 94 -3.46 16.71 2.42
C HIS A 94 -3.76 15.45 3.22
N LYS A 95 -2.87 14.47 3.15
CA LYS A 95 -3.03 13.21 3.86
C LYS A 95 -2.98 13.44 5.38
N ALA A 96 -3.74 12.64 6.12
CA ALA A 96 -3.76 12.75 7.57
C ALA A 96 -3.04 11.57 8.22
N ASP A 97 -3.33 10.37 7.76
CA ASP A 97 -2.71 9.16 8.29
C ASP A 97 -2.07 8.35 7.18
N SER A 98 -1.24 7.39 7.57
CA SER A 98 -0.55 6.53 6.60
C SER A 98 -0.06 5.24 7.26
N ILE A 99 -0.33 4.12 6.60
CA ILE A 99 0.08 2.82 7.12
C ILE A 99 1.06 2.12 6.17
N GLN A 100 1.86 1.21 6.72
CA GLN A 100 2.83 0.48 5.91
C GLN A 100 2.51 -1.01 5.90
N GLY A 101 2.16 -1.52 4.73
CA GLY A 101 1.83 -2.93 4.60
C GLY A 101 2.74 -3.66 3.64
N THR A 102 3.53 -4.59 4.16
CA THR A 102 4.46 -5.36 3.35
C THR A 102 3.86 -6.70 2.94
N ALA A 103 4.13 -7.12 1.71
CA ALA A 103 3.61 -8.39 1.21
C ALA A 103 4.51 -8.94 0.11
N ARG A 104 4.62 -10.27 0.05
CA ARG A 104 5.44 -10.93 -0.95
C ARG A 104 4.59 -11.75 -1.90
N THR A 105 4.70 -11.46 -3.20
CA THR A 105 3.93 -12.17 -4.22
C THR A 105 4.36 -13.63 -4.29
N LEU A 106 3.66 -14.40 -5.12
CA LEU A 106 3.96 -15.82 -5.28
C LEU A 106 4.88 -16.04 -6.49
N SER A 107 5.67 -17.11 -6.43
CA SER A 107 6.60 -17.43 -7.51
C SER A 107 5.88 -18.18 -8.63
N GLY A 108 4.86 -18.95 -8.26
CA GLY A 108 4.11 -19.70 -9.25
C GLY A 108 3.71 -21.08 -8.75
N PRO A 109 2.93 -21.81 -9.57
CA PRO A 109 2.46 -23.15 -9.23
C PRO A 109 3.59 -24.17 -9.21
N SER A 110 4.80 -23.72 -9.56
CA SER A 110 5.96 -24.60 -9.59
C SER A 110 6.60 -24.70 -8.20
N SER A 111 5.87 -25.28 -7.26
CA SER A 111 6.37 -25.44 -5.90
C SER A 111 7.28 -26.67 -5.79
N GLY A 112 8.59 -26.40 -5.70
CA GLY A 112 9.54 -27.49 -5.60
C GLY A 112 9.23 -28.43 -4.45
N GLY A 1 15.32 23.45 18.53
CA GLY A 1 14.33 22.48 18.10
C GLY A 1 13.17 22.37 19.06
N SER A 2 11.99 22.06 18.54
CA SER A 2 10.79 21.94 19.36
C SER A 2 10.09 20.60 19.09
N SER A 3 9.69 19.93 20.17
CA SER A 3 9.02 18.64 20.06
C SER A 3 7.50 18.83 20.09
N GLY A 4 6.83 18.37 19.03
CA GLY A 4 5.39 18.50 18.95
C GLY A 4 4.75 17.35 18.19
N SER A 5 4.18 16.40 18.93
CA SER A 5 3.54 15.24 18.32
C SER A 5 2.02 15.40 18.31
N SER A 6 1.43 15.34 17.13
CA SER A 6 -0.01 15.48 16.98
C SER A 6 -0.53 14.61 15.84
N GLY A 7 -1.43 13.68 16.17
CA GLY A 7 -1.99 12.80 15.17
C GLY A 7 -3.50 12.72 15.24
N SER A 8 -4.16 12.99 14.13
CA SER A 8 -5.62 12.96 14.08
C SER A 8 -6.17 11.82 14.93
N ARG A 9 -7.40 11.98 15.40
CA ARG A 9 -8.03 10.96 16.23
C ARG A 9 -8.17 9.65 15.47
N PRO A 10 -8.89 9.69 14.35
CA PRO A 10 -9.11 8.50 13.51
C PRO A 10 -7.85 8.04 12.80
N ARG A 11 -7.51 6.77 12.98
CA ARG A 11 -6.32 6.21 12.35
C ARG A 11 -6.65 4.93 11.59
N LEU A 12 -5.74 4.52 10.71
CA LEU A 12 -5.94 3.31 9.92
C LEU A 12 -5.71 2.06 10.76
N SER A 13 -6.19 0.93 10.25
CA SER A 13 -6.04 -0.34 10.96
C SER A 13 -4.94 -1.19 10.34
N GLN A 14 -4.71 -2.37 10.90
CA GLN A 14 -3.69 -3.28 10.41
C GLN A 14 -3.93 -3.62 8.94
N LEU A 15 -3.06 -3.12 8.07
CA LEU A 15 -3.18 -3.36 6.64
C LEU A 15 -2.59 -4.72 6.27
N SER A 16 -3.46 -5.69 6.01
CA SER A 16 -3.02 -7.04 5.65
C SER A 16 -3.22 -7.29 4.16
N VAL A 17 -2.51 -8.27 3.64
CA VAL A 17 -2.60 -8.62 2.22
C VAL A 17 -3.07 -10.06 2.04
N THR A 18 -4.18 -10.25 1.34
CA THR A 18 -4.72 -11.58 1.10
C THR A 18 -4.81 -11.87 -0.40
N ASP A 19 -5.08 -13.13 -0.73
CA ASP A 19 -5.18 -13.54 -2.14
C ASP A 19 -3.89 -13.24 -2.89
N VAL A 20 -2.76 -13.36 -2.19
CA VAL A 20 -1.46 -13.11 -2.80
C VAL A 20 -1.33 -13.82 -4.14
N THR A 21 -1.46 -13.06 -5.22
CA THR A 21 -1.36 -13.62 -6.56
C THR A 21 0.09 -13.63 -7.04
N THR A 22 0.39 -14.55 -7.96
CA THR A 22 1.74 -14.66 -8.51
C THR A 22 2.33 -13.29 -8.81
N SER A 23 1.55 -12.46 -9.51
CA SER A 23 2.01 -11.12 -9.88
C SER A 23 1.00 -10.07 -9.42
N SER A 24 0.19 -10.43 -8.43
CA SER A 24 -0.83 -9.53 -7.90
C SER A 24 -1.19 -9.89 -6.46
N LEU A 25 -2.11 -9.14 -5.88
CA LEU A 25 -2.55 -9.38 -4.51
C LEU A 25 -3.70 -8.46 -4.13
N ARG A 26 -4.18 -8.59 -2.90
CA ARG A 26 -5.27 -7.76 -2.41
C ARG A 26 -4.96 -7.22 -1.01
N LEU A 27 -5.44 -6.02 -0.73
CA LEU A 27 -5.22 -5.39 0.57
C LEU A 27 -6.53 -5.22 1.32
N ASN A 28 -6.44 -5.01 2.63
CA ASN A 28 -7.63 -4.83 3.46
C ASN A 28 -7.30 -4.02 4.71
N TRP A 29 -7.99 -2.91 4.89
CA TRP A 29 -7.77 -2.05 6.05
C TRP A 29 -9.09 -1.52 6.60
N GLU A 30 -9.17 -1.40 7.91
CA GLU A 30 -10.39 -0.91 8.57
C GLU A 30 -10.23 0.55 8.96
N ALA A 31 -11.27 1.34 8.72
CA ALA A 31 -11.25 2.76 9.06
C ALA A 31 -12.61 3.22 9.57
N PRO A 32 -12.61 4.15 10.53
CA PRO A 32 -13.83 4.69 11.13
C PRO A 32 -14.60 5.57 10.15
N PRO A 33 -15.86 5.90 10.50
CA PRO A 33 -16.72 6.74 9.67
C PRO A 33 -16.25 8.19 9.63
N GLY A 34 -16.39 8.83 8.47
CA GLY A 34 -15.98 10.21 8.32
C GLY A 34 -14.54 10.43 8.75
N ALA A 35 -13.67 9.48 8.43
CA ALA A 35 -12.26 9.58 8.79
C ALA A 35 -11.46 10.29 7.70
N PHE A 36 -11.58 9.79 6.46
CA PHE A 36 -10.87 10.36 5.34
C PHE A 36 -11.77 10.44 4.11
N ASP A 37 -11.42 11.32 3.18
CA ASP A 37 -12.19 11.49 1.96
C ASP A 37 -11.92 10.35 0.97
N SER A 38 -10.65 9.97 0.86
CA SER A 38 -10.25 8.90 -0.05
C SER A 38 -8.99 8.21 0.45
N PHE A 39 -8.53 7.21 -0.30
CA PHE A 39 -7.33 6.46 0.07
C PHE A 39 -6.39 6.34 -1.12
N LEU A 40 -5.14 6.78 -0.92
CA LEU A 40 -4.14 6.72 -1.98
C LEU A 40 -3.02 5.74 -1.62
N LEU A 41 -3.05 4.56 -2.22
CA LEU A 41 -2.05 3.55 -1.96
C LEU A 41 -0.86 3.70 -2.91
N ARG A 42 0.34 3.71 -2.33
CA ARG A 42 1.56 3.86 -3.13
C ARG A 42 2.46 2.63 -2.99
N PHE A 43 2.62 1.89 -4.08
CA PHE A 43 3.44 0.68 -4.07
C PHE A 43 4.73 0.91 -4.86
N GLY A 44 5.87 0.74 -4.20
CA GLY A 44 7.15 0.92 -4.85
C GLY A 44 8.07 -0.26 -4.66
N VAL A 45 8.94 -0.50 -5.64
CA VAL A 45 9.87 -1.61 -5.59
C VAL A 45 11.07 -1.27 -4.71
N PRO A 46 11.17 -1.94 -3.55
CA PRO A 46 12.26 -1.73 -2.59
C PRO A 46 13.60 -2.25 -3.11
N SER A 47 14.51 -1.32 -3.40
CA SER A 47 15.83 -1.69 -3.91
C SER A 47 16.91 -1.42 -2.86
N PRO A 48 17.90 -2.32 -2.79
CA PRO A 48 19.01 -2.20 -1.84
C PRO A 48 19.95 -1.06 -2.18
N SER A 49 20.66 -0.56 -1.18
CA SER A 49 21.60 0.54 -1.36
C SER A 49 23.02 0.02 -1.51
N THR A 50 23.16 -1.29 -1.70
CA THR A 50 24.47 -1.91 -1.84
C THR A 50 24.74 -2.25 -3.30
N LEU A 51 23.70 -2.58 -4.05
CA LEU A 51 23.83 -2.92 -5.45
C LEU A 51 23.77 -1.67 -6.33
N GLU A 52 24.22 -1.81 -7.58
CA GLU A 52 24.22 -0.69 -8.52
C GLU A 52 22.85 -0.53 -9.15
N PRO A 53 22.41 0.74 -9.29
CA PRO A 53 21.11 1.06 -9.89
C PRO A 53 21.07 0.78 -11.38
N HIS A 54 19.90 0.42 -11.89
CA HIS A 54 19.73 0.13 -13.30
C HIS A 54 19.51 1.40 -14.10
N PRO A 55 20.03 1.42 -15.35
CA PRO A 55 19.89 2.59 -16.24
C PRO A 55 18.46 2.79 -16.72
N ARG A 56 17.56 1.92 -16.28
CA ARG A 56 16.16 2.00 -16.66
C ARG A 56 15.30 2.49 -15.49
N PRO A 57 14.54 3.58 -15.74
CA PRO A 57 13.67 4.16 -14.72
C PRO A 57 12.47 3.28 -14.40
N LEU A 58 11.95 3.42 -13.19
CA LEU A 58 10.79 2.63 -12.77
C LEU A 58 9.60 3.53 -12.46
N LEU A 59 8.62 3.53 -13.36
CA LEU A 59 7.42 4.35 -13.19
C LEU A 59 6.66 3.93 -11.93
N GLN A 60 6.09 4.91 -11.24
CA GLN A 60 5.32 4.65 -10.03
C GLN A 60 3.82 4.73 -10.30
N ARG A 61 3.05 4.00 -9.51
CA ARG A 61 1.59 3.99 -9.66
C ARG A 61 0.91 4.02 -8.30
N GLU A 62 -0.38 4.36 -8.30
CA GLU A 62 -1.15 4.42 -7.06
C GLU A 62 -2.63 4.15 -7.33
N LEU A 63 -3.32 3.66 -6.31
CA LEU A 63 -4.75 3.34 -6.43
C LEU A 63 -5.60 4.42 -5.76
N MET A 64 -6.84 4.55 -6.22
CA MET A 64 -7.77 5.53 -5.67
C MET A 64 -9.05 4.87 -5.19
N VAL A 65 -9.26 4.87 -3.87
CA VAL A 65 -10.45 4.28 -3.29
C VAL A 65 -11.06 5.19 -2.24
N PRO A 66 -12.40 5.29 -2.24
CA PRO A 66 -13.14 6.13 -1.29
C PRO A 66 -13.09 5.58 0.13
N GLY A 67 -13.10 6.47 1.11
CA GLY A 67 -13.06 6.04 2.50
C GLY A 67 -13.99 4.89 2.78
N THR A 68 -15.18 4.93 2.18
CA THR A 68 -16.18 3.88 2.37
C THR A 68 -15.61 2.52 1.99
N ARG A 69 -14.75 2.51 0.98
CA ARG A 69 -14.14 1.26 0.51
C ARG A 69 -12.69 1.17 0.96
N HIS A 70 -12.33 0.04 1.55
CA HIS A 70 -10.97 -0.17 2.03
C HIS A 70 -10.35 -1.40 1.37
N SER A 71 -10.13 -1.31 0.06
CA SER A 71 -9.54 -2.40 -0.70
C SER A 71 -8.57 -1.88 -1.75
N ALA A 72 -7.55 -2.68 -2.05
CA ALA A 72 -6.55 -2.30 -3.04
C ALA A 72 -5.95 -3.53 -3.72
N VAL A 73 -6.06 -3.58 -5.04
CA VAL A 73 -5.54 -4.70 -5.81
C VAL A 73 -4.52 -4.24 -6.84
N LEU A 74 -3.27 -4.63 -6.65
CA LEU A 74 -2.19 -4.26 -7.56
C LEU A 74 -1.95 -5.35 -8.60
N ARG A 75 -1.52 -4.93 -9.79
CA ARG A 75 -1.26 -5.87 -10.87
C ARG A 75 0.11 -5.61 -11.50
N ASP A 76 0.46 -6.40 -12.51
CA ASP A 76 1.74 -6.25 -13.20
C ASP A 76 2.89 -6.26 -12.19
N LEU A 77 2.76 -7.08 -11.16
CA LEU A 77 3.80 -7.18 -10.13
C LEU A 77 4.82 -8.25 -10.49
N ARG A 78 5.88 -8.35 -9.69
CA ARG A 78 6.93 -9.33 -9.93
C ARG A 78 6.63 -10.64 -9.21
N SER A 79 7.16 -11.73 -9.73
CA SER A 79 6.94 -13.05 -9.15
C SER A 79 7.91 -13.30 -7.99
N GLY A 80 7.40 -13.89 -6.91
CA GLY A 80 8.24 -14.17 -5.76
C GLY A 80 9.11 -13.00 -5.38
N THR A 81 8.50 -11.83 -5.23
CA THR A 81 9.22 -10.62 -4.87
C THR A 81 8.49 -9.84 -3.79
N LEU A 82 9.26 -9.17 -2.93
CA LEU A 82 8.68 -8.38 -1.84
C LEU A 82 8.37 -6.96 -2.31
N TYR A 83 7.13 -6.53 -2.09
CA TYR A 83 6.71 -5.19 -2.48
C TYR A 83 6.42 -4.33 -1.26
N SER A 84 6.69 -3.04 -1.37
CA SER A 84 6.45 -2.10 -0.27
C SER A 84 5.21 -1.26 -0.53
N LEU A 85 4.14 -1.54 0.21
CA LEU A 85 2.89 -0.81 0.05
C LEU A 85 2.73 0.23 1.16
N THR A 86 2.13 1.36 0.83
CA THR A 86 1.91 2.43 1.80
C THR A 86 0.60 3.17 1.51
N LEU A 87 -0.37 3.01 2.41
CA LEU A 87 -1.66 3.67 2.25
C LEU A 87 -1.64 5.08 2.85
N TYR A 88 -2.45 5.96 2.28
CA TYR A 88 -2.51 7.34 2.76
C TYR A 88 -3.96 7.78 2.96
N GLY A 89 -4.33 8.00 4.22
CA GLY A 89 -5.69 8.42 4.52
C GLY A 89 -5.94 9.87 4.18
N LEU A 90 -6.27 10.13 2.92
CA LEU A 90 -6.53 11.50 2.46
C LEU A 90 -7.77 12.07 3.15
N ARG A 91 -7.54 12.99 4.09
CA ARG A 91 -8.64 13.61 4.82
C ARG A 91 -9.16 14.84 4.07
N GLY A 92 -8.86 14.90 2.78
CA GLY A 92 -9.30 16.02 1.97
C GLY A 92 -8.18 16.65 1.17
N PRO A 93 -7.68 17.80 1.64
CA PRO A 93 -6.60 18.52 0.97
C PRO A 93 -5.26 17.80 1.08
N HIS A 94 -4.89 17.42 2.30
CA HIS A 94 -3.64 16.70 2.54
C HIS A 94 -3.89 15.41 3.29
N LYS A 95 -2.95 14.49 3.19
CA LYS A 95 -3.06 13.20 3.87
C LYS A 95 -3.09 13.38 5.38
N ALA A 96 -3.90 12.56 6.06
CA ALA A 96 -4.02 12.64 7.51
C ALA A 96 -3.26 11.49 8.18
N ASP A 97 -3.45 10.29 7.66
CA ASP A 97 -2.79 9.10 8.21
C ASP A 97 -2.07 8.32 7.11
N SER A 98 -1.19 7.42 7.51
CA SER A 98 -0.43 6.61 6.56
C SER A 98 0.01 5.30 7.20
N ILE A 99 -0.25 4.19 6.51
CA ILE A 99 0.13 2.88 7.02
C ILE A 99 1.08 2.18 6.05
N GLN A 100 1.78 1.17 6.55
CA GLN A 100 2.73 0.42 5.74
C GLN A 100 2.37 -1.07 5.73
N GLY A 101 2.13 -1.60 4.53
CA GLY A 101 1.78 -3.00 4.40
C GLY A 101 2.69 -3.74 3.44
N THR A 102 3.44 -4.71 3.97
CA THR A 102 4.35 -5.49 3.14
C THR A 102 3.75 -6.84 2.78
N ALA A 103 4.08 -7.33 1.59
CA ALA A 103 3.58 -8.61 1.12
C ALA A 103 4.49 -9.21 0.06
N ARG A 104 4.62 -10.53 0.07
CA ARG A 104 5.47 -11.22 -0.90
C ARG A 104 4.62 -12.00 -1.90
N THR A 105 4.76 -11.66 -3.18
CA THR A 105 4.00 -12.33 -4.23
C THR A 105 4.46 -13.76 -4.42
N LEU A 106 3.65 -14.55 -5.11
CA LEU A 106 3.98 -15.96 -5.35
C LEU A 106 4.77 -16.12 -6.64
N SER A 107 5.58 -17.17 -6.71
CA SER A 107 6.40 -17.44 -7.89
C SER A 107 5.54 -17.99 -9.03
N GLY A 108 4.58 -18.83 -8.68
CA GLY A 108 3.71 -19.42 -9.68
C GLY A 108 4.32 -20.65 -10.34
N PRO A 109 3.53 -21.32 -11.20
CA PRO A 109 3.98 -22.52 -11.91
C PRO A 109 5.04 -22.21 -12.96
N SER A 110 4.91 -21.05 -13.61
CA SER A 110 5.86 -20.64 -14.64
C SER A 110 7.21 -20.30 -14.03
N SER A 111 8.09 -21.30 -13.96
CA SER A 111 9.42 -21.11 -13.40
C SER A 111 10.50 -21.43 -14.42
N GLY A 112 11.76 -21.21 -14.05
CA GLY A 112 12.87 -21.48 -14.94
C GLY A 112 14.04 -22.14 -14.24
N GLY A 1 -6.12 26.13 19.57
CA GLY A 1 -7.06 27.24 19.64
C GLY A 1 -8.01 27.14 20.82
N SER A 2 -9.30 27.04 20.52
CA SER A 2 -10.31 26.94 21.57
C SER A 2 -11.02 25.59 21.50
N SER A 3 -11.19 24.96 22.66
CA SER A 3 -11.86 23.67 22.74
C SER A 3 -13.08 23.63 21.82
N GLY A 4 -13.11 22.64 20.94
CA GLY A 4 -14.23 22.49 20.02
C GLY A 4 -15.28 21.53 20.51
N SER A 5 -15.77 20.68 19.61
CA SER A 5 -16.79 19.70 19.96
C SER A 5 -16.30 18.28 19.68
N SER A 6 -15.91 18.03 18.45
CA SER A 6 -15.41 16.70 18.06
C SER A 6 -13.91 16.73 17.82
N GLY A 7 -13.16 16.12 18.73
CA GLY A 7 -11.72 16.08 18.60
C GLY A 7 -11.17 14.67 18.58
N SER A 8 -11.49 13.92 17.53
CA SER A 8 -11.03 12.54 17.41
C SER A 8 -9.89 12.44 16.40
N ARG A 9 -9.16 11.34 16.46
CA ARG A 9 -8.03 11.12 15.56
C ARG A 9 -8.21 9.82 14.77
N PRO A 10 -8.80 9.93 13.56
CA PRO A 10 -9.05 8.79 12.69
C PRO A 10 -7.77 8.22 12.11
N ARG A 11 -7.46 6.97 12.46
CA ARG A 11 -6.26 6.31 11.98
C ARG A 11 -6.60 4.99 11.30
N LEU A 12 -5.70 4.51 10.44
CA LEU A 12 -5.91 3.26 9.73
C LEU A 12 -5.60 2.06 10.63
N SER A 13 -6.13 0.90 10.26
CA SER A 13 -5.92 -0.32 11.03
C SER A 13 -4.83 -1.18 10.39
N GLN A 14 -4.61 -2.36 10.96
CA GLN A 14 -3.60 -3.28 10.45
C GLN A 14 -3.86 -3.61 8.97
N LEU A 15 -3.00 -3.11 8.10
CA LEU A 15 -3.13 -3.35 6.67
C LEU A 15 -2.43 -4.64 6.26
N SER A 16 -3.22 -5.69 6.02
CA SER A 16 -2.68 -6.98 5.63
C SER A 16 -2.98 -7.28 4.16
N VAL A 17 -2.28 -8.26 3.61
CA VAL A 17 -2.48 -8.65 2.21
C VAL A 17 -3.02 -10.06 2.10
N THR A 18 -4.14 -10.21 1.39
CA THR A 18 -4.75 -11.52 1.20
C THR A 18 -4.83 -11.89 -0.27
N ASP A 19 -5.18 -13.14 -0.54
CA ASP A 19 -5.29 -13.63 -1.91
C ASP A 19 -4.04 -13.28 -2.71
N VAL A 20 -2.88 -13.37 -2.06
CA VAL A 20 -1.61 -13.06 -2.71
C VAL A 20 -1.51 -13.76 -4.06
N THR A 21 -1.66 -12.99 -5.13
CA THR A 21 -1.58 -13.54 -6.48
C THR A 21 -0.14 -13.62 -6.96
N THR A 22 0.10 -14.43 -8.00
CA THR A 22 1.43 -14.60 -8.55
C THR A 22 2.07 -13.25 -8.88
N SER A 23 1.30 -12.38 -9.53
CA SER A 23 1.79 -11.06 -9.91
C SER A 23 0.86 -9.97 -9.38
N SER A 24 0.02 -10.33 -8.42
CA SER A 24 -0.92 -9.38 -7.84
C SER A 24 -1.32 -9.81 -6.44
N LEU A 25 -2.20 -9.03 -5.81
CA LEU A 25 -2.67 -9.34 -4.46
C LEU A 25 -3.80 -8.40 -4.06
N ARG A 26 -4.30 -8.57 -2.83
CA ARG A 26 -5.38 -7.74 -2.32
C ARG A 26 -5.07 -7.24 -0.92
N LEU A 27 -5.55 -6.04 -0.60
CA LEU A 27 -5.32 -5.45 0.71
C LEU A 27 -6.64 -5.26 1.47
N ASN A 28 -6.55 -5.09 2.78
CA ASN A 28 -7.73 -4.90 3.61
C ASN A 28 -7.38 -4.14 4.89
N TRP A 29 -7.99 -2.98 5.06
CA TRP A 29 -7.74 -2.16 6.24
C TRP A 29 -9.06 -1.67 6.85
N GLU A 30 -9.08 -1.56 8.17
CA GLU A 30 -10.27 -1.09 8.88
C GLU A 30 -10.18 0.39 9.20
N ALA A 31 -11.24 1.13 8.89
CA ALA A 31 -11.27 2.57 9.16
C ALA A 31 -12.68 3.02 9.52
N PRO A 32 -12.77 4.01 10.42
CA PRO A 32 -14.05 4.57 10.86
C PRO A 32 -14.76 5.37 9.77
N PRO A 33 -16.02 5.73 10.03
CA PRO A 33 -16.83 6.49 9.07
C PRO A 33 -16.35 7.93 8.93
N GLY A 34 -16.64 8.53 7.77
CA GLY A 34 -16.23 9.91 7.53
C GLY A 34 -14.85 10.20 8.10
N ALA A 35 -13.97 9.21 8.05
CA ALA A 35 -12.62 9.38 8.57
C ALA A 35 -11.73 10.12 7.57
N PHE A 36 -11.67 9.59 6.35
CA PHE A 36 -10.87 10.19 5.30
C PHE A 36 -11.66 10.32 4.00
N ASP A 37 -11.35 11.36 3.23
CA ASP A 37 -12.04 11.59 1.97
C ASP A 37 -11.77 10.47 0.98
N SER A 38 -10.53 9.98 0.97
CA SER A 38 -10.14 8.90 0.08
C SER A 38 -8.88 8.21 0.58
N PHE A 39 -8.45 7.17 -0.15
CA PHE A 39 -7.25 6.43 0.23
C PHE A 39 -6.29 6.33 -0.96
N LEU A 40 -5.05 6.76 -0.75
CA LEU A 40 -4.04 6.73 -1.80
C LEU A 40 -2.95 5.70 -1.46
N LEU A 41 -2.98 4.57 -2.15
CA LEU A 41 -2.00 3.52 -1.93
C LEU A 41 -0.83 3.65 -2.90
N ARG A 42 0.38 3.70 -2.36
CA ARG A 42 1.58 3.83 -3.18
C ARG A 42 2.46 2.59 -3.05
N PHE A 43 2.64 1.89 -4.17
CA PHE A 43 3.47 0.68 -4.18
C PHE A 43 4.73 0.89 -5.01
N GLY A 44 5.88 0.76 -4.35
CA GLY A 44 7.14 0.95 -5.04
C GLY A 44 8.08 -0.22 -4.84
N VAL A 45 9.10 -0.32 -5.69
CA VAL A 45 10.08 -1.41 -5.59
C VAL A 45 11.19 -1.07 -4.60
N PRO A 46 11.19 -1.78 -3.46
CA PRO A 46 12.18 -1.56 -2.40
C PRO A 46 13.57 -2.04 -2.82
N SER A 47 14.46 -1.10 -3.08
CA SER A 47 15.82 -1.42 -3.48
C SER A 47 16.78 -1.38 -2.29
N PRO A 48 17.59 -2.44 -2.15
CA PRO A 48 18.55 -2.55 -1.05
C PRO A 48 19.71 -1.57 -1.19
N SER A 49 20.47 -1.40 -0.12
CA SER A 49 21.61 -0.48 -0.13
C SER A 49 22.92 -1.25 -0.25
N THR A 50 22.84 -2.49 -0.73
CA THR A 50 24.01 -3.33 -0.89
C THR A 50 24.28 -3.63 -2.35
N LEU A 51 23.23 -3.59 -3.16
CA LEU A 51 23.34 -3.86 -4.59
C LEU A 51 23.39 -2.56 -5.39
N GLU A 52 24.00 -2.62 -6.57
CA GLU A 52 24.11 -1.44 -7.43
C GLU A 52 22.80 -1.17 -8.16
N PRO A 53 22.47 0.11 -8.34
CA PRO A 53 21.25 0.54 -9.02
C PRO A 53 21.29 0.24 -10.51
N HIS A 54 20.13 -0.11 -11.07
CA HIS A 54 20.03 -0.42 -12.49
C HIS A 54 19.45 0.76 -13.27
N PRO A 55 19.98 0.99 -14.48
CA PRO A 55 19.53 2.08 -15.34
C PRO A 55 18.13 1.85 -15.90
N ARG A 56 17.50 0.76 -15.48
CA ARG A 56 16.16 0.41 -15.92
C ARG A 56 15.14 1.39 -15.37
N PRO A 57 14.17 1.80 -16.22
CA PRO A 57 13.12 2.73 -15.83
C PRO A 57 12.13 2.12 -14.85
N LEU A 58 11.84 2.84 -13.78
CA LEU A 58 10.91 2.38 -12.76
C LEU A 58 9.69 3.30 -12.66
N LEU A 59 8.58 2.85 -13.23
CA LEU A 59 7.35 3.64 -13.20
C LEU A 59 6.53 3.33 -11.95
N GLN A 60 6.15 4.38 -11.22
CA GLN A 60 5.36 4.21 -10.01
C GLN A 60 3.88 4.47 -10.28
N ARG A 61 3.03 3.90 -9.43
CA ARG A 61 1.59 4.07 -9.58
C ARG A 61 0.90 4.12 -8.22
N GLU A 62 -0.41 4.33 -8.23
CA GLU A 62 -1.19 4.41 -7.00
C GLU A 62 -2.66 4.12 -7.26
N LEU A 63 -3.37 3.71 -6.22
CA LEU A 63 -4.80 3.40 -6.34
C LEU A 63 -5.65 4.46 -5.65
N MET A 64 -6.89 4.59 -6.10
CA MET A 64 -7.81 5.58 -5.53
C MET A 64 -9.07 4.91 -5.03
N VAL A 65 -9.25 4.89 -3.71
CA VAL A 65 -10.42 4.28 -3.10
C VAL A 65 -11.01 5.19 -2.01
N PRO A 66 -12.35 5.32 -2.02
CA PRO A 66 -13.07 6.15 -1.05
C PRO A 66 -13.03 5.56 0.36
N GLY A 67 -13.13 6.42 1.37
CA GLY A 67 -13.11 5.97 2.73
C GLY A 67 -14.05 4.81 2.98
N THR A 68 -15.23 4.87 2.38
CA THR A 68 -16.23 3.81 2.54
C THR A 68 -15.68 2.47 2.07
N ARG A 69 -14.71 2.51 1.17
CA ARG A 69 -14.10 1.29 0.64
C ARG A 69 -12.66 1.17 1.10
N HIS A 70 -12.34 0.04 1.74
CA HIS A 70 -10.99 -0.19 2.23
C HIS A 70 -10.37 -1.41 1.55
N SER A 71 -10.11 -1.29 0.26
CA SER A 71 -9.53 -2.38 -0.52
C SER A 71 -8.52 -1.85 -1.54
N ALA A 72 -7.59 -2.71 -1.95
CA ALA A 72 -6.57 -2.33 -2.92
C ALA A 72 -5.96 -3.55 -3.58
N VAL A 73 -6.05 -3.62 -4.91
CA VAL A 73 -5.51 -4.74 -5.66
C VAL A 73 -4.49 -4.27 -6.69
N LEU A 74 -3.22 -4.58 -6.45
CA LEU A 74 -2.15 -4.18 -7.36
C LEU A 74 -1.98 -5.21 -8.48
N ARG A 75 -1.36 -4.78 -9.57
CA ARG A 75 -1.14 -5.66 -10.71
C ARG A 75 0.23 -5.41 -11.33
N ASP A 76 0.54 -6.15 -12.38
CA ASP A 76 1.83 -6.02 -13.07
C ASP A 76 2.99 -6.12 -12.09
N LEU A 77 2.83 -6.97 -11.08
CA LEU A 77 3.87 -7.17 -10.07
C LEU A 77 4.79 -8.32 -10.46
N ARG A 78 6.03 -8.26 -9.97
CA ARG A 78 7.01 -9.29 -10.27
C ARG A 78 6.72 -10.57 -9.49
N SER A 79 7.19 -11.69 -10.00
CA SER A 79 6.97 -12.98 -9.36
C SER A 79 7.96 -13.20 -8.21
N GLY A 80 7.49 -13.85 -7.15
CA GLY A 80 8.34 -14.11 -6.00
C GLY A 80 9.16 -12.90 -5.61
N THR A 81 8.50 -11.77 -5.41
CA THR A 81 9.18 -10.53 -5.02
C THR A 81 8.45 -9.83 -3.88
N LEU A 82 9.19 -9.10 -3.07
CA LEU A 82 8.62 -8.38 -1.94
C LEU A 82 8.31 -6.93 -2.32
N TYR A 83 7.05 -6.56 -2.24
CA TYR A 83 6.63 -5.20 -2.57
C TYR A 83 6.28 -4.41 -1.31
N SER A 84 6.57 -3.11 -1.34
CA SER A 84 6.30 -2.25 -0.20
C SER A 84 5.07 -1.38 -0.46
N LEU A 85 3.99 -1.67 0.26
CA LEU A 85 2.75 -0.92 0.12
C LEU A 85 2.63 0.15 1.19
N THR A 86 1.99 1.27 0.85
CA THR A 86 1.80 2.36 1.78
C THR A 86 0.54 3.15 1.47
N LEU A 87 -0.44 3.08 2.36
CA LEU A 87 -1.70 3.79 2.18
C LEU A 87 -1.67 5.15 2.87
N TYR A 88 -2.44 6.09 2.34
CA TYR A 88 -2.49 7.44 2.90
C TYR A 88 -3.94 7.88 3.08
N GLY A 89 -4.34 8.05 4.35
CA GLY A 89 -5.70 8.48 4.64
C GLY A 89 -5.94 9.93 4.26
N LEU A 90 -6.22 10.17 2.97
CA LEU A 90 -6.47 11.51 2.49
C LEU A 90 -7.75 12.09 3.10
N ARG A 91 -7.58 13.03 4.01
CA ARG A 91 -8.71 13.66 4.68
C ARG A 91 -9.20 14.88 3.90
N GLY A 92 -8.71 15.02 2.67
CA GLY A 92 -9.09 16.15 1.83
C GLY A 92 -7.92 16.73 1.07
N PRO A 93 -7.44 17.90 1.51
CA PRO A 93 -6.32 18.60 0.88
C PRO A 93 -4.99 17.87 1.08
N HIS A 94 -4.74 17.47 2.33
CA HIS A 94 -3.51 16.77 2.67
C HIS A 94 -3.82 15.44 3.37
N LYS A 95 -2.86 14.52 3.32
CA LYS A 95 -3.03 13.22 3.94
C LYS A 95 -3.16 13.35 5.46
N ALA A 96 -3.96 12.46 6.06
CA ALA A 96 -4.17 12.48 7.50
C ALA A 96 -3.28 11.46 8.20
N ASP A 97 -3.20 10.27 7.62
CA ASP A 97 -2.38 9.21 8.19
C ASP A 97 -1.63 8.44 7.10
N SER A 98 -0.79 7.50 7.50
CA SER A 98 -0.02 6.71 6.56
C SER A 98 0.41 5.38 7.18
N ILE A 99 -0.03 4.29 6.57
CA ILE A 99 0.30 2.95 7.06
C ILE A 99 1.20 2.21 6.07
N GLN A 100 1.88 1.18 6.56
CA GLN A 100 2.78 0.39 5.73
C GLN A 100 2.32 -1.07 5.66
N GLY A 101 2.31 -1.63 4.46
CA GLY A 101 1.90 -3.02 4.29
C GLY A 101 2.85 -3.80 3.41
N THR A 102 3.52 -4.78 4.00
CA THR A 102 4.46 -5.60 3.25
C THR A 102 3.82 -6.93 2.83
N ALA A 103 4.14 -7.37 1.62
CA ALA A 103 3.60 -8.62 1.10
C ALA A 103 4.52 -9.22 0.04
N ARG A 104 4.57 -10.55 -0.01
CA ARG A 104 5.42 -11.25 -0.97
C ARG A 104 4.57 -12.00 -2.00
N THR A 105 4.72 -11.62 -3.27
CA THR A 105 3.97 -12.25 -4.34
C THR A 105 4.37 -13.71 -4.51
N LEU A 106 3.53 -14.49 -5.18
CA LEU A 106 3.80 -15.90 -5.42
C LEU A 106 4.52 -16.10 -6.75
N SER A 107 5.44 -17.06 -6.77
CA SER A 107 6.21 -17.34 -7.98
C SER A 107 5.30 -17.84 -9.09
N GLY A 108 4.46 -18.83 -8.77
CA GLY A 108 3.54 -19.37 -9.76
C GLY A 108 3.69 -20.87 -9.92
N PRO A 109 2.55 -21.58 -9.92
CA PRO A 109 2.54 -23.05 -10.06
C PRO A 109 2.93 -23.49 -11.47
N SER A 110 2.91 -22.55 -12.42
CA SER A 110 3.26 -22.85 -13.79
C SER A 110 4.52 -23.72 -13.86
N SER A 111 4.40 -24.86 -14.54
CA SER A 111 5.53 -25.79 -14.67
C SER A 111 5.90 -25.97 -16.13
N GLY A 112 7.19 -25.90 -16.42
CA GLY A 112 7.66 -26.07 -17.79
C GLY A 112 7.24 -27.38 -18.39
N GLY A 1 -6.66 25.55 11.60
CA GLY A 1 -7.79 25.69 10.70
C GLY A 1 -8.93 24.78 11.07
N SER A 2 -9.75 25.22 12.02
CA SER A 2 -10.88 24.42 12.48
C SER A 2 -10.43 23.08 13.04
N SER A 3 -9.32 23.10 13.78
CA SER A 3 -8.78 21.88 14.37
C SER A 3 -9.54 21.52 15.65
N GLY A 4 -10.29 20.43 15.60
CA GLY A 4 -11.05 20.00 16.76
C GLY A 4 -10.16 19.53 17.90
N SER A 5 -10.56 19.83 19.12
CA SER A 5 -9.78 19.44 20.30
C SER A 5 -10.28 18.11 20.86
N SER A 6 -11.56 18.07 21.21
CA SER A 6 -12.16 16.86 21.76
C SER A 6 -12.16 15.73 20.73
N GLY A 7 -12.22 14.49 21.23
CA GLY A 7 -12.22 13.35 20.34
C GLY A 7 -10.85 13.04 19.78
N SER A 8 -10.54 11.75 19.64
CA SER A 8 -9.25 11.33 19.12
C SER A 8 -9.27 11.25 17.60
N ARG A 9 -8.14 11.58 16.98
CA ARG A 9 -8.03 11.56 15.53
C ARG A 9 -8.07 10.13 15.00
N PRO A 10 -8.82 9.91 13.91
CA PRO A 10 -8.95 8.59 13.30
C PRO A 10 -7.67 8.14 12.61
N ARG A 11 -7.37 6.85 12.73
CA ARG A 11 -6.16 6.29 12.12
C ARG A 11 -6.50 5.05 11.29
N LEU A 12 -5.47 4.46 10.69
CA LEU A 12 -5.66 3.27 9.87
C LEU A 12 -5.42 2.00 10.68
N SER A 13 -6.09 0.92 10.29
CA SER A 13 -5.95 -0.35 10.99
C SER A 13 -4.88 -1.22 10.34
N GLN A 14 -4.65 -2.40 10.90
CA GLN A 14 -3.65 -3.32 10.38
C GLN A 14 -3.94 -3.67 8.92
N LEU A 15 -3.09 -3.17 8.03
CA LEU A 15 -3.25 -3.43 6.59
C LEU A 15 -2.57 -4.73 6.19
N SER A 16 -3.37 -5.77 5.98
CA SER A 16 -2.84 -7.07 5.60
C SER A 16 -3.15 -7.37 4.13
N VAL A 17 -2.46 -8.35 3.57
CA VAL A 17 -2.66 -8.74 2.18
C VAL A 17 -3.31 -10.12 2.07
N THR A 18 -4.32 -10.22 1.22
CA THR A 18 -5.03 -11.48 1.03
C THR A 18 -5.07 -11.87 -0.45
N ASP A 19 -5.11 -13.17 -0.70
CA ASP A 19 -5.14 -13.68 -2.07
C ASP A 19 -3.86 -13.31 -2.82
N VAL A 20 -2.72 -13.46 -2.15
CA VAL A 20 -1.44 -13.13 -2.76
C VAL A 20 -1.28 -13.83 -4.11
N THR A 21 -1.45 -13.05 -5.18
CA THR A 21 -1.33 -13.58 -6.54
C THR A 21 0.12 -13.60 -6.99
N THR A 22 0.40 -14.38 -8.03
CA THR A 22 1.76 -14.49 -8.56
C THR A 22 2.33 -13.12 -8.88
N SER A 23 1.52 -12.28 -9.52
CA SER A 23 1.94 -10.93 -9.90
C SER A 23 0.95 -9.89 -9.41
N SER A 24 0.10 -10.28 -8.46
CA SER A 24 -0.90 -9.38 -7.92
C SER A 24 -1.31 -9.81 -6.50
N LEU A 25 -2.19 -9.03 -5.88
CA LEU A 25 -2.66 -9.32 -4.53
C LEU A 25 -3.80 -8.40 -4.13
N ARG A 26 -4.31 -8.57 -2.92
CA ARG A 26 -5.39 -7.74 -2.42
C ARG A 26 -5.09 -7.25 -1.01
N LEU A 27 -5.62 -6.07 -0.68
CA LEU A 27 -5.40 -5.48 0.63
C LEU A 27 -6.72 -5.28 1.37
N ASN A 28 -6.64 -5.11 2.68
CA ASN A 28 -7.84 -4.92 3.50
C ASN A 28 -7.50 -4.17 4.79
N TRP A 29 -8.05 -2.98 4.93
CA TRP A 29 -7.80 -2.16 6.11
C TRP A 29 -9.11 -1.64 6.70
N GLU A 30 -9.17 -1.53 8.02
CA GLU A 30 -10.37 -1.05 8.70
C GLU A 30 -10.23 0.43 9.07
N ALA A 31 -11.29 1.19 8.83
CA ALA A 31 -11.29 2.62 9.13
C ALA A 31 -12.67 3.08 9.59
N PRO A 32 -12.69 4.06 10.50
CA PRO A 32 -13.93 4.62 11.03
C PRO A 32 -14.70 5.43 10.00
N PRO A 33 -15.99 5.67 10.27
CA PRO A 33 -16.86 6.43 9.37
C PRO A 33 -16.50 7.92 9.34
N GLY A 34 -16.60 8.52 8.17
CA GLY A 34 -16.27 9.93 8.03
C GLY A 34 -14.89 10.27 8.53
N ALA A 35 -13.96 9.33 8.34
CA ALA A 35 -12.58 9.53 8.78
C ALA A 35 -11.75 10.21 7.69
N PHE A 36 -11.70 9.58 6.51
CA PHE A 36 -10.94 10.11 5.39
C PHE A 36 -11.82 10.25 4.15
N ASP A 37 -11.40 11.10 3.24
CA ASP A 37 -12.14 11.32 2.00
C ASP A 37 -11.80 10.26 0.96
N SER A 38 -10.56 9.79 1.00
CA SER A 38 -10.11 8.77 0.05
C SER A 38 -8.85 8.08 0.57
N PHE A 39 -8.32 7.15 -0.21
CA PHE A 39 -7.13 6.41 0.17
C PHE A 39 -6.18 6.26 -1.02
N LEU A 40 -4.97 6.79 -0.88
CA LEU A 40 -3.97 6.72 -1.94
C LEU A 40 -2.90 5.68 -1.61
N LEU A 41 -3.00 4.53 -2.26
CA LEU A 41 -2.04 3.45 -2.05
C LEU A 41 -0.85 3.58 -2.99
N ARG A 42 0.35 3.64 -2.41
CA ARG A 42 1.57 3.77 -3.20
C ARG A 42 2.42 2.51 -3.08
N PHE A 43 2.59 1.81 -4.20
CA PHE A 43 3.39 0.58 -4.22
C PHE A 43 4.65 0.77 -5.05
N GLY A 44 5.80 0.69 -4.38
CA GLY A 44 7.07 0.85 -5.06
C GLY A 44 8.04 -0.29 -4.79
N VAL A 45 9.00 -0.47 -5.68
CA VAL A 45 9.99 -1.53 -5.53
C VAL A 45 11.10 -1.13 -4.57
N PRO A 46 11.13 -1.78 -3.40
CA PRO A 46 12.13 -1.51 -2.36
C PRO A 46 13.53 -1.97 -2.77
N SER A 47 14.42 -1.01 -3.01
CA SER A 47 15.78 -1.32 -3.41
C SER A 47 16.76 -0.96 -2.31
N PRO A 48 17.80 -1.80 -2.14
CA PRO A 48 18.84 -1.58 -1.12
C PRO A 48 19.72 -0.39 -1.44
N SER A 49 20.55 0.01 -0.47
CA SER A 49 21.45 1.14 -0.66
C SER A 49 22.90 0.67 -0.73
N THR A 50 23.08 -0.61 -1.03
CA THR A 50 24.42 -1.19 -1.13
C THR A 50 24.84 -1.33 -2.59
N LEU A 51 23.85 -1.47 -3.48
CA LEU A 51 24.13 -1.60 -4.90
C LEU A 51 23.97 -0.27 -5.62
N GLU A 52 24.60 -0.15 -6.78
CA GLU A 52 24.52 1.08 -7.58
C GLU A 52 23.13 1.24 -8.20
N PRO A 53 22.77 2.50 -8.49
CA PRO A 53 21.47 2.81 -9.10
C PRO A 53 21.37 2.34 -10.54
N HIS A 54 20.16 2.00 -10.97
CA HIS A 54 19.93 1.53 -12.33
C HIS A 54 19.84 2.70 -13.30
N PRO A 55 20.40 2.52 -14.50
CA PRO A 55 20.39 3.56 -15.54
C PRO A 55 19.00 3.79 -16.11
N ARG A 56 18.05 2.95 -15.72
CA ARG A 56 16.68 3.08 -16.19
C ARG A 56 15.72 3.34 -15.03
N PRO A 57 14.81 4.30 -15.22
CA PRO A 57 13.83 4.67 -14.20
C PRO A 57 12.77 3.59 -14.00
N LEU A 58 12.04 3.68 -12.88
CA LEU A 58 11.00 2.70 -12.57
C LEU A 58 9.64 3.37 -12.51
N LEU A 59 8.75 2.97 -13.42
CA LEU A 59 7.40 3.53 -13.48
C LEU A 59 6.62 3.16 -12.22
N GLN A 60 6.16 4.18 -11.50
CA GLN A 60 5.39 3.98 -10.28
C GLN A 60 3.90 4.22 -10.52
N ARG A 61 3.06 3.69 -9.64
CA ARG A 61 1.62 3.86 -9.75
C ARG A 61 0.95 3.86 -8.38
N GLU A 62 -0.25 4.41 -8.30
CA GLU A 62 -0.98 4.48 -7.05
C GLU A 62 -2.47 4.19 -7.28
N LEU A 63 -3.14 3.71 -6.23
CA LEU A 63 -4.57 3.40 -6.32
C LEU A 63 -5.40 4.49 -5.63
N MET A 64 -6.65 4.61 -6.05
CA MET A 64 -7.55 5.61 -5.47
C MET A 64 -8.85 4.96 -5.00
N VAL A 65 -9.08 4.97 -3.69
CA VAL A 65 -10.29 4.39 -3.13
C VAL A 65 -10.85 5.27 -2.02
N PRO A 66 -12.19 5.43 -2.02
CA PRO A 66 -12.89 6.25 -1.02
C PRO A 66 -12.86 5.62 0.36
N GLY A 67 -12.88 6.46 1.39
CA GLY A 67 -12.87 5.96 2.75
C GLY A 67 -13.82 4.80 2.97
N THR A 68 -15.05 4.95 2.45
CA THR A 68 -16.05 3.91 2.59
C THR A 68 -15.53 2.56 2.11
N ARG A 69 -14.63 2.59 1.14
CA ARG A 69 -14.04 1.38 0.59
C ARG A 69 -12.60 1.21 1.04
N HIS A 70 -12.30 0.07 1.66
CA HIS A 70 -10.95 -0.20 2.14
C HIS A 70 -10.36 -1.42 1.43
N SER A 71 -10.10 -1.26 0.14
CA SER A 71 -9.54 -2.35 -0.67
C SER A 71 -8.52 -1.82 -1.66
N ALA A 72 -7.54 -2.65 -2.00
CA ALA A 72 -6.50 -2.26 -2.94
C ALA A 72 -5.87 -3.49 -3.59
N VAL A 73 -5.92 -3.55 -4.91
CA VAL A 73 -5.34 -4.68 -5.65
C VAL A 73 -4.37 -4.19 -6.71
N LEU A 74 -3.10 -4.57 -6.58
CA LEU A 74 -2.07 -4.17 -7.52
C LEU A 74 -1.87 -5.26 -8.59
N ARG A 75 -1.51 -4.83 -9.79
CA ARG A 75 -1.28 -5.75 -10.90
C ARG A 75 0.07 -5.49 -11.57
N ASP A 76 0.48 -6.40 -12.43
CA ASP A 76 1.75 -6.26 -13.14
C ASP A 76 2.92 -6.28 -12.16
N LEU A 77 2.75 -7.00 -11.06
CA LEU A 77 3.79 -7.11 -10.05
C LEU A 77 4.75 -8.25 -10.36
N ARG A 78 5.97 -8.15 -9.86
CA ARG A 78 6.98 -9.17 -10.09
C ARG A 78 6.60 -10.47 -9.37
N SER A 79 7.03 -11.60 -9.93
CA SER A 79 6.73 -12.91 -9.34
C SER A 79 7.69 -13.21 -8.20
N GLY A 80 7.14 -13.71 -7.10
CA GLY A 80 7.96 -14.04 -5.94
C GLY A 80 8.87 -12.90 -5.53
N THR A 81 8.27 -11.74 -5.30
CA THR A 81 9.04 -10.56 -4.91
C THR A 81 8.32 -9.79 -3.79
N LEU A 82 9.09 -9.14 -2.94
CA LEU A 82 8.54 -8.37 -1.83
C LEU A 82 8.26 -6.93 -2.24
N TYR A 83 7.00 -6.52 -2.13
CA TYR A 83 6.59 -5.17 -2.50
C TYR A 83 6.28 -4.34 -1.26
N SER A 84 6.60 -3.05 -1.32
CA SER A 84 6.35 -2.15 -0.20
C SER A 84 5.11 -1.31 -0.45
N LEU A 85 4.03 -1.62 0.26
CA LEU A 85 2.77 -0.90 0.12
C LEU A 85 2.62 0.14 1.23
N THR A 86 2.03 1.28 0.89
CA THR A 86 1.81 2.34 1.86
C THR A 86 0.53 3.11 1.55
N LEU A 87 -0.47 2.94 2.41
CA LEU A 87 -1.75 3.62 2.24
C LEU A 87 -1.73 5.01 2.86
N TYR A 88 -2.50 5.93 2.29
CA TYR A 88 -2.55 7.30 2.80
C TYR A 88 -4.01 7.75 2.97
N GLY A 89 -4.42 7.91 4.22
CA GLY A 89 -5.78 8.33 4.50
C GLY A 89 -6.01 9.80 4.16
N LEU A 90 -6.29 10.07 2.89
CA LEU A 90 -6.53 11.43 2.44
C LEU A 90 -7.83 11.98 3.03
N ARG A 91 -7.71 12.93 3.95
CA ARG A 91 -8.87 13.53 4.59
C ARG A 91 -9.35 14.75 3.79
N GLY A 92 -8.74 14.97 2.64
CA GLY A 92 -9.11 16.11 1.81
C GLY A 92 -7.97 16.60 0.94
N PRO A 93 -7.51 17.83 1.21
CA PRO A 93 -6.41 18.44 0.45
C PRO A 93 -5.07 17.77 0.75
N HIS A 94 -4.86 17.40 2.00
CA HIS A 94 -3.61 16.74 2.41
C HIS A 94 -3.90 15.41 3.10
N LYS A 95 -2.90 14.54 3.12
CA LYS A 95 -3.04 13.23 3.75
C LYS A 95 -3.08 13.37 5.26
N ALA A 96 -3.96 12.60 5.90
CA ALA A 96 -4.09 12.64 7.36
C ALA A 96 -3.19 11.60 8.01
N ASP A 97 -3.38 10.33 7.64
CA ASP A 97 -2.59 9.24 8.20
C ASP A 97 -1.92 8.44 7.08
N SER A 98 -1.05 7.50 7.47
CA SER A 98 -0.35 6.67 6.50
C SER A 98 0.14 5.39 7.16
N ILE A 99 -0.25 4.25 6.59
CA ILE A 99 0.15 2.95 7.12
C ILE A 99 1.09 2.23 6.15
N GLN A 100 1.81 1.24 6.67
CA GLN A 100 2.74 0.47 5.84
C GLN A 100 2.37 -1.01 5.85
N GLY A 101 2.22 -1.58 4.67
CA GLY A 101 1.86 -2.99 4.55
C GLY A 101 2.78 -3.74 3.62
N THR A 102 3.52 -4.70 4.16
CA THR A 102 4.44 -5.50 3.36
C THR A 102 3.81 -6.82 2.95
N ALA A 103 4.18 -7.32 1.77
CA ALA A 103 3.66 -8.57 1.26
C ALA A 103 4.55 -9.14 0.16
N ARG A 104 4.64 -10.47 0.10
CA ARG A 104 5.47 -11.12 -0.90
C ARG A 104 4.60 -11.85 -1.93
N THR A 105 4.62 -11.36 -3.17
CA THR A 105 3.83 -11.98 -4.23
C THR A 105 4.25 -13.42 -4.47
N LEU A 106 3.33 -14.21 -5.02
CA LEU A 106 3.60 -15.62 -5.30
C LEU A 106 4.45 -15.76 -6.55
N SER A 107 5.06 -16.93 -6.71
CA SER A 107 5.90 -17.21 -7.87
C SER A 107 5.29 -18.29 -8.75
N GLY A 108 4.70 -17.88 -9.86
CA GLY A 108 4.09 -18.83 -10.78
C GLY A 108 4.80 -18.89 -12.11
N PRO A 109 4.64 -20.02 -12.82
CA PRO A 109 5.27 -20.23 -14.13
C PRO A 109 4.65 -19.36 -15.21
N SER A 110 5.50 -18.64 -15.95
CA SER A 110 5.03 -17.75 -17.01
C SER A 110 6.05 -17.70 -18.14
N SER A 111 5.58 -17.35 -19.33
CA SER A 111 6.44 -17.26 -20.50
C SER A 111 7.35 -16.02 -20.42
N GLY A 112 8.61 -16.19 -20.79
CA GLY A 112 9.55 -15.09 -20.75
C GLY A 112 10.99 -15.58 -20.67
N GLY A 1 11.40 10.51 18.72
CA GLY A 1 10.35 11.40 18.24
C GLY A 1 9.09 11.31 19.07
N SER A 2 8.91 12.27 19.98
CA SER A 2 7.74 12.29 20.84
C SER A 2 7.05 13.65 20.77
N SER A 3 6.03 13.75 19.91
CA SER A 3 5.29 15.00 19.75
C SER A 3 3.98 14.95 20.53
N GLY A 4 3.35 16.11 20.68
CA GLY A 4 2.09 16.18 21.40
C GLY A 4 0.89 16.10 20.48
N SER A 5 0.19 17.22 20.32
CA SER A 5 -0.99 17.27 19.46
C SER A 5 -2.10 16.41 20.03
N SER A 6 -2.31 16.49 21.35
CA SER A 6 -3.34 15.71 22.01
C SER A 6 -4.68 15.86 21.30
N GLY A 7 -5.41 14.76 21.19
CA GLY A 7 -6.70 14.80 20.53
C GLY A 7 -7.09 13.44 19.94
N SER A 8 -8.39 13.15 19.94
CA SER A 8 -8.88 11.89 19.41
C SER A 8 -9.05 11.96 17.90
N ARG A 9 -8.05 11.48 17.18
CA ARG A 9 -8.08 11.48 15.71
C ARG A 9 -8.16 10.06 15.17
N PRO A 10 -8.91 9.89 14.08
CA PRO A 10 -9.09 8.59 13.43
C PRO A 10 -7.81 8.10 12.74
N ARG A 11 -7.54 6.81 12.86
CA ARG A 11 -6.35 6.23 12.25
C ARG A 11 -6.71 4.99 11.42
N LEU A 12 -5.70 4.38 10.81
CA LEU A 12 -5.92 3.19 9.99
C LEU A 12 -5.69 1.93 10.81
N SER A 13 -6.15 0.79 10.28
CA SER A 13 -6.00 -0.48 10.96
C SER A 13 -4.89 -1.32 10.32
N GLN A 14 -4.66 -2.50 10.87
CA GLN A 14 -3.61 -3.38 10.36
C GLN A 14 -3.85 -3.71 8.89
N LEU A 15 -2.99 -3.19 8.03
CA LEU A 15 -3.10 -3.43 6.60
C LEU A 15 -2.50 -4.77 6.21
N SER A 16 -3.36 -5.75 5.95
CA SER A 16 -2.91 -7.09 5.59
C SER A 16 -3.20 -7.37 4.11
N VAL A 17 -2.51 -8.36 3.56
CA VAL A 17 -2.68 -8.72 2.16
C VAL A 17 -3.29 -10.12 2.03
N THR A 18 -4.35 -10.23 1.25
CA THR A 18 -5.03 -11.50 1.04
C THR A 18 -5.09 -11.87 -0.44
N ASP A 19 -5.24 -13.15 -0.72
CA ASP A 19 -5.31 -13.63 -2.10
C ASP A 19 -4.04 -13.28 -2.87
N VAL A 20 -2.90 -13.44 -2.20
CA VAL A 20 -1.61 -13.13 -2.82
C VAL A 20 -1.47 -13.84 -4.16
N THR A 21 -1.64 -13.10 -5.25
CA THR A 21 -1.53 -13.65 -6.59
C THR A 21 -0.08 -13.68 -7.05
N THR A 22 0.22 -14.58 -7.97
CA THR A 22 1.58 -14.71 -8.50
C THR A 22 2.18 -13.35 -8.80
N SER A 23 1.44 -12.52 -9.52
CA SER A 23 1.90 -11.18 -9.88
C SER A 23 0.91 -10.12 -9.41
N SER A 24 0.08 -10.48 -8.44
CA SER A 24 -0.92 -9.56 -7.91
C SER A 24 -1.29 -9.93 -6.48
N LEU A 25 -2.19 -9.15 -5.88
CA LEU A 25 -2.63 -9.40 -4.51
C LEU A 25 -3.77 -8.45 -4.14
N ARG A 26 -4.28 -8.61 -2.92
CA ARG A 26 -5.37 -7.77 -2.43
C ARG A 26 -5.06 -7.24 -1.02
N LEU A 27 -5.55 -6.05 -0.73
CA LEU A 27 -5.33 -5.43 0.57
C LEU A 27 -6.65 -5.25 1.32
N ASN A 28 -6.56 -5.05 2.63
CA ASN A 28 -7.74 -4.85 3.46
C ASN A 28 -7.41 -4.07 4.72
N TRP A 29 -7.98 -2.88 4.84
CA TRP A 29 -7.74 -2.03 6.00
C TRP A 29 -9.06 -1.52 6.58
N GLU A 30 -9.12 -1.48 7.91
CA GLU A 30 -10.33 -1.02 8.60
C GLU A 30 -10.19 0.44 9.02
N ALA A 31 -11.27 1.21 8.85
CA ALA A 31 -11.26 2.62 9.21
C ALA A 31 -12.64 3.06 9.71
N PRO A 32 -12.65 3.98 10.68
CA PRO A 32 -13.89 4.50 11.26
C PRO A 32 -14.65 5.40 10.28
N PRO A 33 -15.90 5.71 10.63
CA PRO A 33 -16.77 6.57 9.80
C PRO A 33 -16.30 8.01 9.76
N GLY A 34 -16.41 8.64 8.60
CA GLY A 34 -16.00 10.03 8.47
C GLY A 34 -14.55 10.23 8.84
N ALA A 35 -13.71 9.25 8.54
CA ALA A 35 -12.29 9.33 8.86
C ALA A 35 -11.53 10.04 7.75
N PHE A 36 -11.63 9.52 6.54
CA PHE A 36 -10.94 10.10 5.39
C PHE A 36 -11.87 10.17 4.18
N ASP A 37 -11.56 11.06 3.25
CA ASP A 37 -12.35 11.22 2.03
C ASP A 37 -11.99 10.15 1.00
N SER A 38 -10.69 9.89 0.88
CA SER A 38 -10.21 8.89 -0.08
C SER A 38 -8.98 8.18 0.45
N PHE A 39 -8.49 7.20 -0.31
CA PHE A 39 -7.32 6.44 0.09
C PHE A 39 -6.33 6.30 -1.08
N LEU A 40 -5.13 6.83 -0.89
CA LEU A 40 -4.10 6.77 -1.93
C LEU A 40 -3.01 5.77 -1.55
N LEU A 41 -2.98 4.65 -2.27
CA LEU A 41 -1.99 3.61 -2.02
C LEU A 41 -0.77 3.79 -2.91
N ARG A 42 0.42 3.63 -2.33
CA ARG A 42 1.66 3.78 -3.07
C ARG A 42 2.51 2.52 -2.96
N PHE A 43 2.74 1.86 -4.09
CA PHE A 43 3.54 0.64 -4.11
C PHE A 43 4.78 0.82 -4.98
N GLY A 44 5.94 0.83 -4.34
CA GLY A 44 7.19 1.00 -5.07
C GLY A 44 8.17 -0.11 -4.80
N VAL A 45 9.14 -0.29 -5.70
CA VAL A 45 10.14 -1.33 -5.55
C VAL A 45 11.28 -0.87 -4.63
N PRO A 46 11.36 -1.48 -3.45
CA PRO A 46 12.39 -1.16 -2.45
C PRO A 46 13.77 -1.62 -2.89
N SER A 47 14.62 -0.66 -3.27
CA SER A 47 15.97 -0.97 -3.71
C SER A 47 17.00 -0.58 -2.64
N PRO A 48 17.85 -1.55 -2.26
CA PRO A 48 18.88 -1.33 -1.24
C PRO A 48 20.00 -0.42 -1.74
N SER A 49 20.84 0.05 -0.82
CA SER A 49 21.94 0.93 -1.17
C SER A 49 23.24 0.14 -1.33
N THR A 50 23.10 -1.14 -1.66
CA THR A 50 24.27 -2.00 -1.84
C THR A 50 24.46 -2.37 -3.31
N LEU A 51 23.36 -2.45 -4.04
CA LEU A 51 23.41 -2.80 -5.46
C LEU A 51 23.42 -1.54 -6.32
N GLU A 52 24.00 -1.65 -7.51
CA GLU A 52 24.08 -0.53 -8.43
C GLU A 52 22.73 -0.27 -9.11
N PRO A 53 22.51 0.98 -9.53
CA PRO A 53 21.26 1.38 -10.19
C PRO A 53 21.13 0.78 -11.59
N HIS A 54 19.91 0.45 -11.97
CA HIS A 54 19.65 -0.14 -13.28
C HIS A 54 19.50 0.95 -14.34
N PRO A 55 19.98 0.66 -15.56
CA PRO A 55 19.92 1.60 -16.68
C PRO A 55 18.50 1.82 -17.18
N ARG A 56 17.54 1.12 -16.56
CA ARG A 56 16.14 1.24 -16.95
C ARG A 56 15.31 1.84 -15.82
N PRO A 57 14.43 2.78 -16.17
CA PRO A 57 13.56 3.46 -15.19
C PRO A 57 12.49 2.53 -14.63
N LEU A 58 11.95 2.90 -13.47
CA LEU A 58 10.91 2.10 -12.82
C LEU A 58 9.57 2.82 -12.86
N LEU A 59 8.59 2.21 -13.52
CA LEU A 59 7.26 2.79 -13.63
C LEU A 59 6.48 2.61 -12.33
N GLN A 60 6.05 3.72 -11.75
CA GLN A 60 5.29 3.68 -10.50
C GLN A 60 3.82 3.97 -10.75
N ARG A 61 2.97 3.48 -9.86
CA ARG A 61 1.52 3.69 -9.98
C ARG A 61 0.88 3.87 -8.61
N GLU A 62 -0.36 4.35 -8.61
CA GLU A 62 -1.09 4.57 -7.36
C GLU A 62 -2.56 4.21 -7.51
N LEU A 63 -3.20 3.89 -6.40
CA LEU A 63 -4.63 3.53 -6.41
C LEU A 63 -5.46 4.59 -5.71
N MET A 64 -6.71 4.75 -6.16
CA MET A 64 -7.62 5.72 -5.57
C MET A 64 -8.92 5.06 -5.14
N VAL A 65 -9.12 4.96 -3.82
CA VAL A 65 -10.32 4.34 -3.28
C VAL A 65 -10.96 5.24 -2.21
N PRO A 66 -12.29 5.35 -2.26
CA PRO A 66 -13.05 6.16 -1.30
C PRO A 66 -13.04 5.57 0.11
N GLY A 67 -13.06 6.44 1.12
CA GLY A 67 -13.05 5.97 2.49
C GLY A 67 -13.96 4.78 2.70
N THR A 68 -15.16 4.84 2.15
CA THR A 68 -16.13 3.76 2.29
C THR A 68 -15.53 2.43 1.86
N ARG A 69 -14.71 2.46 0.80
CA ARG A 69 -14.07 1.26 0.30
C ARG A 69 -12.62 1.17 0.77
N HIS A 70 -12.30 0.08 1.45
CA HIS A 70 -10.95 -0.14 1.97
C HIS A 70 -10.30 -1.35 1.32
N SER A 71 -10.03 -1.25 0.02
CA SER A 71 -9.41 -2.34 -0.73
C SER A 71 -8.42 -1.81 -1.75
N ALA A 72 -7.39 -2.60 -2.03
CA ALA A 72 -6.36 -2.22 -2.99
C ALA A 72 -5.74 -3.44 -3.64
N VAL A 73 -5.79 -3.49 -4.97
CA VAL A 73 -5.22 -4.61 -5.72
C VAL A 73 -4.23 -4.12 -6.77
N LEU A 74 -2.98 -4.55 -6.63
CA LEU A 74 -1.93 -4.15 -7.57
C LEU A 74 -1.65 -5.27 -8.57
N ARG A 75 -1.55 -4.90 -9.84
CA ARG A 75 -1.29 -5.86 -10.90
C ARG A 75 0.05 -5.58 -11.57
N ASP A 76 0.43 -6.45 -12.51
CA ASP A 76 1.69 -6.28 -13.23
C ASP A 76 2.88 -6.37 -12.28
N LEU A 77 2.75 -7.20 -11.26
CA LEU A 77 3.81 -7.37 -10.27
C LEU A 77 4.77 -8.47 -10.70
N ARG A 78 5.84 -8.65 -9.92
CA ARG A 78 6.84 -9.67 -10.23
C ARG A 78 6.53 -10.98 -9.50
N SER A 79 7.40 -11.96 -9.66
CA SER A 79 7.22 -13.26 -9.02
C SER A 79 8.05 -13.36 -7.74
N GLY A 80 7.43 -13.84 -6.67
CA GLY A 80 8.12 -13.97 -5.40
C GLY A 80 8.98 -12.76 -5.08
N THR A 81 8.38 -11.58 -5.13
CA THR A 81 9.09 -10.34 -4.85
C THR A 81 8.39 -9.54 -3.76
N LEU A 82 9.17 -8.97 -2.85
CA LEU A 82 8.62 -8.17 -1.76
C LEU A 82 8.37 -6.74 -2.21
N TYR A 83 7.11 -6.30 -2.11
CA TYR A 83 6.73 -4.95 -2.50
C TYR A 83 6.42 -4.09 -1.28
N SER A 84 6.74 -2.81 -1.36
CA SER A 84 6.49 -1.89 -0.27
C SER A 84 5.23 -1.08 -0.51
N LEU A 85 4.14 -1.45 0.17
CA LEU A 85 2.87 -0.76 0.01
C LEU A 85 2.62 0.18 1.18
N THR A 86 2.06 1.35 0.87
CA THR A 86 1.77 2.35 1.89
C THR A 86 0.53 3.16 1.55
N LEU A 87 -0.53 2.99 2.33
CA LEU A 87 -1.78 3.70 2.10
C LEU A 87 -1.76 5.07 2.78
N TYR A 88 -2.54 6.00 2.25
CA TYR A 88 -2.61 7.34 2.80
C TYR A 88 -4.07 7.77 2.99
N GLY A 89 -4.49 7.86 4.25
CA GLY A 89 -5.85 8.27 4.55
C GLY A 89 -6.09 9.73 4.28
N LEU A 90 -6.28 10.08 3.02
CA LEU A 90 -6.52 11.47 2.63
C LEU A 90 -7.80 11.99 3.27
N ARG A 91 -7.65 12.94 4.19
CA ARG A 91 -8.80 13.53 4.86
C ARG A 91 -9.22 14.83 4.18
N GLY A 92 -8.71 15.05 2.98
CA GLY A 92 -9.05 16.26 2.25
C GLY A 92 -7.98 16.66 1.25
N PRO A 93 -7.48 17.89 1.37
CA PRO A 93 -6.44 18.43 0.49
C PRO A 93 -5.09 17.74 0.71
N HIS A 94 -4.81 17.39 1.96
CA HIS A 94 -3.56 16.74 2.32
C HIS A 94 -3.82 15.42 3.05
N LYS A 95 -2.82 14.54 3.02
CA LYS A 95 -2.94 13.24 3.68
C LYS A 95 -2.90 13.39 5.20
N ALA A 96 -3.78 12.67 5.89
CA ALA A 96 -3.84 12.73 7.35
C ALA A 96 -2.95 11.65 7.97
N ASP A 97 -3.24 10.39 7.64
CA ASP A 97 -2.47 9.27 8.17
C ASP A 97 -1.84 8.47 7.04
N SER A 98 -1.01 7.49 7.40
CA SER A 98 -0.34 6.65 6.43
C SER A 98 0.14 5.35 7.06
N ILE A 99 -0.33 4.23 6.51
CA ILE A 99 0.04 2.91 7.03
C ILE A 99 1.00 2.21 6.07
N GLN A 100 1.83 1.33 6.63
CA GLN A 100 2.80 0.59 5.83
C GLN A 100 2.46 -0.90 5.81
N GLY A 101 2.13 -1.42 4.63
CA GLY A 101 1.80 -2.82 4.51
C GLY A 101 2.70 -3.55 3.53
N THR A 102 3.41 -4.56 4.02
CA THR A 102 4.32 -5.34 3.18
C THR A 102 3.73 -6.70 2.84
N ALA A 103 3.98 -7.17 1.63
CA ALA A 103 3.48 -8.46 1.18
C ALA A 103 4.37 -9.06 0.10
N ARG A 104 4.55 -10.38 0.15
CA ARG A 104 5.38 -11.07 -0.83
C ARG A 104 4.51 -11.87 -1.82
N THR A 105 4.62 -11.52 -3.09
CA THR A 105 3.86 -12.20 -4.13
C THR A 105 4.25 -13.67 -4.23
N LEU A 106 3.48 -14.42 -5.02
CA LEU A 106 3.75 -15.84 -5.20
C LEU A 106 4.56 -16.08 -6.47
N SER A 107 5.43 -17.09 -6.43
CA SER A 107 6.27 -17.43 -7.57
C SER A 107 5.43 -17.98 -8.72
N GLY A 108 4.41 -18.77 -8.37
CA GLY A 108 3.54 -19.35 -9.38
C GLY A 108 4.08 -20.66 -9.92
N PRO A 109 3.17 -21.58 -10.26
CA PRO A 109 3.53 -22.90 -10.81
C PRO A 109 4.10 -22.81 -12.21
N SER A 110 3.41 -22.09 -13.09
CA SER A 110 3.85 -21.94 -14.47
C SER A 110 4.91 -20.83 -14.58
N SER A 111 5.70 -20.89 -15.64
CA SER A 111 6.77 -19.91 -15.86
C SER A 111 7.28 -19.98 -17.29
N GLY A 112 7.38 -18.82 -17.93
CA GLY A 112 7.87 -18.77 -19.30
C GLY A 112 6.76 -18.55 -20.30
N GLY A 1 -2.83 29.76 7.70
CA GLY A 1 -3.14 30.12 9.07
C GLY A 1 -2.45 29.22 10.08
N SER A 2 -2.53 29.59 11.34
CA SER A 2 -1.90 28.81 12.41
C SER A 2 -2.66 27.50 12.64
N SER A 3 -1.94 26.47 13.05
CA SER A 3 -2.54 25.17 13.31
C SER A 3 -3.63 25.28 14.37
N GLY A 4 -4.58 24.35 14.33
CA GLY A 4 -5.67 24.35 15.29
C GLY A 4 -6.29 22.98 15.47
N SER A 5 -6.20 22.45 16.69
CA SER A 5 -6.77 21.13 16.98
C SER A 5 -8.29 21.19 17.01
N SER A 6 -8.90 20.83 15.88
CA SER A 6 -10.36 20.83 15.77
C SER A 6 -10.84 19.66 14.92
N GLY A 7 -11.63 18.79 15.53
CA GLY A 7 -12.15 17.63 14.82
C GLY A 7 -11.74 16.32 15.46
N SER A 8 -11.62 15.28 14.65
CA SER A 8 -11.24 13.95 15.15
C SER A 8 -9.95 13.48 14.48
N ARG A 9 -9.26 12.56 15.14
CA ARG A 9 -8.01 12.02 14.62
C ARG A 9 -8.19 10.57 14.16
N PRO A 10 -8.70 10.40 12.93
CA PRO A 10 -8.94 9.07 12.36
C PRO A 10 -7.64 8.36 12.02
N ARG A 11 -7.56 7.07 12.37
CA ARG A 11 -6.38 6.27 12.11
C ARG A 11 -6.73 5.02 11.31
N LEU A 12 -5.71 4.37 10.75
CA LEU A 12 -5.91 3.16 9.96
C LEU A 12 -5.68 1.92 10.81
N SER A 13 -6.12 0.77 10.30
CA SER A 13 -5.97 -0.50 11.01
C SER A 13 -4.90 -1.36 10.33
N GLN A 14 -4.61 -2.50 10.94
CA GLN A 14 -3.62 -3.42 10.40
C GLN A 14 -3.92 -3.76 8.95
N LEU A 15 -3.07 -3.27 8.04
CA LEU A 15 -3.25 -3.52 6.62
C LEU A 15 -2.57 -4.82 6.20
N SER A 16 -3.38 -5.85 5.99
CA SER A 16 -2.85 -7.16 5.58
C SER A 16 -3.13 -7.42 4.11
N VAL A 17 -2.40 -8.36 3.53
CA VAL A 17 -2.57 -8.72 2.13
C VAL A 17 -3.11 -10.14 1.99
N THR A 18 -4.22 -10.29 1.27
CA THR A 18 -4.82 -11.59 1.07
C THR A 18 -4.91 -11.93 -0.42
N ASP A 19 -5.16 -13.21 -0.72
CA ASP A 19 -5.26 -13.65 -2.10
C ASP A 19 -3.98 -13.35 -2.87
N VAL A 20 -2.85 -13.42 -2.18
CA VAL A 20 -1.55 -13.16 -2.80
C VAL A 20 -1.43 -13.88 -4.13
N THR A 21 -1.56 -13.13 -5.22
CA THR A 21 -1.46 -13.70 -6.56
C THR A 21 -0.01 -13.73 -7.04
N THR A 22 0.26 -14.55 -8.05
CA THR A 22 1.59 -14.66 -8.60
C THR A 22 2.21 -13.30 -8.86
N SER A 23 1.46 -12.43 -9.52
CA SER A 23 1.94 -11.09 -9.84
C SER A 23 0.93 -10.04 -9.37
N SER A 24 0.10 -10.41 -8.40
CA SER A 24 -0.91 -9.50 -7.88
C SER A 24 -1.29 -9.88 -6.45
N LEU A 25 -2.20 -9.11 -5.86
CA LEU A 25 -2.65 -9.37 -4.50
C LEU A 25 -3.80 -8.44 -4.12
N ARG A 26 -4.30 -8.60 -2.90
CA ARG A 26 -5.40 -7.76 -2.42
C ARG A 26 -5.11 -7.24 -1.01
N LEU A 27 -5.53 -6.01 -0.74
CA LEU A 27 -5.32 -5.40 0.56
C LEU A 27 -6.64 -5.20 1.30
N ASN A 28 -6.57 -5.06 2.62
CA ASN A 28 -7.76 -4.86 3.44
C ASN A 28 -7.41 -4.14 4.73
N TRP A 29 -7.98 -2.95 4.90
CA TRP A 29 -7.73 -2.15 6.09
C TRP A 29 -9.04 -1.64 6.69
N GLU A 30 -9.10 -1.58 8.01
CA GLU A 30 -10.30 -1.11 8.71
C GLU A 30 -10.17 0.36 9.10
N ALA A 31 -11.23 1.12 8.89
CA ALA A 31 -11.24 2.53 9.23
C ALA A 31 -12.62 2.99 9.68
N PRO A 32 -12.65 3.95 10.62
CA PRO A 32 -13.90 4.49 11.15
C PRO A 32 -14.66 5.33 10.13
N PRO A 33 -15.90 5.69 10.46
CA PRO A 33 -16.76 6.50 9.59
C PRO A 33 -16.27 7.93 9.46
N GLY A 34 -16.40 8.50 8.27
CA GLY A 34 -15.96 9.86 8.04
C GLY A 34 -14.54 10.11 8.52
N ALA A 35 -13.67 9.14 8.28
CA ALA A 35 -12.27 9.26 8.69
C ALA A 35 -11.44 9.98 7.64
N PHE A 36 -11.49 9.48 6.40
CA PHE A 36 -10.75 10.08 5.31
C PHE A 36 -11.60 10.14 4.05
N ASP A 37 -11.42 11.20 3.26
CA ASP A 37 -12.17 11.37 2.02
C ASP A 37 -11.82 10.27 1.02
N SER A 38 -10.55 9.93 0.94
CA SER A 38 -10.09 8.89 0.02
C SER A 38 -8.85 8.18 0.57
N PHE A 39 -8.33 7.23 -0.20
CA PHE A 39 -7.16 6.47 0.21
C PHE A 39 -6.18 6.31 -0.96
N LEU A 40 -4.98 6.85 -0.80
CA LEU A 40 -3.95 6.77 -1.83
C LEU A 40 -2.90 5.74 -1.47
N LEU A 41 -2.95 4.59 -2.16
CA LEU A 41 -1.99 3.52 -1.92
C LEU A 41 -0.81 3.62 -2.87
N ARG A 42 0.40 3.69 -2.30
CA ARG A 42 1.62 3.79 -3.10
C ARG A 42 2.43 2.51 -3.00
N PHE A 43 2.55 1.79 -4.11
CA PHE A 43 3.30 0.55 -4.15
C PHE A 43 4.57 0.71 -4.98
N GLY A 44 5.72 0.60 -4.32
CA GLY A 44 6.99 0.72 -5.00
C GLY A 44 7.93 -0.44 -4.75
N VAL A 45 8.78 -0.74 -5.71
CA VAL A 45 9.73 -1.83 -5.58
C VAL A 45 10.98 -1.40 -4.82
N PRO A 46 11.14 -1.93 -3.59
CA PRO A 46 12.28 -1.61 -2.74
C PRO A 46 13.59 -2.20 -3.27
N SER A 47 14.45 -1.34 -3.79
CA SER A 47 15.74 -1.79 -4.32
C SER A 47 16.87 -1.49 -3.36
N PRO A 48 17.70 -2.51 -3.08
CA PRO A 48 18.83 -2.37 -2.15
C PRO A 48 19.94 -1.51 -2.74
N SER A 49 20.77 -0.96 -1.86
CA SER A 49 21.88 -0.10 -2.28
C SER A 49 23.19 -0.87 -2.28
N THR A 50 23.09 -2.19 -2.25
CA THR A 50 24.27 -3.04 -2.24
C THR A 50 24.50 -3.69 -3.61
N LEU A 51 23.42 -3.91 -4.34
CA LEU A 51 23.50 -4.52 -5.67
C LEU A 51 23.48 -3.44 -6.75
N GLU A 52 23.96 -3.81 -7.95
CA GLU A 52 24.00 -2.87 -9.06
C GLU A 52 22.61 -2.66 -9.64
N PRO A 53 22.31 -1.41 -10.02
CA PRO A 53 21.01 -1.03 -10.59
C PRO A 53 20.81 -1.61 -11.99
N HIS A 54 19.55 -1.80 -12.37
CA HIS A 54 19.22 -2.34 -13.69
C HIS A 54 18.60 -1.27 -14.58
N PRO A 55 18.91 -1.32 -15.87
CA PRO A 55 18.39 -0.36 -16.86
C PRO A 55 16.90 -0.55 -17.11
N ARG A 56 16.29 -1.47 -16.38
CA ARG A 56 14.86 -1.74 -16.52
C ARG A 56 14.03 -0.56 -16.03
N PRO A 57 13.20 -0.02 -16.93
CA PRO A 57 12.33 1.12 -16.61
C PRO A 57 11.22 0.75 -15.65
N LEU A 58 11.23 1.37 -14.48
CA LEU A 58 10.21 1.10 -13.45
C LEU A 58 9.42 2.37 -13.13
N LEU A 59 8.13 2.35 -13.46
CA LEU A 59 7.26 3.50 -13.21
C LEU A 59 6.44 3.28 -11.95
N GLN A 60 6.27 4.34 -11.17
CA GLN A 60 5.49 4.26 -9.94
C GLN A 60 4.02 4.50 -10.21
N ARG A 61 3.16 3.97 -9.34
CA ARG A 61 1.72 4.13 -9.49
C ARG A 61 1.03 4.10 -8.13
N GLU A 62 -0.28 4.37 -8.13
CA GLU A 62 -1.05 4.38 -6.89
C GLU A 62 -2.53 4.12 -7.19
N LEU A 63 -3.25 3.67 -6.17
CA LEU A 63 -4.68 3.39 -6.31
C LEU A 63 -5.52 4.48 -5.65
N MET A 64 -6.76 4.64 -6.12
CA MET A 64 -7.66 5.64 -5.57
C MET A 64 -8.94 5.00 -5.06
N VAL A 65 -9.13 5.00 -3.75
CA VAL A 65 -10.32 4.42 -3.14
C VAL A 65 -10.88 5.32 -2.05
N PRO A 66 -12.21 5.47 -2.02
CA PRO A 66 -12.90 6.31 -1.03
C PRO A 66 -12.84 5.70 0.37
N GLY A 67 -12.79 6.57 1.38
CA GLY A 67 -12.73 6.11 2.75
C GLY A 67 -13.68 4.95 3.01
N THR A 68 -14.90 5.05 2.49
CA THR A 68 -15.89 4.01 2.67
C THR A 68 -15.38 2.66 2.21
N ARG A 69 -14.57 2.67 1.14
CA ARG A 69 -14.00 1.44 0.61
C ARG A 69 -12.54 1.28 1.05
N HIS A 70 -12.24 0.14 1.65
CA HIS A 70 -10.89 -0.14 2.13
C HIS A 70 -10.31 -1.36 1.42
N SER A 71 -10.06 -1.22 0.11
CA SER A 71 -9.51 -2.31 -0.68
C SER A 71 -8.50 -1.78 -1.70
N ALA A 72 -7.58 -2.64 -2.11
CA ALA A 72 -6.56 -2.26 -3.08
C ALA A 72 -5.98 -3.50 -3.77
N VAL A 73 -6.07 -3.51 -5.10
CA VAL A 73 -5.56 -4.63 -5.88
C VAL A 73 -4.50 -4.16 -6.87
N LEU A 74 -3.28 -4.65 -6.69
CA LEU A 74 -2.17 -4.29 -7.57
C LEU A 74 -1.91 -5.38 -8.60
N ARG A 75 -1.66 -4.97 -9.84
CA ARG A 75 -1.40 -5.91 -10.92
C ARG A 75 -0.06 -5.62 -11.59
N ASP A 76 0.37 -6.51 -12.48
CA ASP A 76 1.63 -6.34 -13.18
C ASP A 76 2.81 -6.32 -12.21
N LEU A 77 2.74 -7.19 -11.20
CA LEU A 77 3.80 -7.27 -10.19
C LEU A 77 4.79 -8.37 -10.54
N ARG A 78 5.94 -8.37 -9.86
CA ARG A 78 6.98 -9.36 -10.09
C ARG A 78 6.64 -10.67 -9.38
N SER A 79 7.37 -11.73 -9.72
CA SER A 79 7.15 -13.04 -9.12
C SER A 79 8.08 -13.24 -7.93
N GLY A 80 7.55 -13.85 -6.88
CA GLY A 80 8.33 -14.10 -5.69
C GLY A 80 9.15 -12.89 -5.27
N THR A 81 8.52 -11.72 -5.28
CA THR A 81 9.20 -10.48 -4.91
C THR A 81 8.43 -9.75 -3.80
N LEU A 82 9.17 -9.03 -2.96
CA LEU A 82 8.56 -8.29 -1.86
C LEU A 82 8.24 -6.86 -2.28
N TYR A 83 6.99 -6.46 -2.10
CA TYR A 83 6.56 -5.11 -2.47
C TYR A 83 6.24 -4.29 -1.22
N SER A 84 6.52 -3.00 -1.28
CA SER A 84 6.27 -2.10 -0.16
C SER A 84 5.06 -1.21 -0.44
N LEU A 85 3.94 -1.53 0.20
CA LEU A 85 2.71 -0.76 0.02
C LEU A 85 2.53 0.23 1.16
N THR A 86 2.08 1.43 0.83
CA THR A 86 1.85 2.47 1.83
C THR A 86 0.55 3.22 1.55
N LEU A 87 -0.42 3.07 2.44
CA LEU A 87 -1.70 3.74 2.30
C LEU A 87 -1.67 5.13 2.93
N TYR A 88 -2.45 6.05 2.36
CA TYR A 88 -2.50 7.42 2.87
C TYR A 88 -3.96 7.86 3.07
N GLY A 89 -4.37 7.94 4.33
CA GLY A 89 -5.73 8.36 4.63
C GLY A 89 -5.95 9.82 4.35
N LEU A 90 -6.35 10.13 3.12
CA LEU A 90 -6.61 11.51 2.72
C LEU A 90 -7.84 12.07 3.44
N ARG A 91 -7.61 12.99 4.36
CA ARG A 91 -8.69 13.60 5.11
C ARG A 91 -9.30 14.77 4.34
N GLY A 92 -8.89 14.93 3.10
CA GLY A 92 -9.39 16.02 2.28
C GLY A 92 -8.33 16.63 1.39
N PRO A 93 -7.81 17.80 1.80
CA PRO A 93 -6.77 18.50 1.05
C PRO A 93 -5.43 17.78 1.09
N HIS A 94 -4.99 17.43 2.29
CA HIS A 94 -3.71 16.74 2.46
C HIS A 94 -3.91 15.44 3.26
N LYS A 95 -2.97 14.52 3.11
CA LYS A 95 -3.03 13.24 3.81
C LYS A 95 -3.01 13.44 5.32
N ALA A 96 -3.82 12.68 6.04
CA ALA A 96 -3.88 12.77 7.49
C ALA A 96 -3.08 11.66 8.15
N ASP A 97 -3.34 10.42 7.73
CA ASP A 97 -2.63 9.27 8.29
C ASP A 97 -2.12 8.36 7.17
N SER A 98 -1.31 7.38 7.55
CA SER A 98 -0.75 6.44 6.58
C SER A 98 -0.28 5.16 7.27
N ILE A 99 -0.25 4.07 6.51
CA ILE A 99 0.18 2.79 7.06
C ILE A 99 1.16 2.09 6.11
N GLN A 100 1.89 1.11 6.64
CA GLN A 100 2.86 0.37 5.84
C GLN A 100 2.53 -1.11 5.82
N GLY A 101 2.19 -1.61 4.63
CA GLY A 101 1.86 -3.02 4.48
C GLY A 101 2.74 -3.74 3.47
N THR A 102 3.52 -4.69 3.95
CA THR A 102 4.41 -5.45 3.09
C THR A 102 3.81 -6.81 2.72
N ALA A 103 4.02 -7.22 1.48
CA ALA A 103 3.50 -8.51 1.01
C ALA A 103 4.42 -9.11 -0.06
N ARG A 104 4.64 -10.42 0.04
CA ARG A 104 5.49 -11.11 -0.92
C ARG A 104 4.66 -11.92 -1.90
N THR A 105 4.73 -11.56 -3.18
CA THR A 105 3.99 -12.25 -4.22
C THR A 105 4.44 -13.70 -4.35
N LEU A 106 3.64 -14.50 -5.06
CA LEU A 106 3.96 -15.91 -5.26
C LEU A 106 4.79 -16.11 -6.53
N SER A 107 5.50 -17.22 -6.60
CA SER A 107 6.33 -17.53 -7.76
C SER A 107 5.52 -18.25 -8.83
N GLY A 108 4.52 -19.01 -8.41
CA GLY A 108 3.69 -19.74 -9.34
C GLY A 108 3.56 -21.21 -8.99
N PRO A 109 2.33 -21.73 -9.04
CA PRO A 109 2.05 -23.14 -8.73
C PRO A 109 2.60 -24.09 -9.77
N SER A 110 2.83 -23.57 -10.98
CA SER A 110 3.35 -24.38 -12.08
C SER A 110 4.67 -25.02 -11.68
N SER A 111 4.83 -26.29 -12.03
CA SER A 111 6.06 -27.03 -11.72
C SER A 111 7.05 -26.95 -12.87
N GLY A 112 8.25 -27.48 -12.66
CA GLY A 112 9.27 -27.48 -13.69
C GLY A 112 10.61 -26.99 -13.17
N GLY A 1 -5.46 21.75 31.92
CA GLY A 1 -6.57 20.94 31.46
C GLY A 1 -6.11 19.80 30.56
N SER A 2 -5.67 20.15 29.36
CA SER A 2 -5.20 19.14 28.40
C SER A 2 -3.94 19.62 27.69
N SER A 3 -3.05 18.68 27.37
CA SER A 3 -1.80 18.99 26.69
C SER A 3 -1.77 18.38 25.31
N GLY A 4 -2.11 19.18 24.30
CA GLY A 4 -2.12 18.70 22.93
C GLY A 4 -3.47 18.88 22.26
N SER A 5 -3.86 17.90 21.46
CA SER A 5 -5.13 17.95 20.74
C SER A 5 -6.27 17.40 21.61
N SER A 6 -7.40 18.08 21.59
CA SER A 6 -8.56 17.66 22.37
C SER A 6 -9.42 16.68 21.59
N GLY A 7 -8.75 15.74 20.91
CA GLY A 7 -9.47 14.74 20.13
C GLY A 7 -8.55 13.71 19.53
N SER A 8 -9.03 12.48 19.41
CA SER A 8 -8.24 11.39 18.85
C SER A 8 -8.53 11.23 17.36
N ARG A 9 -7.67 11.83 16.54
CA ARG A 9 -7.83 11.76 15.09
C ARG A 9 -7.95 10.30 14.63
N PRO A 10 -8.74 10.08 13.57
CA PRO A 10 -8.96 8.74 13.01
C PRO A 10 -7.72 8.20 12.32
N ARG A 11 -7.46 6.91 12.50
CA ARG A 11 -6.31 6.26 11.89
C ARG A 11 -6.71 5.00 11.13
N LEU A 12 -5.74 4.33 10.52
CA LEU A 12 -6.00 3.11 9.77
C LEU A 12 -5.73 1.88 10.62
N SER A 13 -6.24 0.73 10.17
CA SER A 13 -6.06 -0.52 10.89
C SER A 13 -4.97 -1.36 10.24
N GLN A 14 -4.73 -2.55 10.80
CA GLN A 14 -3.72 -3.46 10.27
C GLN A 14 -3.97 -3.75 8.80
N LEU A 15 -3.10 -3.23 7.93
CA LEU A 15 -3.23 -3.45 6.49
C LEU A 15 -2.53 -4.74 6.07
N SER A 16 -3.32 -5.77 5.81
CA SER A 16 -2.78 -7.05 5.39
C SER A 16 -3.11 -7.34 3.93
N VAL A 17 -2.40 -8.29 3.33
CA VAL A 17 -2.63 -8.66 1.95
C VAL A 17 -3.17 -10.08 1.83
N THR A 18 -4.27 -10.24 1.10
CA THR A 18 -4.89 -11.54 0.92
C THR A 18 -4.93 -11.93 -0.56
N ASP A 19 -5.26 -13.19 -0.82
CA ASP A 19 -5.33 -13.69 -2.19
C ASP A 19 -4.05 -13.36 -2.96
N VAL A 20 -2.91 -13.52 -2.29
CA VAL A 20 -1.62 -13.25 -2.90
C VAL A 20 -1.50 -13.95 -4.26
N THR A 21 -1.63 -13.17 -5.33
CA THR A 21 -1.53 -13.72 -6.68
C THR A 21 -0.08 -13.76 -7.15
N THR A 22 0.17 -14.55 -8.19
CA THR A 22 1.52 -14.68 -8.74
C THR A 22 2.15 -13.32 -8.98
N SER A 23 1.42 -12.45 -9.69
CA SER A 23 1.92 -11.11 -10.00
C SER A 23 0.93 -10.05 -9.52
N SER A 24 0.07 -10.44 -8.58
CA SER A 24 -0.93 -9.51 -8.03
C SER A 24 -1.35 -9.93 -6.63
N LEU A 25 -2.21 -9.14 -6.01
CA LEU A 25 -2.70 -9.42 -4.67
C LEU A 25 -3.82 -8.47 -4.28
N ARG A 26 -4.33 -8.64 -3.06
CA ARG A 26 -5.41 -7.79 -2.57
C ARG A 26 -5.11 -7.29 -1.17
N LEU A 27 -5.54 -6.07 -0.87
CA LEU A 27 -5.32 -5.47 0.45
C LEU A 27 -6.63 -5.29 1.20
N ASN A 28 -6.54 -5.13 2.52
CA ASN A 28 -7.72 -4.95 3.35
C ASN A 28 -7.37 -4.19 4.63
N TRP A 29 -8.04 -3.07 4.85
CA TRP A 29 -7.82 -2.26 6.03
C TRP A 29 -9.12 -1.72 6.59
N GLU A 30 -9.18 -1.55 7.91
CA GLU A 30 -10.37 -1.04 8.57
C GLU A 30 -10.19 0.42 8.99
N ALA A 31 -11.22 1.22 8.76
CA ALA A 31 -11.18 2.64 9.11
C ALA A 31 -12.51 3.10 9.68
N PRO A 32 -12.45 4.03 10.65
CA PRO A 32 -13.65 4.57 11.30
C PRO A 32 -14.46 5.47 10.37
N PRO A 33 -15.67 5.84 10.81
CA PRO A 33 -16.57 6.70 10.02
C PRO A 33 -16.06 8.13 9.91
N GLY A 34 -16.12 8.68 8.70
CA GLY A 34 -15.66 10.05 8.49
C GLY A 34 -14.18 10.20 8.76
N ALA A 35 -13.43 9.11 8.59
CA ALA A 35 -11.99 9.15 8.81
C ALA A 35 -11.28 9.94 7.72
N PHE A 36 -11.47 9.52 6.48
CA PHE A 36 -10.85 10.19 5.34
C PHE A 36 -11.76 10.17 4.12
N ASP A 37 -11.59 11.15 3.24
CA ASP A 37 -12.40 11.24 2.03
C ASP A 37 -12.05 10.13 1.05
N SER A 38 -10.75 9.92 0.84
CA SER A 38 -10.28 8.89 -0.08
C SER A 38 -9.00 8.25 0.43
N PHE A 39 -8.48 7.28 -0.32
CA PHE A 39 -7.25 6.60 0.06
C PHE A 39 -6.32 6.46 -1.13
N LEU A 40 -5.14 7.08 -1.03
CA LEU A 40 -4.15 7.03 -2.10
C LEU A 40 -3.01 6.06 -1.75
N LEU A 41 -3.05 4.89 -2.37
CA LEU A 41 -2.02 3.87 -2.13
C LEU A 41 -0.86 4.03 -3.11
N ARG A 42 0.33 3.69 -2.66
CA ARG A 42 1.52 3.79 -3.49
C ARG A 42 2.47 2.63 -3.22
N PHE A 43 2.65 1.77 -4.23
CA PHE A 43 3.54 0.62 -4.09
C PHE A 43 4.86 0.85 -4.82
N GLY A 44 5.96 0.65 -4.11
CA GLY A 44 7.27 0.85 -4.70
C GLY A 44 8.16 -0.38 -4.57
N VAL A 45 9.22 -0.41 -5.36
CA VAL A 45 10.16 -1.53 -5.33
C VAL A 45 11.32 -1.26 -4.39
N PRO A 46 11.30 -1.93 -3.22
CA PRO A 46 12.35 -1.78 -2.21
C PRO A 46 13.68 -2.38 -2.65
N SER A 47 14.66 -1.52 -2.91
CA SER A 47 15.98 -1.99 -3.34
C SER A 47 16.91 -2.15 -2.15
N PRO A 48 17.76 -3.19 -2.21
CA PRO A 48 18.72 -3.49 -1.15
C PRO A 48 19.84 -2.45 -1.07
N SER A 49 20.57 -2.45 0.05
CA SER A 49 21.66 -1.51 0.24
C SER A 49 22.98 -2.12 -0.19
N THR A 50 23.06 -3.45 -0.15
CA THR A 50 24.27 -4.15 -0.55
C THR A 50 24.45 -4.16 -2.06
N LEU A 51 23.33 -4.16 -2.78
CA LEU A 51 23.36 -4.16 -4.24
C LEU A 51 23.46 -2.73 -4.77
N GLU A 52 24.22 -2.58 -5.86
CA GLU A 52 24.39 -1.27 -6.47
C GLU A 52 23.16 -0.87 -7.28
N PRO A 53 22.83 0.44 -7.25
CA PRO A 53 21.67 0.97 -7.98
C PRO A 53 21.87 0.95 -9.49
N HIS A 54 20.78 0.76 -10.22
CA HIS A 54 20.84 0.72 -11.68
C HIS A 54 20.20 1.97 -12.27
N PRO A 55 20.74 2.41 -13.43
CA PRO A 55 20.24 3.60 -14.13
C PRO A 55 18.86 3.38 -14.74
N ARG A 56 18.36 2.15 -14.63
CA ARG A 56 17.04 1.81 -15.16
C ARG A 56 15.93 2.39 -14.31
N PRO A 57 15.08 3.21 -14.93
CA PRO A 57 13.95 3.85 -14.24
C PRO A 57 12.86 2.85 -13.85
N LEU A 58 12.17 3.14 -12.76
CA LEU A 58 11.10 2.27 -12.28
C LEU A 58 9.75 2.99 -12.29
N LEU A 59 8.80 2.44 -13.04
CA LEU A 59 7.47 3.03 -13.12
C LEU A 59 6.63 2.68 -11.90
N GLN A 60 6.09 3.71 -11.24
CA GLN A 60 5.27 3.51 -10.06
C GLN A 60 3.82 3.93 -10.33
N ARG A 61 2.90 3.36 -9.55
CA ARG A 61 1.49 3.68 -9.71
C ARG A 61 0.80 3.78 -8.35
N GLU A 62 -0.40 4.36 -8.33
CA GLU A 62 -1.15 4.53 -7.11
C GLU A 62 -2.63 4.19 -7.32
N LEU A 63 -3.30 3.80 -6.24
CA LEU A 63 -4.72 3.46 -6.31
C LEU A 63 -5.58 4.54 -5.67
N MET A 64 -6.84 4.63 -6.10
CA MET A 64 -7.75 5.62 -5.55
C MET A 64 -9.03 4.96 -5.05
N VAL A 65 -9.23 4.97 -3.74
CA VAL A 65 -10.41 4.37 -3.14
C VAL A 65 -10.98 5.26 -2.03
N PRO A 66 -12.31 5.40 -2.02
CA PRO A 66 -13.01 6.21 -1.02
C PRO A 66 -12.95 5.60 0.37
N GLY A 67 -12.94 6.46 1.39
CA GLY A 67 -12.88 5.99 2.77
C GLY A 67 -13.83 4.83 3.01
N THR A 68 -15.04 4.92 2.46
CA THR A 68 -16.04 3.87 2.62
C THR A 68 -15.50 2.52 2.15
N ARG A 69 -14.66 2.56 1.12
CA ARG A 69 -14.08 1.33 0.58
C ARG A 69 -12.63 1.18 1.01
N HIS A 70 -12.32 0.05 1.63
CA HIS A 70 -10.97 -0.23 2.10
C HIS A 70 -10.38 -1.44 1.39
N SER A 71 -10.14 -1.30 0.09
CA SER A 71 -9.58 -2.38 -0.71
C SER A 71 -8.59 -1.85 -1.73
N ALA A 72 -7.68 -2.72 -2.18
CA ALA A 72 -6.68 -2.33 -3.17
C ALA A 72 -6.11 -3.56 -3.88
N VAL A 73 -6.23 -3.57 -5.21
CA VAL A 73 -5.74 -4.69 -6.01
C VAL A 73 -4.56 -4.25 -6.87
N LEU A 74 -3.40 -4.82 -6.59
CA LEU A 74 -2.18 -4.50 -7.35
C LEU A 74 -1.91 -5.55 -8.42
N ARG A 75 -1.45 -5.11 -9.58
CA ARG A 75 -1.15 -6.01 -10.68
C ARG A 75 0.18 -5.64 -11.34
N ASP A 76 0.62 -6.47 -12.27
CA ASP A 76 1.88 -6.23 -12.98
C ASP A 76 3.06 -6.26 -12.02
N LEU A 77 2.97 -7.10 -10.99
CA LEU A 77 4.03 -7.23 -10.00
C LEU A 77 5.02 -8.32 -10.40
N ARG A 78 6.11 -8.42 -9.64
CA ARG A 78 7.13 -9.43 -9.90
C ARG A 78 6.77 -10.76 -9.25
N SER A 79 7.56 -11.79 -9.54
CA SER A 79 7.32 -13.12 -8.99
C SER A 79 8.08 -13.30 -7.68
N GLY A 80 7.42 -13.91 -6.70
CA GLY A 80 8.04 -14.14 -5.41
C GLY A 80 8.96 -13.01 -5.00
N THR A 81 8.41 -11.80 -4.94
CA THR A 81 9.20 -10.63 -4.57
C THR A 81 8.48 -9.82 -3.49
N LEU A 82 9.25 -9.25 -2.57
CA LEU A 82 8.69 -8.44 -1.49
C LEU A 82 8.46 -7.00 -1.95
N TYR A 83 7.21 -6.57 -1.85
CA TYR A 83 6.84 -5.21 -2.25
C TYR A 83 6.55 -4.34 -1.04
N SER A 84 6.77 -3.04 -1.18
CA SER A 84 6.53 -2.09 -0.10
C SER A 84 5.31 -1.22 -0.39
N LEU A 85 4.22 -1.50 0.30
CA LEU A 85 2.99 -0.74 0.12
C LEU A 85 2.89 0.41 1.13
N THR A 86 2.15 1.45 0.76
CA THR A 86 1.99 2.61 1.63
C THR A 86 0.67 3.33 1.34
N LEU A 87 -0.27 3.23 2.27
CA LEU A 87 -1.56 3.87 2.12
C LEU A 87 -1.57 5.26 2.75
N TYR A 88 -2.39 6.14 2.21
CA TYR A 88 -2.49 7.52 2.71
C TYR A 88 -3.95 7.92 2.92
N GLY A 89 -4.32 8.11 4.19
CA GLY A 89 -5.69 8.50 4.49
C GLY A 89 -5.96 9.96 4.18
N LEU A 90 -6.37 10.22 2.95
CA LEU A 90 -6.66 11.59 2.52
C LEU A 90 -7.93 12.11 3.20
N ARG A 91 -7.76 13.00 4.16
CA ARG A 91 -8.87 13.57 4.89
C ARG A 91 -9.47 14.76 4.13
N GLY A 92 -8.93 15.03 2.94
CA GLY A 92 -9.41 16.12 2.14
C GLY A 92 -8.31 16.79 1.33
N PRO A 93 -7.82 17.94 1.82
CA PRO A 93 -6.76 18.69 1.16
C PRO A 93 -5.41 17.98 1.23
N HIS A 94 -5.02 17.56 2.43
CA HIS A 94 -3.76 16.86 2.63
C HIS A 94 -3.98 15.54 3.36
N LYS A 95 -3.03 14.62 3.21
CA LYS A 95 -3.12 13.31 3.84
C LYS A 95 -3.13 13.44 5.35
N ALA A 96 -4.04 12.71 5.99
CA ALA A 96 -4.16 12.75 7.45
C ALA A 96 -3.27 11.69 8.09
N ASP A 97 -3.39 10.46 7.62
CA ASP A 97 -2.59 9.36 8.16
C ASP A 97 -2.03 8.50 7.03
N SER A 98 -1.21 7.52 7.39
CA SER A 98 -0.59 6.64 6.40
C SER A 98 -0.16 5.33 7.05
N ILE A 99 -0.41 4.22 6.36
CA ILE A 99 -0.04 2.89 6.86
C ILE A 99 0.93 2.21 5.92
N GLN A 100 1.74 1.29 6.47
CA GLN A 100 2.71 0.55 5.67
C GLN A 100 2.41 -0.94 5.70
N GLY A 101 2.14 -1.51 4.53
CA GLY A 101 1.84 -2.92 4.43
C GLY A 101 2.83 -3.67 3.57
N THR A 102 3.35 -4.78 4.10
CA THR A 102 4.32 -5.59 3.36
C THR A 102 3.73 -6.93 2.96
N ALA A 103 4.08 -7.39 1.77
CA ALA A 103 3.58 -8.67 1.27
C ALA A 103 4.51 -9.25 0.22
N ARG A 104 4.50 -10.57 0.09
CA ARG A 104 5.36 -11.26 -0.88
C ARG A 104 4.52 -12.03 -1.90
N THR A 105 4.62 -11.63 -3.16
CA THR A 105 3.87 -12.27 -4.23
C THR A 105 4.23 -13.76 -4.34
N LEU A 106 3.54 -14.47 -5.23
CA LEU A 106 3.79 -15.89 -5.42
C LEU A 106 4.66 -16.12 -6.65
N SER A 107 5.45 -17.19 -6.63
CA SER A 107 6.33 -17.52 -7.74
C SER A 107 5.55 -18.20 -8.87
N GLY A 108 4.60 -19.06 -8.50
CA GLY A 108 3.80 -19.76 -9.48
C GLY A 108 4.00 -21.26 -9.44
N PRO A 109 2.96 -22.02 -9.81
CA PRO A 109 3.00 -23.48 -9.82
C PRO A 109 3.91 -24.02 -10.92
N SER A 110 5.05 -24.58 -10.53
CA SER A 110 5.99 -25.14 -11.48
C SER A 110 6.32 -24.13 -12.58
N SER A 111 6.58 -22.89 -12.16
CA SER A 111 6.90 -21.81 -13.11
C SER A 111 8.16 -22.16 -13.91
N GLY A 112 8.13 -21.83 -15.20
CA GLY A 112 9.27 -22.11 -16.06
C GLY A 112 10.54 -21.44 -15.56
N GLY A 1 5.54 1.71 27.06
CA GLY A 1 4.61 1.81 25.94
C GLY A 1 4.32 3.24 25.55
N SER A 2 3.03 3.58 25.46
CA SER A 2 2.62 4.93 25.09
C SER A 2 1.93 5.62 26.27
N SER A 3 2.57 6.65 26.80
CA SER A 3 2.01 7.40 27.93
C SER A 3 2.07 8.90 27.67
N GLY A 4 0.90 9.54 27.65
CA GLY A 4 0.84 10.97 27.41
C GLY A 4 -0.49 11.40 26.85
N SER A 5 -0.49 12.50 26.10
CA SER A 5 -1.71 13.03 25.51
C SER A 5 -1.56 13.22 24.00
N SER A 6 -2.24 12.37 23.23
CA SER A 6 -2.17 12.44 21.77
C SER A 6 -3.46 13.03 21.20
N GLY A 7 -3.33 13.75 20.07
CA GLY A 7 -4.49 14.35 19.44
C GLY A 7 -5.57 13.33 19.14
N SER A 8 -6.79 13.82 18.91
CA SER A 8 -7.92 12.95 18.61
C SER A 8 -8.22 12.93 17.12
N ARG A 9 -7.46 12.13 16.38
CA ARG A 9 -7.63 12.03 14.93
C ARG A 9 -7.79 10.57 14.51
N PRO A 10 -8.55 10.34 13.43
CA PRO A 10 -8.80 9.00 12.90
C PRO A 10 -7.55 8.38 12.28
N ARG A 11 -7.37 7.08 12.48
CA ARG A 11 -6.22 6.37 11.94
C ARG A 11 -6.67 5.12 11.17
N LEU A 12 -5.69 4.39 10.64
CA LEU A 12 -5.98 3.17 9.88
C LEU A 12 -5.72 1.94 10.72
N SER A 13 -6.22 0.80 10.27
CA SER A 13 -6.04 -0.47 10.99
C SER A 13 -4.95 -1.30 10.33
N GLN A 14 -4.69 -2.48 10.89
CA GLN A 14 -3.68 -3.38 10.37
C GLN A 14 -3.93 -3.68 8.90
N LEU A 15 -3.06 -3.16 8.03
CA LEU A 15 -3.18 -3.38 6.59
C LEU A 15 -2.49 -4.67 6.17
N SER A 16 -3.30 -5.71 5.91
CA SER A 16 -2.76 -7.00 5.50
C SER A 16 -3.10 -7.28 4.04
N VAL A 17 -2.41 -8.26 3.47
CA VAL A 17 -2.63 -8.65 2.08
C VAL A 17 -3.21 -10.05 1.97
N THR A 18 -4.30 -10.18 1.22
CA THR A 18 -4.95 -11.47 1.04
C THR A 18 -5.05 -11.83 -0.44
N ASP A 19 -5.14 -13.13 -0.72
CA ASP A 19 -5.25 -13.61 -2.09
C ASP A 19 -3.98 -13.28 -2.87
N VAL A 20 -2.84 -13.32 -2.20
CA VAL A 20 -1.57 -13.02 -2.83
C VAL A 20 -1.43 -13.75 -4.16
N THR A 21 -1.59 -13.01 -5.26
CA THR A 21 -1.49 -13.59 -6.60
C THR A 21 -0.04 -13.63 -7.06
N THR A 22 0.22 -14.45 -8.07
CA THR A 22 1.58 -14.58 -8.62
C THR A 22 2.19 -13.22 -8.91
N SER A 23 1.43 -12.37 -9.61
CA SER A 23 1.91 -11.04 -9.96
C SER A 23 0.93 -9.97 -9.48
N SER A 24 0.09 -10.33 -8.51
CA SER A 24 -0.90 -9.42 -7.97
C SER A 24 -1.28 -9.81 -6.54
N LEU A 25 -2.16 -9.02 -5.94
CA LEU A 25 -2.61 -9.28 -4.57
C LEU A 25 -3.74 -8.34 -4.18
N ARG A 26 -4.25 -8.51 -2.96
CA ARG A 26 -5.33 -7.67 -2.47
C ARG A 26 -5.05 -7.20 -1.05
N LEU A 27 -5.50 -5.99 -0.73
CA LEU A 27 -5.29 -5.42 0.60
C LEU A 27 -6.62 -5.25 1.33
N ASN A 28 -6.55 -5.08 2.65
CA ASN A 28 -7.75 -4.89 3.46
C ASN A 28 -7.42 -4.15 4.74
N TRP A 29 -8.00 -2.96 4.90
CA TRP A 29 -7.78 -2.14 6.07
C TRP A 29 -9.09 -1.65 6.66
N GLU A 30 -9.16 -1.55 7.99
CA GLU A 30 -10.36 -1.10 8.67
C GLU A 30 -10.26 0.38 9.03
N ALA A 31 -11.33 1.12 8.77
CA ALA A 31 -11.37 2.55 9.06
C ALA A 31 -12.75 2.98 9.52
N PRO A 32 -12.79 3.94 10.46
CA PRO A 32 -14.05 4.47 11.00
C PRO A 32 -14.82 5.28 9.98
N PRO A 33 -16.10 5.58 10.29
CA PRO A 33 -16.97 6.36 9.41
C PRO A 33 -16.56 7.82 9.34
N GLY A 34 -16.70 8.41 8.15
CA GLY A 34 -16.34 9.81 7.97
C GLY A 34 -14.93 10.11 8.47
N ALA A 35 -14.02 9.18 8.24
CA ALA A 35 -12.63 9.35 8.67
C ALA A 35 -11.81 10.07 7.61
N PHE A 36 -11.68 9.45 6.45
CA PHE A 36 -10.92 10.04 5.35
C PHE A 36 -11.76 10.11 4.08
N ASP A 37 -11.49 11.11 3.26
CA ASP A 37 -12.22 11.30 2.01
C ASP A 37 -11.90 10.18 1.02
N SER A 38 -10.61 9.87 0.89
CA SER A 38 -10.17 8.84 -0.03
C SER A 38 -8.91 8.15 0.49
N PHE A 39 -8.43 7.16 -0.25
CA PHE A 39 -7.24 6.41 0.14
C PHE A 39 -6.27 6.29 -1.03
N LEU A 40 -5.07 6.82 -0.86
CA LEU A 40 -4.04 6.77 -1.90
C LEU A 40 -2.96 5.75 -1.55
N LEU A 41 -2.97 4.62 -2.24
CA LEU A 41 -1.99 3.57 -2.01
C LEU A 41 -0.77 3.74 -2.92
N ARG A 42 0.41 3.63 -2.33
CA ARG A 42 1.65 3.77 -3.09
C ARG A 42 2.50 2.52 -2.98
N PHE A 43 2.71 1.85 -4.11
CA PHE A 43 3.51 0.63 -4.13
C PHE A 43 4.78 0.83 -4.97
N GLY A 44 5.93 0.75 -4.30
CA GLY A 44 7.19 0.93 -4.99
C GLY A 44 8.10 -0.28 -4.86
N VAL A 45 9.11 -0.36 -5.73
CA VAL A 45 10.05 -1.47 -5.70
C VAL A 45 11.26 -1.15 -4.84
N PRO A 46 11.32 -1.78 -3.65
CA PRO A 46 12.43 -1.57 -2.70
C PRO A 46 13.73 -2.18 -3.20
N SER A 47 14.68 -1.31 -3.53
CA SER A 47 15.98 -1.76 -4.03
C SER A 47 16.99 -1.88 -2.89
N PRO A 48 17.67 -3.03 -2.80
CA PRO A 48 18.66 -3.30 -1.77
C PRO A 48 19.92 -2.45 -1.95
N SER A 49 20.75 -2.40 -0.91
CA SER A 49 21.99 -1.62 -0.96
C SER A 49 23.19 -2.53 -1.24
N THR A 50 23.01 -3.83 -0.97
CA THR A 50 24.08 -4.79 -1.20
C THR A 50 24.26 -5.08 -2.68
N LEU A 51 23.17 -4.99 -3.43
CA LEU A 51 23.21 -5.23 -4.87
C LEU A 51 23.24 -3.92 -5.65
N GLU A 52 23.84 -3.95 -6.83
CA GLU A 52 23.93 -2.76 -7.66
C GLU A 52 22.68 -2.59 -8.52
N PRO A 53 21.95 -1.49 -8.32
CA PRO A 53 20.73 -1.19 -9.07
C PRO A 53 21.00 -0.87 -10.53
N HIS A 54 19.97 -0.98 -11.36
CA HIS A 54 20.10 -0.69 -12.79
C HIS A 54 19.51 0.67 -13.13
N PRO A 55 20.08 1.32 -14.16
CA PRO A 55 19.62 2.64 -14.60
C PRO A 55 18.24 2.59 -15.26
N ARG A 56 17.64 1.40 -15.27
CA ARG A 56 16.32 1.22 -15.85
C ARG A 56 15.25 1.95 -15.04
N PRO A 57 14.36 2.67 -15.74
CA PRO A 57 13.29 3.42 -15.10
C PRO A 57 12.22 2.52 -14.49
N LEU A 58 11.63 2.95 -13.38
CA LEU A 58 10.61 2.17 -12.70
C LEU A 58 9.28 2.93 -12.68
N LEU A 59 8.35 2.50 -13.53
CA LEU A 59 7.03 3.13 -13.59
C LEU A 59 6.29 3.01 -12.28
N GLN A 60 5.90 4.15 -11.71
CA GLN A 60 5.18 4.16 -10.44
C GLN A 60 3.68 4.34 -10.67
N ARG A 61 2.87 3.80 -9.76
CA ARG A 61 1.42 3.90 -9.86
C ARG A 61 0.79 3.97 -8.48
N GLU A 62 -0.47 4.40 -8.43
CA GLU A 62 -1.19 4.52 -7.18
C GLU A 62 -2.67 4.17 -7.36
N LEU A 63 -3.32 3.77 -6.28
CA LEU A 63 -4.73 3.41 -6.33
C LEU A 63 -5.59 4.49 -5.67
N MET A 64 -6.85 4.58 -6.09
CA MET A 64 -7.77 5.57 -5.55
C MET A 64 -9.05 4.91 -5.07
N VAL A 65 -9.25 4.88 -3.76
CA VAL A 65 -10.43 4.28 -3.16
C VAL A 65 -11.02 5.17 -2.07
N PRO A 66 -12.36 5.29 -2.07
CA PRO A 66 -13.08 6.11 -1.08
C PRO A 66 -13.02 5.51 0.31
N GLY A 67 -12.94 6.36 1.33
CA GLY A 67 -12.88 5.89 2.70
C GLY A 67 -13.79 4.71 2.94
N THR A 68 -15.03 4.81 2.47
CA THR A 68 -16.01 3.75 2.64
C THR A 68 -15.44 2.41 2.19
N ARG A 69 -14.71 2.43 1.09
CA ARG A 69 -14.11 1.21 0.55
C ARG A 69 -12.64 1.08 0.99
N HIS A 70 -12.33 -0.04 1.62
CA HIS A 70 -10.96 -0.29 2.10
C HIS A 70 -10.36 -1.50 1.39
N SER A 71 -10.12 -1.35 0.09
CA SER A 71 -9.54 -2.44 -0.70
C SER A 71 -8.54 -1.90 -1.71
N ALA A 72 -7.53 -2.70 -2.03
CA ALA A 72 -6.50 -2.30 -2.99
C ALA A 72 -5.87 -3.52 -3.66
N VAL A 73 -5.92 -3.56 -4.98
CA VAL A 73 -5.36 -4.66 -5.74
C VAL A 73 -4.31 -4.17 -6.74
N LEU A 74 -3.07 -4.64 -6.58
CA LEU A 74 -1.98 -4.25 -7.46
C LEU A 74 -1.70 -5.34 -8.49
N ARG A 75 -1.67 -4.96 -9.76
CA ARG A 75 -1.41 -5.90 -10.85
C ARG A 75 -0.08 -5.60 -11.52
N ASP A 76 0.35 -6.50 -12.40
CA ASP A 76 1.62 -6.34 -13.11
C ASP A 76 2.79 -6.32 -12.14
N LEU A 77 2.77 -7.24 -11.18
CA LEU A 77 3.84 -7.34 -10.19
C LEU A 77 4.83 -8.42 -10.57
N ARG A 78 5.88 -8.56 -9.77
CA ARG A 78 6.91 -9.57 -10.02
C ARG A 78 6.57 -10.88 -9.33
N SER A 79 7.30 -11.94 -9.68
CA SER A 79 7.07 -13.25 -9.09
C SER A 79 7.89 -13.44 -7.83
N GLY A 80 7.25 -13.92 -6.77
CA GLY A 80 7.93 -14.14 -5.51
C GLY A 80 8.83 -12.98 -5.14
N THR A 81 8.27 -11.77 -5.10
CA THR A 81 9.03 -10.58 -4.76
C THR A 81 8.35 -9.79 -3.65
N LEU A 82 9.15 -9.11 -2.84
CA LEU A 82 8.63 -8.31 -1.74
C LEU A 82 8.43 -6.86 -2.15
N TYR A 83 7.20 -6.40 -2.09
CA TYR A 83 6.88 -5.01 -2.46
C TYR A 83 6.55 -4.18 -1.22
N SER A 84 6.85 -2.89 -1.29
CA SER A 84 6.59 -1.99 -0.19
C SER A 84 5.37 -1.12 -0.47
N LEU A 85 4.27 -1.40 0.23
CA LEU A 85 3.04 -0.65 0.05
C LEU A 85 2.90 0.43 1.12
N THR A 86 2.19 1.50 0.79
CA THR A 86 1.98 2.60 1.71
C THR A 86 0.66 3.33 1.43
N LEU A 87 -0.33 3.08 2.29
CA LEU A 87 -1.65 3.71 2.14
C LEU A 87 -1.67 5.08 2.80
N TYR A 88 -2.50 5.97 2.27
CA TYR A 88 -2.63 7.31 2.81
C TYR A 88 -4.09 7.67 3.06
N GLY A 89 -4.39 8.10 4.27
CA GLY A 89 -5.76 8.46 4.62
C GLY A 89 -6.06 9.92 4.32
N LEU A 90 -6.31 10.23 3.05
CA LEU A 90 -6.61 11.59 2.65
C LEU A 90 -7.84 12.13 3.38
N ARG A 91 -7.63 13.08 4.28
CA ARG A 91 -8.72 13.66 5.05
C ARG A 91 -9.18 14.98 4.42
N GLY A 92 -8.76 15.22 3.18
CA GLY A 92 -9.13 16.44 2.50
C GLY A 92 -8.05 16.93 1.55
N PRO A 93 -7.46 18.08 1.86
CA PRO A 93 -6.40 18.69 1.04
C PRO A 93 -5.10 17.90 1.11
N HIS A 94 -4.72 17.50 2.33
CA HIS A 94 -3.49 16.75 2.53
C HIS A 94 -3.78 15.46 3.30
N LYS A 95 -2.88 14.49 3.17
CA LYS A 95 -3.03 13.21 3.84
C LYS A 95 -3.09 13.38 5.36
N ALA A 96 -3.86 12.54 6.01
CA ALA A 96 -4.00 12.60 7.47
C ALA A 96 -3.22 11.48 8.14
N ASP A 97 -3.40 10.25 7.66
CA ASP A 97 -2.71 9.10 8.21
C ASP A 97 -1.99 8.32 7.12
N SER A 98 -1.12 7.40 7.54
CA SER A 98 -0.35 6.59 6.60
C SER A 98 0.07 5.27 7.23
N ILE A 99 -0.22 4.17 6.55
CA ILE A 99 0.13 2.85 7.04
C ILE A 99 1.06 2.13 6.07
N GLN A 100 1.86 1.21 6.61
CA GLN A 100 2.81 0.45 5.79
C GLN A 100 2.43 -1.03 5.76
N GLY A 101 2.23 -1.57 4.56
CA GLY A 101 1.87 -2.97 4.42
C GLY A 101 2.80 -3.72 3.48
N THR A 102 3.53 -4.68 4.02
CA THR A 102 4.46 -5.47 3.22
C THR A 102 3.85 -6.81 2.84
N ALA A 103 4.09 -7.24 1.60
CA ALA A 103 3.57 -8.50 1.10
C ALA A 103 4.47 -9.09 0.03
N ARG A 104 4.57 -10.41 0.00
CA ARG A 104 5.40 -11.09 -0.98
C ARG A 104 4.55 -11.92 -1.94
N THR A 105 4.61 -11.58 -3.23
CA THR A 105 3.84 -12.28 -4.24
C THR A 105 4.23 -13.75 -4.30
N LEU A 106 3.54 -14.50 -5.16
CA LEU A 106 3.82 -15.93 -5.31
C LEU A 106 4.71 -16.18 -6.51
N SER A 107 5.48 -17.27 -6.46
CA SER A 107 6.39 -17.61 -7.55
C SER A 107 5.61 -18.20 -8.73
N GLY A 108 4.58 -18.99 -8.43
CA GLY A 108 3.79 -19.59 -9.47
C GLY A 108 4.24 -20.99 -9.82
N PRO A 109 3.79 -21.98 -9.04
CA PRO A 109 4.16 -23.39 -9.25
C PRO A 109 3.53 -23.97 -10.52
N SER A 110 2.82 -23.12 -11.25
CA SER A 110 2.17 -23.55 -12.49
C SER A 110 3.08 -23.30 -13.70
N SER A 111 2.87 -24.06 -14.76
CA SER A 111 3.66 -23.92 -15.97
C SER A 111 2.97 -24.58 -17.16
N GLY A 112 2.66 -23.79 -18.18
CA GLY A 112 2.00 -24.32 -19.36
C GLY A 112 2.00 -23.34 -20.52
N GLY A 1 12.12 10.71 24.67
CA GLY A 1 10.75 10.62 24.22
C GLY A 1 10.05 11.97 24.21
N SER A 2 8.73 11.96 24.04
CA SER A 2 7.95 13.19 24.00
C SER A 2 7.09 13.32 25.25
N SER A 3 6.78 14.55 25.62
CA SER A 3 5.97 14.82 26.81
C SER A 3 4.51 14.43 26.56
N GLY A 4 4.08 13.36 27.22
CA GLY A 4 2.71 12.89 27.06
C GLY A 4 2.41 12.41 25.66
N SER A 5 1.35 11.64 25.50
CA SER A 5 0.97 11.11 24.20
C SER A 5 -0.51 10.75 24.17
N SER A 6 -1.20 11.18 23.12
CA SER A 6 -2.63 10.91 22.96
C SER A 6 -3.00 10.72 21.50
N GLY A 7 -4.17 10.12 21.26
CA GLY A 7 -4.62 9.89 19.90
C GLY A 7 -6.12 9.96 19.77
N SER A 8 -6.64 11.16 19.53
CA SER A 8 -8.08 11.36 19.39
C SER A 8 -8.44 11.69 17.94
N ARG A 9 -7.65 11.16 17.01
CA ARG A 9 -7.89 11.39 15.59
C ARG A 9 -8.06 10.07 14.84
N PRO A 10 -8.78 10.11 13.71
CA PRO A 10 -9.02 8.93 12.88
C PRO A 10 -7.76 8.45 12.17
N ARG A 11 -7.39 7.19 12.40
CA ARG A 11 -6.20 6.62 11.78
C ARG A 11 -6.54 5.30 11.07
N LEU A 12 -5.55 4.71 10.41
CA LEU A 12 -5.74 3.46 9.70
C LEU A 12 -5.51 2.27 10.62
N SER A 13 -5.97 1.10 10.20
CA SER A 13 -5.81 -0.11 10.99
C SER A 13 -4.79 -1.05 10.35
N GLN A 14 -4.64 -2.24 10.94
CA GLN A 14 -3.68 -3.22 10.43
C GLN A 14 -3.93 -3.50 8.94
N LEU A 15 -3.00 -3.07 8.10
CA LEU A 15 -3.11 -3.27 6.66
C LEU A 15 -2.43 -4.57 6.24
N SER A 16 -3.23 -5.59 5.98
CA SER A 16 -2.72 -6.88 5.56
C SER A 16 -3.03 -7.16 4.09
N VAL A 17 -2.35 -8.14 3.52
CA VAL A 17 -2.56 -8.51 2.13
C VAL A 17 -3.12 -9.92 2.00
N THR A 18 -4.20 -10.06 1.23
CA THR A 18 -4.83 -11.35 1.03
C THR A 18 -4.89 -11.71 -0.45
N ASP A 19 -5.25 -12.96 -0.73
CA ASP A 19 -5.35 -13.44 -2.11
C ASP A 19 -4.07 -13.15 -2.88
N VAL A 20 -2.93 -13.33 -2.19
CA VAL A 20 -1.63 -13.10 -2.81
C VAL A 20 -1.54 -13.79 -4.16
N THR A 21 -1.66 -13.00 -5.24
CA THR A 21 -1.59 -13.54 -6.59
C THR A 21 -0.14 -13.64 -7.06
N THR A 22 0.09 -14.46 -8.09
CA THR A 22 1.43 -14.64 -8.63
C THR A 22 2.12 -13.31 -8.86
N SER A 23 1.41 -12.38 -9.51
CA SER A 23 1.97 -11.06 -9.81
C SER A 23 1.01 -9.96 -9.32
N SER A 24 0.16 -10.31 -8.36
CA SER A 24 -0.80 -9.35 -7.82
C SER A 24 -1.21 -9.75 -6.40
N LEU A 25 -2.10 -8.96 -5.81
CA LEU A 25 -2.57 -9.22 -4.45
C LEU A 25 -3.67 -8.24 -4.06
N ARG A 26 -4.26 -8.46 -2.89
CA ARG A 26 -5.32 -7.59 -2.39
C ARG A 26 -5.01 -7.10 -0.99
N LEU A 27 -5.48 -5.89 -0.68
CA LEU A 27 -5.26 -5.30 0.63
C LEU A 27 -6.57 -5.11 1.38
N ASN A 28 -6.47 -4.94 2.70
CA ASN A 28 -7.66 -4.76 3.54
C ASN A 28 -7.31 -4.00 4.81
N TRP A 29 -7.88 -2.81 4.97
CA TRP A 29 -7.62 -1.99 6.15
C TRP A 29 -8.93 -1.53 6.78
N GLU A 30 -8.93 -1.38 8.10
CA GLU A 30 -10.11 -0.94 8.82
C GLU A 30 -10.06 0.55 9.11
N ALA A 31 -11.16 1.25 8.86
CA ALA A 31 -11.24 2.68 9.09
C ALA A 31 -12.64 3.09 9.52
N PRO A 32 -12.72 4.09 10.43
CA PRO A 32 -13.99 4.60 10.93
C PRO A 32 -14.78 5.36 9.88
N PRO A 33 -16.06 5.63 10.17
CA PRO A 33 -16.94 6.35 9.26
C PRO A 33 -16.56 7.83 9.14
N GLY A 34 -16.68 8.37 7.94
CA GLY A 34 -16.35 9.76 7.71
C GLY A 34 -14.97 10.12 8.21
N ALA A 35 -14.02 9.22 8.01
CA ALA A 35 -12.64 9.43 8.45
C ALA A 35 -11.83 10.12 7.36
N PHE A 36 -11.65 9.42 6.24
CA PHE A 36 -10.88 9.96 5.11
C PHE A 36 -11.74 10.04 3.86
N ASP A 37 -11.65 11.18 3.16
CA ASP A 37 -12.42 11.38 1.93
C ASP A 37 -12.08 10.33 0.90
N SER A 38 -10.83 9.83 0.94
CA SER A 38 -10.38 8.82 0.00
C SER A 38 -9.12 8.13 0.50
N PHE A 39 -8.59 7.21 -0.30
CA PHE A 39 -7.39 6.48 0.07
C PHE A 39 -6.43 6.38 -1.12
N LEU A 40 -5.24 6.93 -0.96
CA LEU A 40 -4.23 6.90 -2.02
C LEU A 40 -3.10 5.94 -1.67
N LEU A 41 -3.11 4.78 -2.30
CA LEU A 41 -2.08 3.77 -2.05
C LEU A 41 -0.95 3.90 -3.06
N ARG A 42 0.28 3.71 -2.59
CA ARG A 42 1.45 3.80 -3.45
C ARG A 42 2.36 2.59 -3.26
N PHE A 43 2.48 1.78 -4.31
CA PHE A 43 3.31 0.58 -4.26
C PHE A 43 4.51 0.71 -5.21
N GLY A 44 5.71 0.61 -4.65
CA GLY A 44 6.91 0.72 -5.46
C GLY A 44 7.87 -0.43 -5.23
N VAL A 45 8.80 -0.61 -6.16
CA VAL A 45 9.79 -1.68 -6.05
C VAL A 45 10.93 -1.29 -5.12
N PRO A 46 11.00 -1.94 -3.95
CA PRO A 46 12.05 -1.67 -2.96
C PRO A 46 13.42 -2.14 -3.42
N SER A 47 14.31 -1.20 -3.67
CA SER A 47 15.66 -1.51 -4.12
C SER A 47 16.64 -1.58 -2.94
N PRO A 48 17.45 -2.64 -2.92
CA PRO A 48 18.44 -2.85 -1.84
C PRO A 48 19.57 -1.83 -1.91
N SER A 49 20.07 -1.43 -0.74
CA SER A 49 21.16 -0.46 -0.66
C SER A 49 22.51 -1.15 -0.76
N THR A 50 22.51 -2.35 -1.34
CA THR A 50 23.74 -3.13 -1.50
C THR A 50 24.11 -3.28 -2.98
N LEU A 51 23.09 -3.31 -3.83
CA LEU A 51 23.31 -3.45 -5.26
C LEU A 51 23.22 -2.10 -5.96
N GLU A 52 23.72 -2.04 -7.19
CA GLU A 52 23.70 -0.80 -7.96
C GLU A 52 22.34 -0.63 -8.64
N PRO A 53 21.98 0.65 -8.90
CA PRO A 53 20.71 0.99 -9.55
C PRO A 53 20.68 0.57 -11.02
N HIS A 54 19.50 0.19 -11.50
CA HIS A 54 19.33 -0.24 -12.88
C HIS A 54 19.09 0.97 -13.78
N PRO A 55 19.67 0.93 -15.00
CA PRO A 55 19.53 2.01 -15.98
C PRO A 55 18.12 2.10 -16.55
N ARG A 56 17.26 1.17 -16.13
CA ARG A 56 15.88 1.14 -16.60
C ARG A 56 14.96 1.90 -15.65
N PRO A 57 14.19 2.84 -16.21
CA PRO A 57 13.26 3.67 -15.43
C PRO A 57 12.07 2.86 -14.92
N LEU A 58 11.73 3.07 -13.65
CA LEU A 58 10.61 2.37 -13.04
C LEU A 58 9.39 3.28 -12.91
N LEU A 59 8.35 2.97 -13.66
CA LEU A 59 7.12 3.77 -13.62
C LEU A 59 6.39 3.58 -12.30
N GLN A 60 6.03 4.69 -11.67
CA GLN A 60 5.32 4.64 -10.40
C GLN A 60 3.83 4.39 -10.61
N ARG A 61 3.15 3.96 -9.56
CA ARG A 61 1.72 3.68 -9.63
C ARG A 61 1.04 3.97 -8.30
N GLU A 62 -0.26 4.22 -8.34
CA GLU A 62 -1.03 4.52 -7.13
C GLU A 62 -2.51 4.20 -7.33
N LEU A 63 -3.13 3.64 -6.31
CA LEU A 63 -4.54 3.29 -6.37
C LEU A 63 -5.38 4.20 -5.49
N MET A 64 -6.54 4.60 -5.98
CA MET A 64 -7.44 5.48 -5.24
C MET A 64 -8.71 4.74 -4.82
N VAL A 65 -9.19 5.04 -3.62
CA VAL A 65 -10.40 4.41 -3.10
C VAL A 65 -11.09 5.30 -2.06
N PRO A 66 -12.42 5.38 -2.14
CA PRO A 66 -13.22 6.18 -1.22
C PRO A 66 -13.25 5.59 0.19
N GLY A 67 -13.19 6.46 1.19
CA GLY A 67 -13.20 6.01 2.57
C GLY A 67 -14.07 4.79 2.77
N THR A 68 -15.29 4.83 2.23
CA THR A 68 -16.21 3.72 2.35
C THR A 68 -15.56 2.41 1.95
N ARG A 69 -14.83 2.44 0.84
CA ARG A 69 -14.15 1.25 0.34
C ARG A 69 -12.71 1.20 0.84
N HIS A 70 -12.34 0.10 1.50
CA HIS A 70 -10.99 -0.07 2.02
C HIS A 70 -10.31 -1.27 1.38
N SER A 71 -10.02 -1.16 0.08
CA SER A 71 -9.37 -2.24 -0.66
C SER A 71 -8.37 -1.68 -1.66
N ALA A 72 -7.33 -2.46 -1.95
CA ALA A 72 -6.30 -2.04 -2.88
C ALA A 72 -5.65 -3.25 -3.56
N VAL A 73 -5.71 -3.29 -4.88
CA VAL A 73 -5.14 -4.39 -5.65
C VAL A 73 -4.10 -3.88 -6.64
N LEU A 74 -2.92 -4.48 -6.62
CA LEU A 74 -1.84 -4.10 -7.51
C LEU A 74 -1.47 -5.24 -8.46
N ARG A 75 -1.65 -5.00 -9.75
CA ARG A 75 -1.33 -6.01 -10.76
C ARG A 75 -0.03 -5.67 -11.48
N ASP A 76 0.41 -6.59 -12.35
CA ASP A 76 1.63 -6.39 -13.11
C ASP A 76 2.85 -6.40 -12.18
N LEU A 77 2.79 -7.22 -11.15
CA LEU A 77 3.88 -7.33 -10.18
C LEU A 77 4.85 -8.44 -10.58
N ARG A 78 5.87 -8.65 -9.75
CA ARG A 78 6.86 -9.69 -10.01
C ARG A 78 6.51 -10.98 -9.28
N SER A 79 7.16 -12.07 -9.66
CA SER A 79 6.90 -13.37 -9.05
C SER A 79 7.74 -13.54 -7.79
N GLY A 80 7.14 -14.14 -6.77
CA GLY A 80 7.85 -14.36 -5.51
C GLY A 80 8.76 -13.21 -5.16
N THR A 81 8.23 -11.99 -5.19
CA THR A 81 9.01 -10.80 -4.88
C THR A 81 8.33 -9.97 -3.79
N LEU A 82 9.13 -9.22 -3.04
CA LEU A 82 8.62 -8.38 -1.97
C LEU A 82 8.28 -6.98 -2.48
N TYR A 83 7.08 -6.50 -2.16
CA TYR A 83 6.64 -5.18 -2.59
C TYR A 83 6.33 -4.30 -1.38
N SER A 84 6.73 -3.04 -1.47
CA SER A 84 6.49 -2.09 -0.38
C SER A 84 5.23 -1.28 -0.64
N LEU A 85 4.17 -1.58 0.11
CA LEU A 85 2.90 -0.88 -0.04
C LEU A 85 2.75 0.18 1.04
N THR A 86 2.14 1.31 0.66
CA THR A 86 1.93 2.41 1.60
C THR A 86 0.61 3.12 1.32
N LEU A 87 -0.32 3.01 2.27
CA LEU A 87 -1.63 3.63 2.13
C LEU A 87 -1.65 5.00 2.79
N TYR A 88 -2.38 5.94 2.19
CA TYR A 88 -2.49 7.29 2.72
C TYR A 88 -3.94 7.68 2.95
N GLY A 89 -4.29 7.93 4.22
CA GLY A 89 -5.66 8.30 4.55
C GLY A 89 -5.92 9.77 4.30
N LEU A 90 -6.38 10.09 3.09
CA LEU A 90 -6.68 11.48 2.72
C LEU A 90 -7.91 11.99 3.47
N ARG A 91 -7.68 12.87 4.44
CA ARG A 91 -8.77 13.43 5.23
C ARG A 91 -9.36 14.65 4.54
N GLY A 92 -8.94 14.90 3.31
CA GLY A 92 -9.44 16.04 2.56
C GLY A 92 -8.37 16.67 1.69
N PRO A 93 -7.82 17.81 2.15
CA PRO A 93 -6.78 18.54 1.42
C PRO A 93 -5.45 17.79 1.41
N HIS A 94 -5.00 17.39 2.58
CA HIS A 94 -3.73 16.67 2.72
C HIS A 94 -3.94 15.35 3.46
N LYS A 95 -3.02 14.41 3.27
CA LYS A 95 -3.09 13.11 3.91
C LYS A 95 -3.10 13.26 5.43
N ALA A 96 -3.89 12.44 6.10
CA ALA A 96 -4.00 12.47 7.56
C ALA A 96 -3.11 11.41 8.19
N ASP A 97 -3.26 10.17 7.73
CA ASP A 97 -2.47 9.06 8.25
C ASP A 97 -1.75 8.31 7.12
N SER A 98 -0.91 7.36 7.50
CA SER A 98 -0.16 6.58 6.53
C SER A 98 0.33 5.27 7.13
N ILE A 99 -0.10 4.15 6.55
CA ILE A 99 0.29 2.84 7.03
C ILE A 99 1.24 2.16 6.05
N GLN A 100 1.96 1.15 6.53
CA GLN A 100 2.90 0.41 5.70
C GLN A 100 2.60 -1.09 5.74
N GLY A 101 2.25 -1.64 4.58
CA GLY A 101 1.94 -3.06 4.49
C GLY A 101 2.84 -3.79 3.52
N THR A 102 3.65 -4.70 4.04
CA THR A 102 4.57 -5.48 3.21
C THR A 102 4.00 -6.85 2.89
N ALA A 103 4.16 -7.27 1.64
CA ALA A 103 3.66 -8.58 1.21
C ALA A 103 4.56 -9.18 0.14
N ARG A 104 4.59 -10.51 0.08
CA ARG A 104 5.41 -11.22 -0.89
C ARG A 104 4.55 -12.00 -1.87
N THR A 105 4.60 -11.62 -3.14
CA THR A 105 3.83 -12.29 -4.18
C THR A 105 4.21 -13.76 -4.30
N LEU A 106 3.46 -14.50 -5.11
CA LEU A 106 3.73 -15.92 -5.31
C LEU A 106 4.55 -16.15 -6.57
N SER A 107 5.21 -17.29 -6.65
CA SER A 107 6.04 -17.63 -7.80
C SER A 107 5.17 -18.12 -8.97
N GLY A 108 4.36 -19.13 -8.70
CA GLY A 108 3.49 -19.67 -9.73
C GLY A 108 3.41 -21.19 -9.69
N PRO A 109 4.57 -21.85 -9.86
CA PRO A 109 4.66 -23.30 -9.85
C PRO A 109 4.42 -23.90 -8.47
N SER A 110 4.58 -23.06 -7.44
CA SER A 110 4.39 -23.50 -6.07
C SER A 110 3.11 -24.34 -5.93
N SER A 111 3.26 -25.53 -5.37
CA SER A 111 2.13 -26.43 -5.19
C SER A 111 1.33 -26.05 -3.95
N GLY A 112 0.29 -25.25 -4.15
CA GLY A 112 -0.55 -24.82 -3.04
C GLY A 112 -1.34 -25.96 -2.44
N GLY A 1 9.80 11.55 17.91
CA GLY A 1 8.82 11.51 16.83
C GLY A 1 7.57 10.73 17.22
N SER A 2 6.69 11.37 17.98
CA SER A 2 5.45 10.73 18.43
C SER A 2 4.31 11.73 18.42
N SER A 3 3.08 11.21 18.56
CA SER A 3 1.89 12.05 18.57
C SER A 3 1.53 12.45 20.00
N GLY A 4 0.50 13.29 20.12
CA GLY A 4 0.07 13.74 21.43
C GLY A 4 -0.86 14.93 21.35
N SER A 5 -0.39 16.02 20.77
CA SER A 5 -1.17 17.24 20.65
C SER A 5 -1.86 17.31 19.28
N SER A 6 -1.05 17.25 18.22
CA SER A 6 -1.57 17.30 16.86
C SER A 6 -1.63 15.90 16.25
N GLY A 7 -2.05 14.93 17.06
CA GLY A 7 -2.15 13.57 16.57
C GLY A 7 -3.49 13.27 15.95
N SER A 8 -3.50 13.01 14.64
CA SER A 8 -4.73 12.70 13.92
C SER A 8 -5.52 11.61 14.63
N ARG A 9 -6.66 11.98 15.21
CA ARG A 9 -7.51 11.02 15.91
C ARG A 9 -7.74 9.78 15.06
N PRO A 10 -8.35 9.97 13.88
CA PRO A 10 -8.64 8.88 12.95
C PRO A 10 -7.39 8.29 12.33
N ARG A 11 -7.11 7.03 12.64
CA ARG A 11 -5.93 6.35 12.12
C ARG A 11 -6.33 5.07 11.39
N LEU A 12 -5.41 4.55 10.58
CA LEU A 12 -5.66 3.33 9.82
C LEU A 12 -5.45 2.09 10.69
N SER A 13 -5.99 0.96 10.25
CA SER A 13 -5.87 -0.28 10.99
C SER A 13 -4.81 -1.17 10.35
N GLN A 14 -4.58 -2.34 10.96
CA GLN A 14 -3.60 -3.29 10.45
C GLN A 14 -3.89 -3.64 8.99
N LEU A 15 -3.03 -3.19 8.09
CA LEU A 15 -3.19 -3.45 6.67
C LEU A 15 -2.58 -4.80 6.29
N SER A 16 -3.44 -5.80 6.08
CA SER A 16 -2.99 -7.13 5.72
C SER A 16 -3.20 -7.38 4.23
N VAL A 17 -2.50 -8.39 3.71
CA VAL A 17 -2.61 -8.74 2.30
C VAL A 17 -3.12 -10.17 2.13
N THR A 18 -4.25 -10.31 1.44
CA THR A 18 -4.84 -11.63 1.21
C THR A 18 -4.91 -11.94 -0.28
N ASP A 19 -5.13 -13.21 -0.61
CA ASP A 19 -5.23 -13.63 -2.00
C ASP A 19 -3.95 -13.31 -2.76
N VAL A 20 -2.81 -13.40 -2.07
CA VAL A 20 -1.52 -13.12 -2.68
C VAL A 20 -1.38 -13.81 -4.03
N THR A 21 -1.53 -13.03 -5.10
CA THR A 21 -1.44 -13.55 -6.45
C THR A 21 0.03 -13.63 -6.91
N THR A 22 0.27 -14.42 -7.95
CA THR A 22 1.62 -14.59 -8.47
C THR A 22 2.26 -13.23 -8.79
N SER A 23 1.49 -12.36 -9.43
CA SER A 23 1.98 -11.03 -9.79
C SER A 23 1.03 -9.95 -9.29
N SER A 24 0.17 -10.31 -8.36
CA SER A 24 -0.80 -9.38 -7.79
C SER A 24 -1.22 -9.80 -6.39
N LEU A 25 -2.09 -9.01 -5.77
CA LEU A 25 -2.57 -9.30 -4.43
C LEU A 25 -3.72 -8.36 -4.04
N ARG A 26 -4.23 -8.53 -2.83
CA ARG A 26 -5.32 -7.69 -2.35
C ARG A 26 -5.01 -7.16 -0.95
N LEU A 27 -5.56 -6.00 -0.63
CA LEU A 27 -5.35 -5.38 0.68
C LEU A 27 -6.67 -5.16 1.40
N ASN A 28 -6.60 -4.99 2.72
CA ASN A 28 -7.80 -4.77 3.52
C ASN A 28 -7.45 -4.02 4.81
N TRP A 29 -8.02 -2.83 4.96
CA TRP A 29 -7.78 -2.01 6.14
C TRP A 29 -9.09 -1.51 6.73
N GLU A 30 -9.13 -1.40 8.06
CA GLU A 30 -10.33 -0.93 8.75
C GLU A 30 -10.20 0.55 9.12
N ALA A 31 -11.25 1.32 8.86
CA ALA A 31 -11.25 2.74 9.16
C ALA A 31 -12.62 3.20 9.66
N PRO A 32 -12.62 4.16 10.59
CA PRO A 32 -13.86 4.70 11.17
C PRO A 32 -14.65 5.53 10.17
N PRO A 33 -15.90 5.84 10.51
CA PRO A 33 -16.79 6.63 9.65
C PRO A 33 -16.36 8.09 9.56
N GLY A 34 -16.52 8.68 8.39
CA GLY A 34 -16.13 10.07 8.19
C GLY A 34 -14.71 10.35 8.63
N ALA A 35 -13.84 9.37 8.46
CA ALA A 35 -12.43 9.51 8.84
C ALA A 35 -11.63 10.21 7.74
N PHE A 36 -11.66 9.64 6.54
CA PHE A 36 -10.94 10.21 5.41
C PHE A 36 -11.84 10.31 4.18
N ASP A 37 -11.53 11.26 3.31
CA ASP A 37 -12.31 11.46 2.10
C ASP A 37 -12.03 10.36 1.09
N SER A 38 -10.75 10.05 0.90
CA SER A 38 -10.34 9.01 -0.05
C SER A 38 -9.13 8.26 0.46
N PHE A 39 -8.64 7.33 -0.34
CA PHE A 39 -7.48 6.52 0.03
C PHE A 39 -6.50 6.40 -1.15
N LEU A 40 -5.26 6.81 -0.92
CA LEU A 40 -4.23 6.75 -1.95
C LEU A 40 -3.14 5.75 -1.58
N LEU A 41 -3.09 4.64 -2.31
CA LEU A 41 -2.09 3.61 -2.06
C LEU A 41 -0.90 3.77 -2.99
N ARG A 42 0.30 3.78 -2.40
CA ARG A 42 1.52 3.93 -3.19
C ARG A 42 2.43 2.72 -3.01
N PHE A 43 2.65 1.98 -4.09
CA PHE A 43 3.50 0.79 -4.04
C PHE A 43 4.77 1.00 -4.86
N GLY A 44 5.92 0.89 -4.19
CA GLY A 44 7.18 1.08 -4.87
C GLY A 44 8.14 -0.07 -4.62
N VAL A 45 9.15 -0.20 -5.49
CA VAL A 45 10.14 -1.26 -5.36
C VAL A 45 11.15 -0.94 -4.27
N PRO A 46 11.11 -1.70 -3.17
CA PRO A 46 12.03 -1.52 -2.04
C PRO A 46 13.46 -1.91 -2.38
N SER A 47 14.33 -0.92 -2.50
CA SER A 47 15.73 -1.17 -2.83
C SER A 47 16.63 -0.88 -1.63
N PRO A 48 17.58 -1.78 -1.37
CA PRO A 48 18.52 -1.64 -0.26
C PRO A 48 19.52 -0.50 -0.48
N SER A 49 20.04 0.04 0.62
CA SER A 49 21.00 1.14 0.55
C SER A 49 22.42 0.61 0.43
N THR A 50 22.61 -0.65 0.82
CA THR A 50 23.92 -1.28 0.76
C THR A 50 24.33 -1.57 -0.68
N LEU A 51 23.34 -1.85 -1.52
CA LEU A 51 23.61 -2.14 -2.93
C LEU A 51 23.29 -0.94 -3.80
N GLU A 52 23.73 -0.98 -5.05
CA GLU A 52 23.49 0.10 -5.99
C GLU A 52 22.23 -0.15 -6.82
N PRO A 53 21.52 0.93 -7.18
CA PRO A 53 20.29 0.85 -7.97
C PRO A 53 20.56 0.43 -9.41
N HIS A 54 19.61 -0.30 -9.98
CA HIS A 54 19.74 -0.78 -11.36
C HIS A 54 19.48 0.36 -12.34
N PRO A 55 20.22 0.35 -13.47
CA PRO A 55 20.09 1.37 -14.51
C PRO A 55 18.76 1.26 -15.26
N ARG A 56 17.92 0.33 -14.84
CA ARG A 56 16.62 0.13 -15.47
C ARG A 56 15.60 1.11 -14.93
N PRO A 57 14.82 1.71 -15.85
CA PRO A 57 13.77 2.68 -15.48
C PRO A 57 12.61 2.03 -14.76
N LEU A 58 12.27 2.57 -13.58
CA LEU A 58 11.17 2.05 -12.80
C LEU A 58 10.07 3.10 -12.62
N LEU A 59 8.88 2.78 -13.10
CA LEU A 59 7.75 3.71 -12.99
C LEU A 59 6.95 3.43 -11.73
N GLN A 60 6.32 4.47 -11.19
CA GLN A 60 5.53 4.35 -9.98
C GLN A 60 4.03 4.49 -10.29
N ARG A 61 3.20 3.91 -9.44
CA ARG A 61 1.76 3.97 -9.63
C ARG A 61 1.03 3.92 -8.29
N GLU A 62 -0.20 4.42 -8.26
CA GLU A 62 -1.00 4.44 -7.05
C GLU A 62 -2.47 4.15 -7.35
N LEU A 63 -3.18 3.62 -6.36
CA LEU A 63 -4.58 3.28 -6.53
C LEU A 63 -5.47 4.34 -5.86
N MET A 64 -6.71 4.44 -6.33
CA MET A 64 -7.66 5.40 -5.77
C MET A 64 -8.89 4.69 -5.23
N VAL A 65 -9.23 4.98 -3.97
CA VAL A 65 -10.39 4.37 -3.33
C VAL A 65 -11.00 5.30 -2.29
N PRO A 66 -12.34 5.43 -2.31
CA PRO A 66 -13.07 6.29 -1.38
C PRO A 66 -13.05 5.73 0.04
N GLY A 67 -13.19 6.63 1.02
CA GLY A 67 -13.19 6.21 2.40
C GLY A 67 -14.13 5.06 2.66
N THR A 68 -15.28 5.06 2.00
CA THR A 68 -16.28 4.00 2.16
C THR A 68 -15.71 2.65 1.73
N ARG A 69 -14.73 2.69 0.84
CA ARG A 69 -14.10 1.46 0.35
C ARG A 69 -12.66 1.35 0.84
N HIS A 70 -12.34 0.23 1.49
CA HIS A 70 -11.00 0.01 2.01
C HIS A 70 -10.37 -1.21 1.36
N SER A 71 -10.08 -1.11 0.07
CA SER A 71 -9.48 -2.21 -0.67
C SER A 71 -8.46 -1.70 -1.67
N ALA A 72 -7.47 -2.53 -1.99
CA ALA A 72 -6.43 -2.17 -2.94
C ALA A 72 -5.82 -3.41 -3.59
N VAL A 73 -5.89 -3.46 -4.92
CA VAL A 73 -5.34 -4.58 -5.67
C VAL A 73 -4.25 -4.13 -6.64
N LEU A 74 -3.06 -4.67 -6.48
CA LEU A 74 -1.94 -4.32 -7.34
C LEU A 74 -1.70 -5.40 -8.40
N ARG A 75 -1.35 -4.96 -9.60
CA ARG A 75 -1.10 -5.88 -10.71
C ARG A 75 0.22 -5.56 -11.40
N ASP A 76 0.62 -6.42 -12.34
CA ASP A 76 1.86 -6.22 -13.07
C ASP A 76 3.06 -6.32 -12.14
N LEU A 77 2.90 -7.07 -11.05
CA LEU A 77 3.97 -7.24 -10.08
C LEU A 77 4.89 -8.40 -10.48
N ARG A 78 6.13 -8.36 -10.01
CA ARG A 78 7.10 -9.40 -10.32
C ARG A 78 6.86 -10.64 -9.47
N SER A 79 7.16 -11.80 -10.03
CA SER A 79 6.98 -13.06 -9.32
C SER A 79 7.97 -13.20 -8.18
N GLY A 80 7.53 -13.80 -7.07
CA GLY A 80 8.39 -13.99 -5.93
C GLY A 80 9.20 -12.74 -5.60
N THR A 81 8.50 -11.66 -5.27
CA THR A 81 9.16 -10.40 -4.94
C THR A 81 8.39 -9.65 -3.87
N LEU A 82 9.12 -9.02 -2.95
CA LEU A 82 8.51 -8.26 -1.87
C LEU A 82 8.28 -6.81 -2.28
N TYR A 83 7.05 -6.34 -2.14
CA TYR A 83 6.71 -4.97 -2.49
C TYR A 83 6.30 -4.17 -1.26
N SER A 84 6.73 -2.91 -1.21
CA SER A 84 6.42 -2.05 -0.08
C SER A 84 5.16 -1.23 -0.36
N LEU A 85 4.06 -1.61 0.30
CA LEU A 85 2.79 -0.90 0.12
C LEU A 85 2.58 0.14 1.22
N THR A 86 2.23 1.36 0.82
CA THR A 86 2.00 2.43 1.77
C THR A 86 0.72 3.18 1.44
N LEU A 87 -0.33 2.92 2.22
CA LEU A 87 -1.62 3.58 2.02
C LEU A 87 -1.66 4.93 2.71
N TYR A 88 -2.43 5.86 2.16
CA TYR A 88 -2.56 7.20 2.72
C TYR A 88 -4.02 7.58 2.88
N GLY A 89 -4.40 7.91 4.12
CA GLY A 89 -5.77 8.29 4.39
C GLY A 89 -6.03 9.75 4.09
N LEU A 90 -6.37 10.06 2.84
CA LEU A 90 -6.65 11.42 2.42
C LEU A 90 -7.91 11.95 3.09
N ARG A 91 -7.74 12.85 4.04
CA ARG A 91 -8.87 13.44 4.75
C ARG A 91 -9.38 14.68 4.04
N GLY A 92 -8.95 14.87 2.80
CA GLY A 92 -9.36 16.02 2.02
C GLY A 92 -8.22 16.67 1.28
N PRO A 93 -7.72 17.79 1.80
CA PRO A 93 -6.61 18.53 1.18
C PRO A 93 -5.29 17.79 1.29
N HIS A 94 -4.95 17.36 2.50
CA HIS A 94 -3.71 16.63 2.73
C HIS A 94 -3.98 15.30 3.43
N LYS A 95 -3.04 14.37 3.31
CA LYS A 95 -3.19 13.05 3.94
C LYS A 95 -3.23 13.17 5.45
N ALA A 96 -4.05 12.34 6.08
CA ALA A 96 -4.17 12.34 7.54
C ALA A 96 -3.27 11.30 8.17
N ASP A 97 -3.39 10.06 7.72
CA ASP A 97 -2.58 8.97 8.24
C ASP A 97 -1.99 8.13 7.11
N SER A 98 -1.12 7.19 7.46
CA SER A 98 -0.49 6.33 6.48
C SER A 98 -0.10 4.98 7.09
N ILE A 99 -0.58 3.90 6.48
CA ILE A 99 -0.28 2.56 6.96
C ILE A 99 0.71 1.84 6.06
N GLN A 100 1.55 1.00 6.65
CA GLN A 100 2.54 0.26 5.90
C GLN A 100 2.23 -1.23 5.89
N GLY A 101 2.04 -1.80 4.70
CA GLY A 101 1.73 -3.21 4.58
C GLY A 101 2.63 -3.92 3.60
N THR A 102 3.40 -4.89 4.09
CA THR A 102 4.31 -5.65 3.24
C THR A 102 3.68 -6.95 2.78
N ALA A 103 3.89 -7.31 1.52
CA ALA A 103 3.35 -8.54 0.97
C ALA A 103 4.27 -9.12 -0.10
N ARG A 104 4.57 -10.40 0.01
CA ARG A 104 5.44 -11.07 -0.94
C ARG A 104 4.63 -11.90 -1.94
N THR A 105 4.72 -11.54 -3.21
CA THR A 105 3.99 -12.25 -4.26
C THR A 105 4.47 -13.68 -4.39
N LEU A 106 3.74 -14.48 -5.16
CA LEU A 106 4.09 -15.89 -5.37
C LEU A 106 4.84 -16.06 -6.69
N SER A 107 5.58 -17.16 -6.80
CA SER A 107 6.33 -17.46 -8.01
C SER A 107 5.43 -18.03 -9.09
N GLY A 108 4.48 -18.86 -8.68
CA GLY A 108 3.56 -19.47 -9.63
C GLY A 108 4.17 -20.63 -10.37
N PRO A 109 3.43 -21.74 -10.49
CA PRO A 109 3.89 -22.95 -11.17
C PRO A 109 3.99 -22.74 -12.68
N SER A 110 3.45 -21.64 -13.17
CA SER A 110 3.48 -21.33 -14.60
C SER A 110 4.86 -20.83 -15.01
N SER A 111 5.15 -20.93 -16.31
CA SER A 111 6.43 -20.49 -16.84
C SER A 111 6.87 -19.17 -16.20
N GLY A 112 8.18 -19.02 -16.01
CA GLY A 112 8.71 -17.81 -15.41
C GLY A 112 9.46 -16.95 -16.41
N GLY A 1 -2.35 13.94 25.09
CA GLY A 1 -0.95 14.15 25.43
C GLY A 1 -0.49 15.56 25.16
N SER A 2 0.78 15.71 24.76
CA SER A 2 1.34 17.02 24.48
C SER A 2 0.89 17.51 23.10
N SER A 3 -0.17 18.32 23.07
CA SER A 3 -0.70 18.84 21.83
C SER A 3 -1.56 20.09 22.08
N GLY A 4 -1.68 20.93 21.06
CA GLY A 4 -2.47 22.14 21.20
C GLY A 4 -3.96 21.85 21.30
N SER A 5 -4.71 22.34 20.32
CA SER A 5 -6.16 22.14 20.30
C SER A 5 -6.50 20.66 20.48
N SER A 6 -7.08 20.33 21.63
CA SER A 6 -7.45 18.96 21.93
C SER A 6 -8.55 18.47 20.98
N GLY A 7 -8.66 17.16 20.84
CA GLY A 7 -9.67 16.59 19.96
C GLY A 7 -9.40 15.13 19.64
N SER A 8 -9.19 14.84 18.36
CA SER A 8 -8.92 13.47 17.92
C SER A 8 -8.53 13.45 16.45
N ARG A 9 -7.90 12.35 16.03
CA ARG A 9 -7.47 12.19 14.65
C ARG A 9 -7.71 10.77 14.15
N PRO A 10 -8.33 10.64 12.97
CA PRO A 10 -8.63 9.34 12.38
C PRO A 10 -7.37 8.62 11.90
N ARG A 11 -7.29 7.32 12.18
CA ARG A 11 -6.16 6.52 11.78
C ARG A 11 -6.59 5.28 11.01
N LEU A 12 -5.62 4.49 10.55
CA LEU A 12 -5.91 3.28 9.81
C LEU A 12 -5.67 2.03 10.66
N SER A 13 -6.20 0.90 10.22
CA SER A 13 -6.05 -0.36 10.95
C SER A 13 -4.97 -1.22 10.30
N GLN A 14 -4.79 -2.42 10.84
CA GLN A 14 -3.79 -3.36 10.33
C GLN A 14 -4.04 -3.65 8.85
N LEU A 15 -3.15 -3.15 8.00
CA LEU A 15 -3.26 -3.36 6.55
C LEU A 15 -2.52 -4.62 6.13
N SER A 16 -3.29 -5.68 5.86
CA SER A 16 -2.71 -6.95 5.43
C SER A 16 -3.06 -7.26 3.98
N VAL A 17 -2.33 -8.19 3.39
CA VAL A 17 -2.57 -8.58 2.01
C VAL A 17 -3.12 -9.99 1.91
N THR A 18 -4.22 -10.16 1.17
CA THR A 18 -4.85 -11.45 1.01
C THR A 18 -4.89 -11.86 -0.46
N ASP A 19 -5.11 -13.15 -0.70
CA ASP A 19 -5.17 -13.67 -2.06
C ASP A 19 -3.88 -13.34 -2.82
N VAL A 20 -2.76 -13.42 -2.13
CA VAL A 20 -1.47 -13.13 -2.73
C VAL A 20 -1.29 -13.88 -4.05
N THR A 21 -1.45 -13.17 -5.16
CA THR A 21 -1.31 -13.77 -6.47
C THR A 21 0.14 -13.78 -6.93
N THR A 22 0.44 -14.62 -7.93
CA THR A 22 1.80 -14.73 -8.44
C THR A 22 2.33 -13.37 -8.88
N SER A 23 1.50 -12.59 -9.56
CA SER A 23 1.89 -11.27 -10.03
C SER A 23 0.89 -10.22 -9.58
N SER A 24 0.07 -10.57 -8.59
CA SER A 24 -0.93 -9.65 -8.06
C SER A 24 -1.30 -10.01 -6.63
N LEU A 25 -2.18 -9.23 -6.04
CA LEU A 25 -2.63 -9.46 -4.66
C LEU A 25 -3.74 -8.50 -4.28
N ARG A 26 -4.23 -8.62 -3.04
CA ARG A 26 -5.29 -7.76 -2.55
C ARG A 26 -4.97 -7.23 -1.15
N LEU A 27 -5.57 -6.11 -0.80
CA LEU A 27 -5.35 -5.50 0.51
C LEU A 27 -6.66 -5.33 1.27
N ASN A 28 -6.56 -5.14 2.57
CA ASN A 28 -7.74 -4.97 3.41
C ASN A 28 -7.39 -4.20 4.68
N TRP A 29 -8.06 -3.06 4.88
CA TRP A 29 -7.82 -2.24 6.06
C TRP A 29 -9.13 -1.71 6.62
N GLU A 30 -9.21 -1.61 7.95
CA GLU A 30 -10.41 -1.11 8.60
C GLU A 30 -10.26 0.37 8.98
N ALA A 31 -11.32 1.14 8.74
CA ALA A 31 -11.30 2.57 9.06
C ALA A 31 -12.64 3.02 9.60
N PRO A 32 -12.61 3.99 10.53
CA PRO A 32 -13.81 4.54 11.16
C PRO A 32 -14.65 5.36 10.18
N PRO A 33 -15.89 5.69 10.59
CA PRO A 33 -16.81 6.47 9.77
C PRO A 33 -16.37 7.93 9.62
N GLY A 34 -16.57 8.49 8.45
CA GLY A 34 -16.19 9.87 8.20
C GLY A 34 -14.75 10.15 8.61
N ALA A 35 -13.89 9.13 8.48
CA ALA A 35 -12.49 9.28 8.83
C ALA A 35 -11.74 10.06 7.76
N PHE A 36 -11.64 9.49 6.57
CA PHE A 36 -10.94 10.13 5.47
C PHE A 36 -11.83 10.17 4.22
N ASP A 37 -11.50 11.08 3.30
CA ASP A 37 -12.25 11.22 2.06
C ASP A 37 -11.91 10.10 1.09
N SER A 38 -10.62 9.83 0.93
CA SER A 38 -10.17 8.78 0.02
C SER A 38 -8.91 8.10 0.56
N PHE A 39 -8.38 7.16 -0.21
CA PHE A 39 -7.17 6.44 0.19
C PHE A 39 -6.20 6.32 -0.98
N LEU A 40 -5.02 6.91 -0.82
CA LEU A 40 -3.99 6.88 -1.85
C LEU A 40 -2.89 5.89 -1.51
N LEU A 41 -2.93 4.72 -2.14
CA LEU A 41 -1.93 3.68 -1.90
C LEU A 41 -0.76 3.82 -2.86
N ARG A 42 0.46 3.73 -2.32
CA ARG A 42 1.66 3.85 -3.13
C ARG A 42 2.53 2.60 -2.98
N PHE A 43 2.74 1.89 -4.10
CA PHE A 43 3.56 0.68 -4.09
C PHE A 43 4.84 0.89 -4.89
N GLY A 44 5.98 0.76 -4.22
CA GLY A 44 7.25 0.93 -4.87
C GLY A 44 8.20 -0.22 -4.62
N VAL A 45 9.24 -0.33 -5.45
CA VAL A 45 10.22 -1.40 -5.31
C VAL A 45 11.39 -0.96 -4.44
N PRO A 46 11.44 -1.48 -3.21
CA PRO A 46 12.51 -1.15 -2.25
C PRO A 46 13.85 -1.74 -2.66
N SER A 47 14.79 -0.87 -3.02
CA SER A 47 16.12 -1.31 -3.44
C SER A 47 17.16 -0.96 -2.38
N PRO A 48 18.10 -1.89 -2.15
CA PRO A 48 19.17 -1.69 -1.17
C PRO A 48 20.18 -0.64 -1.61
N SER A 49 21.02 -0.21 -0.68
CA SER A 49 22.03 0.80 -0.97
C SER A 49 23.36 0.15 -1.33
N THR A 50 23.55 -1.09 -0.88
CA THR A 50 24.78 -1.82 -1.17
C THR A 50 24.87 -2.17 -2.65
N LEU A 51 23.71 -2.37 -3.28
CA LEU A 51 23.67 -2.71 -4.70
C LEU A 51 23.41 -1.48 -5.56
N GLU A 52 23.74 -1.57 -6.84
CA GLU A 52 23.54 -0.45 -7.75
C GLU A 52 22.20 -0.57 -8.47
N PRO A 53 21.55 0.58 -8.70
CA PRO A 53 20.25 0.63 -9.39
C PRO A 53 20.34 0.26 -10.86
N HIS A 54 19.27 -0.32 -11.38
CA HIS A 54 19.23 -0.73 -12.78
C HIS A 54 19.38 0.48 -13.70
N PRO A 55 19.91 0.25 -14.91
CA PRO A 55 20.12 1.30 -15.91
C PRO A 55 18.81 1.82 -16.48
N ARG A 56 17.69 1.22 -16.05
CA ARG A 56 16.38 1.62 -16.53
C ARG A 56 15.51 2.10 -15.37
N PRO A 57 14.75 3.17 -15.61
CA PRO A 57 13.86 3.75 -14.60
C PRO A 57 12.67 2.86 -14.29
N LEU A 58 12.06 3.06 -13.13
CA LEU A 58 10.90 2.27 -12.72
C LEU A 58 9.66 3.15 -12.56
N LEU A 59 8.67 2.92 -13.40
CA LEU A 59 7.43 3.69 -13.35
C LEU A 59 6.65 3.38 -12.08
N GLN A 60 6.30 4.44 -11.34
CA GLN A 60 5.55 4.28 -10.10
C GLN A 60 4.05 4.43 -10.34
N ARG A 61 3.25 3.78 -9.51
CA ARG A 61 1.80 3.85 -9.62
C ARG A 61 1.14 3.92 -8.25
N GLU A 62 -0.10 4.39 -8.23
CA GLU A 62 -0.85 4.51 -6.98
C GLU A 62 -2.32 4.21 -7.19
N LEU A 63 -3.01 3.82 -6.12
CA LEU A 63 -4.42 3.50 -6.19
C LEU A 63 -5.26 4.59 -5.53
N MET A 64 -6.52 4.69 -5.94
CA MET A 64 -7.43 5.69 -5.38
C MET A 64 -8.76 5.05 -4.97
N VAL A 65 -8.96 4.92 -3.66
CA VAL A 65 -10.19 4.33 -3.15
C VAL A 65 -10.80 5.21 -2.05
N PRO A 66 -12.14 5.36 -2.10
CA PRO A 66 -12.87 6.17 -1.13
C PRO A 66 -12.89 5.53 0.26
N GLY A 67 -12.99 6.36 1.29
CA GLY A 67 -13.02 5.85 2.65
C GLY A 67 -13.98 4.69 2.81
N THR A 68 -15.17 4.81 2.22
CA THR A 68 -16.18 3.76 2.30
C THR A 68 -15.62 2.43 1.82
N ARG A 69 -14.66 2.49 0.90
CA ARG A 69 -14.04 1.29 0.36
C ARG A 69 -12.60 1.16 0.83
N HIS A 70 -12.29 0.04 1.49
CA HIS A 70 -10.95 -0.21 1.99
C HIS A 70 -10.34 -1.44 1.33
N SER A 71 -10.07 -1.33 0.03
CA SER A 71 -9.50 -2.43 -0.73
C SER A 71 -8.50 -1.93 -1.76
N ALA A 72 -7.48 -2.73 -2.05
CA ALA A 72 -6.46 -2.36 -3.01
C ALA A 72 -5.87 -3.60 -3.70
N VAL A 73 -5.96 -3.64 -5.02
CA VAL A 73 -5.43 -4.76 -5.79
C VAL A 73 -4.33 -4.31 -6.73
N LEU A 74 -3.10 -4.70 -6.44
CA LEU A 74 -1.96 -4.34 -7.26
C LEU A 74 -1.76 -5.35 -8.40
N ARG A 75 -1.66 -4.85 -9.62
CA ARG A 75 -1.47 -5.71 -10.79
C ARG A 75 -0.14 -5.42 -11.47
N ASP A 76 0.20 -6.22 -12.47
CA ASP A 76 1.44 -6.04 -13.21
C ASP A 76 2.65 -6.13 -12.27
N LEU A 77 2.56 -7.02 -11.29
CA LEU A 77 3.65 -7.20 -10.33
C LEU A 77 4.58 -8.32 -10.76
N ARG A 78 5.65 -8.53 -10.00
CA ARG A 78 6.62 -9.57 -10.31
C ARG A 78 6.29 -10.86 -9.56
N SER A 79 7.14 -11.87 -9.73
CA SER A 79 6.93 -13.16 -9.08
C SER A 79 7.79 -13.27 -7.82
N GLY A 80 7.22 -13.86 -6.78
CA GLY A 80 7.95 -14.01 -5.52
C GLY A 80 8.82 -12.81 -5.20
N THR A 81 8.24 -11.62 -5.32
CA THR A 81 8.97 -10.38 -5.03
C THR A 81 8.32 -9.60 -3.90
N LEU A 82 9.15 -9.09 -2.99
CA LEU A 82 8.65 -8.33 -1.86
C LEU A 82 8.40 -6.87 -2.25
N TYR A 83 7.15 -6.44 -2.11
CA TYR A 83 6.78 -5.07 -2.45
C TYR A 83 6.40 -4.28 -1.21
N SER A 84 6.77 -3.00 -1.18
CA SER A 84 6.47 -2.15 -0.04
C SER A 84 5.24 -1.27 -0.33
N LEU A 85 4.14 -1.60 0.33
CA LEU A 85 2.89 -0.86 0.16
C LEU A 85 2.71 0.18 1.26
N THR A 86 2.04 1.28 0.92
CA THR A 86 1.81 2.34 1.89
C THR A 86 0.49 3.05 1.61
N LEU A 87 -0.46 2.92 2.55
CA LEU A 87 -1.77 3.53 2.40
C LEU A 87 -1.78 4.93 3.02
N TYR A 88 -2.57 5.83 2.44
CA TYR A 88 -2.67 7.19 2.94
C TYR A 88 -4.13 7.62 3.06
N GLY A 89 -4.54 7.93 4.29
CA GLY A 89 -5.92 8.35 4.52
C GLY A 89 -6.13 9.83 4.23
N LEU A 90 -6.43 10.15 2.98
CA LEU A 90 -6.66 11.52 2.58
C LEU A 90 -7.97 12.05 3.15
N ARG A 91 -7.87 12.95 4.13
CA ARG A 91 -9.04 13.53 4.76
C ARG A 91 -9.49 14.79 4.02
N GLY A 92 -8.82 15.09 2.92
CA GLY A 92 -9.15 16.27 2.14
C GLY A 92 -7.99 16.78 1.32
N PRO A 93 -7.57 18.02 1.58
CA PRO A 93 -6.46 18.65 0.87
C PRO A 93 -5.11 18.01 1.21
N HIS A 94 -4.98 17.58 2.46
CA HIS A 94 -3.74 16.96 2.92
C HIS A 94 -4.02 15.59 3.54
N LYS A 95 -2.99 14.74 3.58
CA LYS A 95 -3.13 13.41 4.15
C LYS A 95 -3.28 13.47 5.67
N ALA A 96 -4.02 12.53 6.23
CA ALA A 96 -4.24 12.48 7.67
C ALA A 96 -3.33 11.44 8.33
N ASP A 97 -3.37 10.22 7.82
CA ASP A 97 -2.54 9.15 8.36
C ASP A 97 -1.83 8.39 7.24
N SER A 98 -1.01 7.43 7.63
CA SER A 98 -0.26 6.63 6.65
C SER A 98 0.20 5.30 7.27
N ILE A 99 -0.22 4.21 6.66
CA ILE A 99 0.14 2.88 7.15
C ILE A 99 1.07 2.17 6.17
N GLN A 100 1.78 1.16 6.66
CA GLN A 100 2.71 0.40 5.83
C GLN A 100 2.34 -1.07 5.81
N GLY A 101 2.19 -1.63 4.61
CA GLY A 101 1.83 -3.04 4.48
C GLY A 101 2.79 -3.79 3.58
N THR A 102 3.53 -4.74 4.15
CA THR A 102 4.48 -5.52 3.39
C THR A 102 3.88 -6.86 2.97
N ALA A 103 4.16 -7.27 1.74
CA ALA A 103 3.64 -8.53 1.22
C ALA A 103 4.52 -9.06 0.09
N ARG A 104 4.66 -10.38 0.02
CA ARG A 104 5.48 -11.00 -1.01
C ARG A 104 4.62 -11.84 -1.95
N THR A 105 4.62 -11.48 -3.23
CA THR A 105 3.84 -12.18 -4.23
C THR A 105 4.23 -13.66 -4.29
N LEU A 106 3.43 -14.45 -4.98
CA LEU A 106 3.68 -15.88 -5.12
C LEU A 106 4.55 -16.16 -6.33
N SER A 107 5.19 -17.33 -6.35
CA SER A 107 6.05 -17.73 -7.45
C SER A 107 5.37 -18.76 -8.33
N GLY A 108 4.86 -18.32 -9.47
CA GLY A 108 4.20 -19.22 -10.39
C GLY A 108 4.78 -19.17 -11.78
N PRO A 109 4.15 -19.90 -12.72
CA PRO A 109 4.60 -19.95 -14.12
C PRO A 109 4.39 -18.64 -14.85
N SER A 110 3.23 -18.01 -14.62
CA SER A 110 2.91 -16.75 -15.26
C SER A 110 3.92 -15.67 -14.88
N SER A 111 4.93 -15.50 -15.73
CA SER A 111 5.97 -14.50 -15.49
C SER A 111 6.68 -14.14 -16.78
N GLY A 112 6.72 -12.84 -17.08
CA GLY A 112 7.38 -12.37 -18.29
C GLY A 112 6.47 -12.44 -19.50
N GLY A 1 11.39 3.61 6.36
CA GLY A 1 10.32 3.93 5.45
C GLY A 1 10.08 5.43 5.33
N SER A 2 8.84 5.82 5.08
CA SER A 2 8.51 7.22 4.93
C SER A 2 7.10 7.51 5.48
N SER A 3 6.90 8.73 5.98
CA SER A 3 5.61 9.12 6.52
C SER A 3 5.59 10.61 6.85
N GLY A 4 4.39 11.14 7.10
CA GLY A 4 4.26 12.54 7.42
C GLY A 4 3.40 12.78 8.64
N SER A 5 4.05 13.16 9.75
CA SER A 5 3.34 13.42 10.99
C SER A 5 2.46 14.66 10.88
N SER A 6 1.18 14.51 11.23
CA SER A 6 0.24 15.61 11.16
C SER A 6 -0.98 15.34 12.03
N GLY A 7 -1.57 16.41 12.57
CA GLY A 7 -2.73 16.27 13.42
C GLY A 7 -3.83 15.45 12.77
N SER A 8 -4.04 14.24 13.27
CA SER A 8 -5.07 13.35 12.72
C SER A 8 -5.61 12.42 13.80
N ARG A 9 -6.84 12.66 14.21
CA ARG A 9 -7.48 11.84 15.24
C ARG A 9 -7.63 10.40 14.77
N PRO A 10 -8.37 10.22 13.67
CA PRO A 10 -8.62 8.89 13.09
C PRO A 10 -7.37 8.30 12.46
N ARG A 11 -7.17 6.99 12.63
CA ARG A 11 -6.01 6.30 12.08
C ARG A 11 -6.44 5.08 11.27
N LEU A 12 -5.47 4.39 10.69
CA LEU A 12 -5.74 3.20 9.90
C LEU A 12 -5.53 1.94 10.71
N SER A 13 -6.12 0.83 10.26
CA SER A 13 -5.99 -0.44 10.95
C SER A 13 -4.96 -1.34 10.27
N GLN A 14 -4.69 -2.49 10.87
CA GLN A 14 -3.72 -3.42 10.33
C GLN A 14 -4.02 -3.74 8.86
N LEU A 15 -3.17 -3.26 7.97
CA LEU A 15 -3.34 -3.49 6.54
C LEU A 15 -2.61 -4.75 6.10
N SER A 16 -3.36 -5.82 5.87
CA SER A 16 -2.79 -7.09 5.45
C SER A 16 -3.17 -7.41 4.00
N VAL A 17 -2.44 -8.32 3.39
CA VAL A 17 -2.71 -8.72 2.00
C VAL A 17 -3.25 -10.14 1.93
N THR A 18 -4.31 -10.32 1.14
CA THR A 18 -4.93 -11.64 0.99
C THR A 18 -5.04 -12.02 -0.48
N ASP A 19 -5.11 -13.32 -0.75
CA ASP A 19 -5.21 -13.81 -2.11
C ASP A 19 -3.98 -13.46 -2.92
N VAL A 20 -2.81 -13.57 -2.29
CA VAL A 20 -1.55 -13.26 -2.95
C VAL A 20 -1.45 -13.96 -4.31
N THR A 21 -1.60 -13.20 -5.39
CA THR A 21 -1.53 -13.74 -6.73
C THR A 21 -0.08 -13.79 -7.23
N THR A 22 0.16 -14.62 -8.23
CA THR A 22 1.49 -14.75 -8.80
C THR A 22 2.12 -13.39 -9.08
N SER A 23 1.35 -12.50 -9.70
CA SER A 23 1.84 -11.16 -10.03
C SER A 23 0.83 -10.11 -9.56
N SER A 24 0.01 -10.46 -8.57
CA SER A 24 -0.98 -9.55 -8.04
C SER A 24 -1.34 -9.92 -6.60
N LEU A 25 -2.22 -9.14 -5.99
CA LEU A 25 -2.66 -9.38 -4.63
C LEU A 25 -3.78 -8.42 -4.23
N ARG A 26 -4.34 -8.64 -3.04
CA ARG A 26 -5.42 -7.79 -2.54
C ARG A 26 -5.12 -7.31 -1.12
N LEU A 27 -5.58 -6.10 -0.81
CA LEU A 27 -5.36 -5.52 0.51
C LEU A 27 -6.69 -5.34 1.25
N ASN A 28 -6.60 -5.19 2.57
CA ASN A 28 -7.79 -5.01 3.39
C ASN A 28 -7.45 -4.26 4.68
N TRP A 29 -8.07 -3.10 4.86
CA TRP A 29 -7.83 -2.28 6.04
C TRP A 29 -9.15 -1.78 6.62
N GLU A 30 -9.14 -1.44 7.91
CA GLU A 30 -10.33 -0.94 8.58
C GLU A 30 -10.17 0.54 8.95
N ALA A 31 -11.18 1.33 8.62
CA ALA A 31 -11.16 2.75 8.91
C ALA A 31 -12.54 3.26 9.33
N PRO A 32 -12.56 4.16 10.33
CA PRO A 32 -13.81 4.72 10.85
C PRO A 32 -14.47 5.67 9.85
N PRO A 33 -15.79 5.86 10.01
CA PRO A 33 -16.57 6.73 9.13
C PRO A 33 -16.24 8.20 9.33
N GLY A 34 -16.20 8.97 8.24
CA GLY A 34 -15.89 10.38 8.32
C GLY A 34 -14.47 10.63 8.81
N ALA A 35 -13.57 9.71 8.49
CA ALA A 35 -12.17 9.85 8.89
C ALA A 35 -11.28 10.18 7.71
N PHE A 36 -11.64 9.64 6.54
CA PHE A 36 -10.87 9.87 5.32
C PHE A 36 -11.79 9.89 4.10
N ASP A 37 -11.64 10.91 3.26
CA ASP A 37 -12.44 11.04 2.06
C ASP A 37 -12.05 9.99 1.02
N SER A 38 -10.75 9.70 0.96
CA SER A 38 -10.23 8.72 0.01
C SER A 38 -8.97 8.05 0.55
N PHE A 39 -8.45 7.09 -0.22
CA PHE A 39 -7.25 6.37 0.18
C PHE A 39 -6.27 6.25 -0.98
N LEU A 40 -5.09 6.84 -0.83
CA LEU A 40 -4.07 6.78 -1.86
C LEU A 40 -2.98 5.78 -1.52
N LEU A 41 -3.00 4.64 -2.20
CA LEU A 41 -2.00 3.59 -1.96
C LEU A 41 -0.83 3.72 -2.93
N ARG A 42 0.38 3.74 -2.39
CA ARG A 42 1.58 3.86 -3.21
C ARG A 42 2.46 2.61 -3.07
N PHE A 43 2.63 1.88 -4.16
CA PHE A 43 3.44 0.67 -4.16
C PHE A 43 4.70 0.86 -4.99
N GLY A 44 5.86 0.71 -4.33
CA GLY A 44 7.12 0.88 -5.02
C GLY A 44 8.06 -0.29 -4.80
N VAL A 45 9.08 -0.41 -5.66
CA VAL A 45 10.04 -1.49 -5.55
C VAL A 45 11.15 -1.15 -4.55
N PRO A 46 11.15 -1.85 -3.40
CA PRO A 46 12.15 -1.63 -2.35
C PRO A 46 13.53 -2.11 -2.76
N SER A 47 14.45 -1.17 -2.98
CA SER A 47 15.81 -1.50 -3.38
C SER A 47 16.80 -1.11 -2.29
N PRO A 48 17.85 -1.93 -2.12
CA PRO A 48 18.89 -1.69 -1.12
C PRO A 48 19.77 -0.50 -1.46
N SER A 49 20.34 0.13 -0.44
CA SER A 49 21.20 1.29 -0.63
C SER A 49 22.67 0.87 -0.76
N THR A 50 23.02 -0.25 -0.14
CA THR A 50 24.38 -0.76 -0.17
C THR A 50 24.77 -1.15 -1.59
N LEU A 51 23.80 -1.61 -2.37
CA LEU A 51 24.04 -2.04 -3.74
C LEU A 51 23.86 -0.86 -4.70
N GLU A 52 24.28 -1.06 -5.95
CA GLU A 52 24.16 -0.01 -6.97
C GLU A 52 22.79 -0.06 -7.63
N PRO A 53 22.24 1.13 -7.94
CA PRO A 53 20.93 1.25 -8.58
C PRO A 53 20.94 0.77 -10.03
N HIS A 54 19.75 0.48 -10.55
CA HIS A 54 19.63 0.01 -11.93
C HIS A 54 19.36 1.17 -12.87
N PRO A 55 20.03 1.15 -14.04
CA PRO A 55 19.88 2.20 -15.05
C PRO A 55 18.52 2.16 -15.73
N ARG A 56 17.70 1.17 -15.35
CA ARG A 56 16.38 1.02 -15.93
C ARG A 56 15.34 1.80 -15.12
N PRO A 57 14.54 2.61 -15.83
CA PRO A 57 13.50 3.43 -15.21
C PRO A 57 12.33 2.59 -14.67
N LEU A 58 11.85 2.94 -13.48
CA LEU A 58 10.74 2.21 -12.87
C LEU A 58 9.55 3.13 -12.67
N LEU A 59 8.53 2.96 -13.51
CA LEU A 59 7.32 3.77 -13.43
C LEU A 59 6.54 3.45 -12.15
N GLN A 60 6.09 4.49 -11.47
CA GLN A 60 5.33 4.32 -10.23
C GLN A 60 3.83 4.44 -10.50
N ARG A 61 3.03 3.94 -9.56
CA ARG A 61 1.58 4.00 -9.69
C ARG A 61 0.92 4.10 -8.32
N GLU A 62 -0.40 4.32 -8.32
CA GLU A 62 -1.16 4.44 -7.08
C GLU A 62 -2.63 4.13 -7.31
N LEU A 63 -3.31 3.70 -6.25
CA LEU A 63 -4.73 3.36 -6.34
C LEU A 63 -5.58 4.47 -5.70
N MET A 64 -6.83 4.55 -6.14
CA MET A 64 -7.76 5.54 -5.61
C MET A 64 -9.05 4.89 -5.11
N VAL A 65 -9.22 4.87 -3.80
CA VAL A 65 -10.41 4.27 -3.20
C VAL A 65 -10.97 5.16 -2.09
N PRO A 66 -12.30 5.32 -2.08
CA PRO A 66 -12.98 6.14 -1.08
C PRO A 66 -12.95 5.52 0.31
N GLY A 67 -13.02 6.37 1.33
CA GLY A 67 -13.00 5.89 2.70
C GLY A 67 -13.95 4.74 2.93
N THR A 68 -15.16 4.86 2.39
CA THR A 68 -16.18 3.82 2.54
C THR A 68 -15.66 2.48 2.05
N ARG A 69 -14.68 2.51 1.15
CA ARG A 69 -14.10 1.30 0.59
C ARG A 69 -12.65 1.14 1.02
N HIS A 70 -12.33 0.00 1.62
CA HIS A 70 -10.97 -0.28 2.08
C HIS A 70 -10.40 -1.51 1.38
N SER A 71 -10.16 -1.36 0.07
CA SER A 71 -9.61 -2.46 -0.72
C SER A 71 -8.62 -1.94 -1.75
N ALA A 72 -7.63 -2.76 -2.08
CA ALA A 72 -6.62 -2.39 -3.05
C ALA A 72 -6.02 -3.61 -3.73
N VAL A 73 -6.04 -3.63 -5.06
CA VAL A 73 -5.50 -4.74 -5.82
C VAL A 73 -4.47 -4.27 -6.84
N LEU A 74 -3.24 -4.77 -6.71
CA LEU A 74 -2.16 -4.39 -7.62
C LEU A 74 -1.88 -5.52 -8.62
N ARG A 75 -1.62 -5.13 -9.86
CA ARG A 75 -1.34 -6.09 -10.92
C ARG A 75 0.00 -5.80 -11.59
N ASP A 76 0.42 -6.69 -12.48
CA ASP A 76 1.68 -6.52 -13.19
C ASP A 76 2.84 -6.41 -12.22
N LEU A 77 2.85 -7.29 -11.22
CA LEU A 77 3.90 -7.30 -10.21
C LEU A 77 5.01 -8.28 -10.58
N ARG A 78 5.98 -8.44 -9.69
CA ARG A 78 7.08 -9.37 -9.92
C ARG A 78 6.78 -10.74 -9.34
N SER A 79 7.73 -11.67 -9.49
CA SER A 79 7.56 -13.02 -8.98
C SER A 79 8.30 -13.21 -7.66
N GLY A 80 7.59 -13.76 -6.67
CA GLY A 80 8.19 -13.98 -5.37
C GLY A 80 9.05 -12.82 -4.92
N THR A 81 8.47 -11.63 -4.88
CA THR A 81 9.20 -10.43 -4.48
C THR A 81 8.44 -9.65 -3.42
N LEU A 82 9.16 -9.06 -2.48
CA LEU A 82 8.55 -8.27 -1.41
C LEU A 82 8.32 -6.83 -1.86
N TYR A 83 7.07 -6.41 -1.86
CA TYR A 83 6.72 -5.05 -2.26
C TYR A 83 6.37 -4.20 -1.04
N SER A 84 6.76 -2.92 -1.10
CA SER A 84 6.49 -2.00 0.00
C SER A 84 5.31 -1.10 -0.32
N LEU A 85 4.19 -1.35 0.35
CA LEU A 85 2.97 -0.56 0.14
C LEU A 85 2.82 0.50 1.23
N THR A 86 2.17 1.61 0.86
CA THR A 86 1.95 2.71 1.80
C THR A 86 0.63 3.41 1.52
N LEU A 87 -0.35 3.16 2.39
CA LEU A 87 -1.67 3.76 2.24
C LEU A 87 -1.72 5.13 2.91
N TYR A 88 -2.52 6.04 2.36
CA TYR A 88 -2.66 7.38 2.90
C TYR A 88 -4.12 7.75 3.10
N GLY A 89 -4.48 8.13 4.32
CA GLY A 89 -5.85 8.49 4.62
C GLY A 89 -6.13 9.95 4.31
N LEU A 90 -6.42 10.24 3.04
CA LEU A 90 -6.71 11.60 2.62
C LEU A 90 -7.93 12.15 3.35
N ARG A 91 -7.69 13.10 4.26
CA ARG A 91 -8.77 13.70 5.02
C ARG A 91 -9.28 14.97 4.34
N GLY A 92 -8.97 15.11 3.06
CA GLY A 92 -9.40 16.28 2.31
C GLY A 92 -8.27 16.90 1.51
N PRO A 93 -7.73 18.02 2.01
CA PRO A 93 -6.64 18.74 1.34
C PRO A 93 -5.33 17.97 1.40
N HIS A 94 -4.94 17.53 2.60
CA HIS A 94 -3.71 16.79 2.78
C HIS A 94 -3.98 15.47 3.50
N LYS A 95 -3.06 14.52 3.35
CA LYS A 95 -3.20 13.22 3.98
C LYS A 95 -3.23 13.35 5.50
N ALA A 96 -4.09 12.57 6.14
CA ALA A 96 -4.21 12.60 7.59
C ALA A 96 -3.32 11.55 8.24
N ASP A 97 -3.51 10.30 7.85
CA ASP A 97 -2.73 9.20 8.39
C ASP A 97 -2.15 8.34 7.26
N SER A 98 -1.35 7.34 7.64
CA SER A 98 -0.73 6.45 6.67
C SER A 98 -0.30 5.14 7.32
N ILE A 99 -0.21 4.09 6.52
CA ILE A 99 0.19 2.78 7.03
C ILE A 99 1.12 2.07 6.04
N GLN A 100 2.00 1.22 6.57
CA GLN A 100 2.95 0.49 5.74
C GLN A 100 2.60 -1.00 5.71
N GLY A 101 2.24 -1.50 4.54
CA GLY A 101 1.91 -2.91 4.42
C GLY A 101 2.86 -3.65 3.49
N THR A 102 3.39 -4.76 3.98
CA THR A 102 4.32 -5.57 3.19
C THR A 102 3.64 -6.85 2.69
N ALA A 103 3.94 -7.21 1.45
CA ALA A 103 3.37 -8.41 0.85
C ALA A 103 4.29 -8.97 -0.24
N ARG A 104 4.59 -10.27 -0.13
CA ARG A 104 5.45 -10.92 -1.11
C ARG A 104 4.63 -11.79 -2.07
N THR A 105 4.66 -11.42 -3.35
CA THR A 105 3.92 -12.16 -4.37
C THR A 105 4.38 -13.61 -4.42
N LEU A 106 3.72 -14.39 -5.27
CA LEU A 106 4.05 -15.80 -5.43
C LEU A 106 4.93 -16.02 -6.67
N SER A 107 5.62 -17.16 -6.70
CA SER A 107 6.47 -17.49 -7.83
C SER A 107 5.70 -18.22 -8.92
N GLY A 108 4.66 -18.94 -8.51
CA GLY A 108 3.86 -19.68 -9.46
C GLY A 108 4.56 -20.92 -9.99
N PRO A 109 3.92 -22.09 -9.82
CA PRO A 109 4.47 -23.36 -10.27
C PRO A 109 4.50 -23.49 -11.79
N SER A 110 3.57 -22.79 -12.45
CA SER A 110 3.49 -22.81 -13.90
C SER A 110 4.86 -22.65 -14.53
N SER A 111 5.21 -23.59 -15.40
CA SER A 111 6.51 -23.55 -16.08
C SER A 111 6.42 -22.78 -17.39
N GLY A 112 7.51 -22.13 -17.77
CA GLY A 112 7.54 -21.37 -19.00
C GLY A 112 6.71 -22.02 -20.10
N GLY A 1 10.83 8.11 12.38
CA GLY A 1 12.16 8.14 12.97
C GLY A 1 12.36 9.35 13.87
N SER A 2 12.36 10.53 13.27
CA SER A 2 12.56 11.77 14.03
C SER A 2 11.47 12.78 13.70
N SER A 3 10.23 12.31 13.61
CA SER A 3 9.09 13.16 13.30
C SER A 3 7.81 12.62 13.94
N GLY A 4 6.72 13.37 13.79
CA GLY A 4 5.45 12.96 14.35
C GLY A 4 4.46 14.09 14.44
N SER A 5 3.90 14.48 13.29
CA SER A 5 2.93 15.56 13.24
C SER A 5 1.57 15.10 13.74
N SER A 6 1.21 15.55 14.94
CA SER A 6 -0.07 15.18 15.54
C SER A 6 -1.23 15.88 14.84
N GLY A 7 -2.45 15.59 15.27
CA GLY A 7 -3.63 16.19 14.68
C GLY A 7 -4.64 15.17 14.22
N SER A 8 -4.22 14.24 13.36
CA SER A 8 -5.10 13.21 12.84
C SER A 8 -5.54 12.26 13.95
N ARG A 9 -6.76 12.48 14.46
CA ARG A 9 -7.30 11.65 15.53
C ARG A 9 -7.48 10.20 15.05
N PRO A 10 -8.31 10.02 14.02
CA PRO A 10 -8.58 8.70 13.45
C PRO A 10 -7.38 8.12 12.72
N ARG A 11 -7.17 6.81 12.87
CA ARG A 11 -6.06 6.13 12.23
C ARG A 11 -6.54 4.91 11.46
N LEU A 12 -5.60 4.22 10.81
CA LEU A 12 -5.93 3.04 10.02
C LEU A 12 -5.65 1.76 10.82
N SER A 13 -6.25 0.66 10.38
CA SER A 13 -6.06 -0.62 11.05
C SER A 13 -4.94 -1.43 10.40
N GLN A 14 -4.68 -2.61 10.94
CA GLN A 14 -3.63 -3.47 10.41
C GLN A 14 -3.89 -3.81 8.94
N LEU A 15 -3.06 -3.26 8.05
CA LEU A 15 -3.21 -3.50 6.62
C LEU A 15 -2.58 -4.84 6.23
N SER A 16 -3.42 -5.83 5.98
CA SER A 16 -2.95 -7.15 5.60
C SER A 16 -3.21 -7.42 4.12
N VAL A 17 -2.56 -8.44 3.58
CA VAL A 17 -2.71 -8.80 2.18
C VAL A 17 -3.37 -10.17 2.03
N THR A 18 -4.37 -10.26 1.15
CA THR A 18 -5.07 -11.51 0.92
C THR A 18 -5.09 -11.86 -0.58
N ASP A 19 -5.26 -13.14 -0.87
CA ASP A 19 -5.30 -13.61 -2.25
C ASP A 19 -4.00 -13.27 -2.98
N VAL A 20 -2.89 -13.38 -2.27
CA VAL A 20 -1.58 -13.08 -2.84
C VAL A 20 -1.39 -13.81 -4.17
N THR A 21 -1.53 -13.06 -5.26
CA THR A 21 -1.37 -13.62 -6.60
C THR A 21 0.09 -13.62 -7.02
N THR A 22 0.41 -14.44 -8.03
CA THR A 22 1.77 -14.54 -8.53
C THR A 22 2.34 -13.16 -8.86
N SER A 23 1.53 -12.33 -9.53
CA SER A 23 1.95 -11.00 -9.91
C SER A 23 0.92 -9.96 -9.45
N SER A 24 0.10 -10.33 -8.49
CA SER A 24 -0.93 -9.44 -7.97
C SER A 24 -1.31 -9.82 -6.54
N LEU A 25 -2.20 -9.04 -5.95
CA LEU A 25 -2.65 -9.29 -4.58
C LEU A 25 -3.76 -8.33 -4.18
N ARG A 26 -4.32 -8.54 -2.99
CA ARG A 26 -5.39 -7.68 -2.49
C ARG A 26 -5.10 -7.21 -1.08
N LEU A 27 -5.53 -5.99 -0.76
CA LEU A 27 -5.32 -5.42 0.57
C LEU A 27 -6.64 -5.24 1.31
N ASN A 28 -6.57 -5.08 2.62
CA ASN A 28 -7.75 -4.89 3.44
C ASN A 28 -7.41 -4.15 4.73
N TRP A 29 -8.00 -2.97 4.89
CA TRP A 29 -7.76 -2.16 6.08
C TRP A 29 -9.08 -1.65 6.67
N GLU A 30 -9.13 -1.56 7.99
CA GLU A 30 -10.34 -1.08 8.67
C GLU A 30 -10.19 0.37 9.09
N ALA A 31 -11.24 1.15 8.85
CA ALA A 31 -11.22 2.58 9.19
C ALA A 31 -12.61 3.04 9.63
N PRO A 32 -12.64 3.98 10.59
CA PRO A 32 -13.90 4.53 11.11
C PRO A 32 -14.61 5.42 10.09
N PRO A 33 -15.92 5.60 10.27
CA PRO A 33 -16.74 6.42 9.38
C PRO A 33 -16.43 7.90 9.51
N GLY A 34 -16.17 8.56 8.39
CA GLY A 34 -15.86 9.97 8.40
C GLY A 34 -14.45 10.25 8.85
N ALA A 35 -13.53 9.34 8.53
CA ALA A 35 -12.13 9.50 8.91
C ALA A 35 -11.32 10.09 7.76
N PHE A 36 -11.55 9.59 6.55
CA PHE A 36 -10.84 10.07 5.38
C PHE A 36 -11.75 10.09 4.16
N ASP A 37 -11.51 11.04 3.27
CA ASP A 37 -12.31 11.18 2.05
C ASP A 37 -11.92 10.10 1.03
N SER A 38 -10.64 9.77 1.00
CA SER A 38 -10.14 8.77 0.06
C SER A 38 -8.89 8.08 0.61
N PHE A 39 -8.35 7.15 -0.16
CA PHE A 39 -7.15 6.42 0.25
C PHE A 39 -6.17 6.29 -0.91
N LEU A 40 -4.99 6.89 -0.74
CA LEU A 40 -3.97 6.84 -1.77
C LEU A 40 -2.87 5.82 -1.42
N LEU A 41 -2.92 4.66 -2.07
CA LEU A 41 -1.94 3.61 -1.82
C LEU A 41 -0.76 3.73 -2.79
N ARG A 42 0.45 3.76 -2.23
CA ARG A 42 1.65 3.87 -3.05
C ARG A 42 2.49 2.59 -2.95
N PHE A 43 2.59 1.88 -4.07
CA PHE A 43 3.35 0.64 -4.11
C PHE A 43 4.56 0.78 -5.05
N GLY A 44 5.75 0.71 -4.47
CA GLY A 44 6.96 0.84 -5.25
C GLY A 44 7.94 -0.28 -4.98
N VAL A 45 8.91 -0.47 -5.88
CA VAL A 45 9.91 -1.50 -5.73
C VAL A 45 11.03 -1.05 -4.79
N PRO A 46 11.09 -1.69 -3.61
CA PRO A 46 12.11 -1.37 -2.61
C PRO A 46 13.51 -1.81 -3.03
N SER A 47 14.38 -0.85 -3.30
CA SER A 47 15.74 -1.13 -3.72
C SER A 47 16.72 -0.94 -2.57
N PRO A 48 17.70 -1.84 -2.46
CA PRO A 48 18.72 -1.79 -1.40
C PRO A 48 19.68 -0.62 -1.59
N SER A 49 20.05 0.02 -0.49
CA SER A 49 20.96 1.15 -0.53
C SER A 49 22.41 0.68 -0.63
N THR A 50 22.66 -0.54 -0.17
CA THR A 50 24.01 -1.12 -0.21
C THR A 50 24.45 -1.39 -1.65
N LEU A 51 23.48 -1.59 -2.53
CA LEU A 51 23.77 -1.85 -3.94
C LEU A 51 23.92 -0.55 -4.72
N GLU A 52 24.53 -0.64 -5.90
CA GLU A 52 24.73 0.52 -6.75
C GLU A 52 23.48 0.85 -7.56
N PRO A 53 23.21 2.14 -7.75
CA PRO A 53 22.04 2.61 -8.50
C PRO A 53 22.16 2.31 -9.99
N HIS A 54 21.02 2.18 -10.66
CA HIS A 54 21.01 1.89 -12.09
C HIS A 54 20.29 3.01 -12.85
N PRO A 55 20.78 3.30 -14.08
CA PRO A 55 20.20 4.34 -14.93
C PRO A 55 18.83 3.96 -15.45
N ARG A 56 18.33 2.81 -15.03
CA ARG A 56 17.01 2.33 -15.46
C ARG A 56 15.90 3.06 -14.71
N PRO A 57 15.05 3.76 -15.46
CA PRO A 57 13.93 4.52 -14.89
C PRO A 57 12.84 3.61 -14.33
N LEU A 58 12.43 3.88 -13.10
CA LEU A 58 11.40 3.09 -12.43
C LEU A 58 10.16 3.94 -12.15
N LEU A 59 9.10 3.70 -12.92
CA LEU A 59 7.85 4.44 -12.75
C LEU A 59 7.03 3.85 -11.61
N GLN A 60 6.42 4.73 -10.81
CA GLN A 60 5.59 4.29 -9.69
C GLN A 60 4.12 4.59 -9.94
N ARG A 61 3.24 3.83 -9.30
CA ARG A 61 1.81 4.01 -9.46
C ARG A 61 1.10 3.92 -8.11
N GLU A 62 -0.10 4.48 -8.04
CA GLU A 62 -0.89 4.46 -6.82
C GLU A 62 -2.37 4.21 -7.11
N LEU A 63 -3.09 3.69 -6.12
CA LEU A 63 -4.51 3.40 -6.28
C LEU A 63 -5.36 4.46 -5.57
N MET A 64 -6.56 4.67 -6.08
CA MET A 64 -7.48 5.65 -5.50
C MET A 64 -8.77 4.99 -5.05
N VAL A 65 -9.01 4.96 -3.75
CA VAL A 65 -10.21 4.36 -3.20
C VAL A 65 -10.81 5.24 -2.10
N PRO A 66 -12.14 5.40 -2.12
CA PRO A 66 -12.86 6.21 -1.14
C PRO A 66 -12.87 5.57 0.24
N GLY A 67 -12.96 6.41 1.28
CA GLY A 67 -12.98 5.90 2.64
C GLY A 67 -13.93 4.74 2.82
N THR A 68 -15.14 4.87 2.29
CA THR A 68 -16.14 3.82 2.39
C THR A 68 -15.60 2.49 1.90
N ARG A 69 -14.61 2.55 1.01
CA ARG A 69 -14.00 1.35 0.45
C ARG A 69 -12.55 1.20 0.92
N HIS A 70 -12.25 0.08 1.55
CA HIS A 70 -10.90 -0.18 2.04
C HIS A 70 -10.29 -1.40 1.37
N SER A 71 -10.03 -1.29 0.07
CA SER A 71 -9.46 -2.38 -0.71
C SER A 71 -8.45 -1.86 -1.72
N ALA A 72 -7.51 -2.72 -2.11
CA ALA A 72 -6.50 -2.34 -3.08
C ALA A 72 -5.91 -3.57 -3.76
N VAL A 73 -5.99 -3.61 -5.09
CA VAL A 73 -5.48 -4.74 -5.86
C VAL A 73 -4.44 -4.27 -6.88
N LEU A 74 -3.19 -4.70 -6.68
CA LEU A 74 -2.11 -4.33 -7.57
C LEU A 74 -1.88 -5.40 -8.63
N ARG A 75 -1.66 -4.97 -9.86
CA ARG A 75 -1.43 -5.90 -10.97
C ARG A 75 -0.12 -5.56 -11.70
N ASP A 76 0.34 -6.49 -12.51
CA ASP A 76 1.57 -6.30 -13.27
C ASP A 76 2.78 -6.29 -12.34
N LEU A 77 2.73 -7.12 -11.30
CA LEU A 77 3.82 -7.20 -10.33
C LEU A 77 4.83 -8.28 -10.73
N ARG A 78 5.85 -8.47 -9.90
CA ARG A 78 6.87 -9.46 -10.17
C ARG A 78 6.54 -10.78 -9.47
N SER A 79 7.36 -11.80 -9.74
CA SER A 79 7.15 -13.11 -9.14
C SER A 79 7.97 -13.27 -7.86
N GLY A 80 7.35 -13.87 -6.84
CA GLY A 80 8.05 -14.08 -5.58
C GLY A 80 8.94 -12.91 -5.22
N THR A 81 8.35 -11.72 -5.12
CA THR A 81 9.11 -10.52 -4.78
C THR A 81 8.44 -9.76 -3.64
N LEU A 82 9.24 -8.99 -2.91
CA LEU A 82 8.73 -8.21 -1.78
C LEU A 82 8.41 -6.78 -2.20
N TYR A 83 7.17 -6.37 -2.00
CA TYR A 83 6.74 -5.02 -2.37
C TYR A 83 6.45 -4.19 -1.12
N SER A 84 6.64 -2.87 -1.23
CA SER A 84 6.40 -1.98 -0.12
C SER A 84 5.11 -1.17 -0.34
N LEU A 85 4.06 -1.54 0.38
CA LEU A 85 2.78 -0.86 0.27
C LEU A 85 2.62 0.19 1.37
N THR A 86 1.94 1.29 1.03
CA THR A 86 1.72 2.37 1.99
C THR A 86 0.44 3.14 1.67
N LEU A 87 -0.56 3.02 2.53
CA LEU A 87 -1.83 3.70 2.34
C LEU A 87 -1.80 5.09 2.96
N TYR A 88 -2.56 6.01 2.37
CA TYR A 88 -2.63 7.37 2.88
C TYR A 88 -4.07 7.83 3.03
N GLY A 89 -4.51 8.02 4.28
CA GLY A 89 -5.86 8.46 4.53
C GLY A 89 -6.09 9.92 4.16
N LEU A 90 -6.37 10.15 2.89
CA LEU A 90 -6.61 11.51 2.40
C LEU A 90 -7.90 12.08 2.99
N ARG A 91 -7.75 13.06 3.88
CA ARG A 91 -8.90 13.69 4.51
C ARG A 91 -9.24 15.01 3.83
N GLY A 92 -8.89 15.12 2.55
CA GLY A 92 -9.17 16.34 1.81
C GLY A 92 -8.00 16.76 0.93
N PRO A 93 -7.53 18.00 1.13
CA PRO A 93 -6.41 18.54 0.36
C PRO A 93 -5.08 17.88 0.71
N HIS A 94 -4.93 17.50 1.99
CA HIS A 94 -3.71 16.86 2.45
C HIS A 94 -4.02 15.54 3.14
N LYS A 95 -3.03 14.66 3.21
CA LYS A 95 -3.21 13.36 3.84
C LYS A 95 -3.31 13.50 5.36
N ALA A 96 -4.15 12.67 5.96
CA ALA A 96 -4.35 12.70 7.41
C ALA A 96 -3.55 11.59 8.09
N ASP A 97 -3.81 10.35 7.69
CA ASP A 97 -3.11 9.20 8.26
C ASP A 97 -2.40 8.40 7.17
N SER A 98 -1.58 7.45 7.60
CA SER A 98 -0.83 6.61 6.66
C SER A 98 -0.37 5.32 7.33
N ILE A 99 -0.45 4.22 6.59
CA ILE A 99 -0.04 2.92 7.11
C ILE A 99 1.00 2.27 6.21
N GLN A 100 1.61 1.20 6.70
CA GLN A 100 2.63 0.49 5.94
C GLN A 100 2.36 -1.01 5.94
N GLY A 101 2.07 -1.55 4.75
CA GLY A 101 1.78 -2.96 4.63
C GLY A 101 2.72 -3.67 3.66
N THR A 102 3.42 -4.69 4.16
CA THR A 102 4.35 -5.44 3.34
C THR A 102 3.76 -6.78 2.90
N ALA A 103 4.12 -7.22 1.70
CA ALA A 103 3.62 -8.48 1.18
C ALA A 103 4.54 -9.03 0.09
N ARG A 104 4.60 -10.34 -0.02
CA ARG A 104 5.44 -10.98 -1.03
C ARG A 104 4.59 -11.81 -1.99
N THR A 105 4.64 -11.44 -3.28
CA THR A 105 3.89 -12.14 -4.30
C THR A 105 4.28 -13.62 -4.38
N LEU A 106 3.59 -14.37 -5.22
CA LEU A 106 3.88 -15.79 -5.38
C LEU A 106 4.68 -16.04 -6.66
N SER A 107 5.40 -17.16 -6.69
CA SER A 107 6.21 -17.52 -7.85
C SER A 107 5.36 -18.20 -8.91
N GLY A 108 4.43 -19.05 -8.46
CA GLY A 108 3.56 -19.76 -9.39
C GLY A 108 3.60 -21.26 -9.18
N PRO A 109 3.20 -22.01 -10.22
CA PRO A 109 3.19 -23.47 -10.19
C PRO A 109 4.58 -24.07 -10.15
N SER A 110 4.66 -25.38 -9.91
CA SER A 110 5.94 -26.07 -9.85
C SER A 110 6.38 -26.51 -11.25
N SER A 111 7.67 -26.35 -11.53
CA SER A 111 8.22 -26.72 -12.83
C SER A 111 7.80 -28.14 -13.20
N GLY A 112 7.18 -28.28 -14.36
CA GLY A 112 6.74 -29.58 -14.83
C GLY A 112 5.23 -29.72 -14.84
#